data_6EOP
#
_entry.id   6EOP
#
_cell.length_a   162.830
_cell.length_b   246.371
_cell.length_c   261.191
_cell.angle_alpha   90.00
_cell.angle_beta   90.00
_cell.angle_gamma   90.00
#
_symmetry.space_group_name_H-M   'C 2 2 21'
#
loop_
_entity.id
_entity.type
_entity.pdbx_description
1 polymer 'Dipeptidyl peptidase 8'
2 polymer SER-LEU-ARG-PHE-LEU-TYR-GLU-GLY
3 non-polymer 'CITRATE ANION'
4 non-polymer 'CALCIUM ION'
5 non-polymer 'PENTADECANOIC ACID'
6 water water
#
loop_
_entity_poly.entity_id
_entity_poly.type
_entity_poly.pdbx_seq_one_letter_code
_entity_poly.pdbx_strand_id
1 'polypeptide(L)'
;MWKRSEQMKIKSGKCNMAAAMETEQLGVEIFETADCEENIESQDRPKLEPFYVERYSWSQLKKLLADTRKYHGYMMAKAP
HDFMFVKRNDPDGPHSDRIYYLAMSGENRENTLFYSEIPKTINRAAVLMLSWKPLLDLFQATLDYGMYSREEELLRERKR
IGTVGIASYDYHQGSGTFLFQAGSGIYHVKDGGPQGFTQQPLRPNLVETSCPNIRMDPKLCPADPDWIAFIHSNDIWISN
IVTREERRLTYVHNELANMEEDARSAGVATFVLQEEFDRYSGYWWCPKAETTPSGGKILRILYEENDESEVEIIHVTSPM
LETRRADSFRYPKTGTANPKVTFKMSEIMIDAEGRIIDVIDKELIQPFEILFEGVEYIARAGWTPEGKYAWSILLDRSQT
RLQIVLISPELFIPVEDDVMERQRLIESVPDSVTPLIIYEETTDIWINIHDIFHVFPQSHEEEIEFIFASECKTGFRHLY
KITSILKESKYKRSSGGLPAPSDFKCPIKEEIAITSGEWEVLGRHGSNIQVDEVRRLVYFEGTKDSPLEHHLYVVSYVNP
GEVTRLTDRGYSHSCCISQHCDFFISKYSNQKNPHCVSLYKLSSPEDDPTCKTKEFWATILDSAGPLPDYTPPEIFSFES
TTGFTLYGMLYKPHDLQPGKKYPTVLFIYGGPQVQLVNNRFKGVKYFRLNTLASLGYVVVVIDNRGS(CME)HRGLKFEG
AFKYKMGQIEIDDQVEGLQYLASRYDFIDLDRVGIHGWSYGGYLSLMALMQRSDIFRVAIAGAPVTLWIFYDTGYTERYM
GHPDQNEQGYYLGSVAMQAEKFPSEPNRLLLLHGFLDENVHFAHTSILLSFLVRAGKPYDLQIYPQERHSIRVPESGEHY
ELHLLHYLQENLGSRIAALKVI
;
A,B,C
2 'polypeptide(L)' SLRFLYEG D,E,F
#
loop_
_chem_comp.id
_chem_comp.type
_chem_comp.name
_chem_comp.formula
CA non-polymer 'CALCIUM ION' 'Ca 2'
F15 non-polymer 'PENTADECANOIC ACID' 'C15 H30 O2'
FLC non-polymer 'CITRATE ANION' 'C6 H5 O7 -3'
#
# COMPACT_ATOMS: atom_id res chain seq x y z
N LEU A 48 -16.77 23.97 67.85
CA LEU A 48 -16.35 23.36 66.54
C LEU A 48 -17.55 22.76 65.79
N GLU A 49 -17.98 23.45 64.74
CA GLU A 49 -19.10 22.99 63.89
C GLU A 49 -18.60 22.34 62.60
N PRO A 50 -19.41 21.45 62.01
CA PRO A 50 -18.94 20.69 60.84
C PRO A 50 -18.95 21.49 59.54
N PHE A 51 -17.86 21.43 58.79
CA PHE A 51 -17.84 21.91 57.41
C PHE A 51 -18.47 20.85 56.52
N TYR A 52 -19.40 21.28 55.68
CA TYR A 52 -20.04 20.42 54.68
C TYR A 52 -19.61 20.88 53.29
N VAL A 53 -19.10 19.94 52.47
CA VAL A 53 -18.54 20.29 51.16
C VAL A 53 -19.63 20.78 50.21
N GLU A 54 -19.24 21.60 49.24
CA GLU A 54 -20.15 22.10 48.21
C GLU A 54 -20.73 20.90 47.46
N ARG A 55 -22.06 20.86 47.37
CA ARG A 55 -22.77 19.74 46.75
C ARG A 55 -23.01 20.02 45.27
N TYR A 56 -22.07 19.56 44.44
CA TYR A 56 -22.16 19.68 42.98
C TYR A 56 -22.91 18.50 42.36
N SER A 57 -23.47 18.73 41.18
CA SER A 57 -24.08 17.66 40.40
C SER A 57 -23.02 16.78 39.77
N TRP A 58 -23.46 15.65 39.22
CA TRP A 58 -22.59 14.72 38.48
C TRP A 58 -21.92 15.42 37.30
N SER A 59 -22.71 16.17 36.52
CA SER A 59 -22.18 16.95 35.38
C SER A 59 -21.19 18.05 35.79
N GLN A 60 -21.45 18.70 36.92
CA GLN A 60 -20.57 19.75 37.44
C GLN A 60 -19.24 19.21 37.95
N LEU A 61 -19.28 18.07 38.64
CA LEU A 61 -18.05 17.38 39.08
C LEU A 61 -17.21 16.88 37.90
N LYS A 62 -17.88 16.42 36.84
CA LYS A 62 -17.20 16.03 35.59
C LYS A 62 -16.48 17.21 34.96
N LYS A 63 -17.13 18.37 34.96
CA LYS A 63 -16.53 19.62 34.47
C LYS A 63 -15.32 20.02 35.31
N LEU A 64 -15.50 20.04 36.63
CA LEU A 64 -14.43 20.36 37.58
C LEU A 64 -13.20 19.49 37.37
N LEU A 65 -13.42 18.18 37.30
CA LEU A 65 -12.33 17.22 37.11
C LEU A 65 -11.64 17.36 35.75
N ALA A 66 -12.43 17.59 34.70
CA ALA A 66 -11.91 17.80 33.34
C ALA A 66 -11.03 19.04 33.23
N ASP A 67 -11.50 20.15 33.81
CA ASP A 67 -10.76 21.41 33.84
C ASP A 67 -9.41 21.26 34.53
N THR A 68 -9.42 20.67 35.74
CA THR A 68 -8.21 20.44 36.52
C THR A 68 -7.25 19.40 35.90
N ARG A 69 -7.78 18.46 35.13
CA ARG A 69 -6.96 17.50 34.37
C ARG A 69 -6.26 18.15 33.17
N LYS A 70 -6.83 19.24 32.66
CA LYS A 70 -6.36 19.91 31.44
C LYS A 70 -4.94 20.49 31.53
N TYR A 71 -4.52 20.88 32.73
CA TYR A 71 -3.15 21.40 32.98
C TYR A 71 -2.22 20.35 33.64
N HIS A 72 -2.39 19.09 33.26
CA HIS A 72 -1.52 17.98 33.73
C HIS A 72 -1.22 16.95 32.62
N GLY A 73 -1.12 17.44 31.39
CA GLY A 73 -0.66 16.64 30.25
C GLY A 73 0.86 16.63 30.18
N TYR A 74 1.44 17.82 30.33
CA TYR A 74 2.90 17.99 30.36
C TYR A 74 3.59 17.41 31.60
N MET A 75 2.85 17.36 32.73
CA MET A 75 3.35 16.72 33.96
C MET A 75 3.48 15.21 33.78
N MET A 76 2.43 14.59 33.24
CA MET A 76 2.41 13.14 32.96
C MET A 76 3.18 12.84 31.67
N ALA A 77 4.50 12.86 31.78
CA ALA A 77 5.43 12.59 30.68
C ALA A 77 6.69 11.95 31.25
N LYS A 78 7.18 10.89 30.61
CA LYS A 78 8.31 10.12 31.14
C LYS A 78 9.62 10.91 31.09
N ALA A 79 10.27 10.98 32.24
CA ALA A 79 11.62 11.55 32.34
C ALA A 79 12.60 10.65 31.58
N PRO A 80 13.71 11.22 31.09
CA PRO A 80 14.76 10.41 30.50
C PRO A 80 15.25 9.29 31.42
N HIS A 81 15.46 8.11 30.85
CA HIS A 81 15.85 6.92 31.61
C HIS A 81 16.67 5.96 30.75
N ASP A 82 17.15 4.88 31.36
CA ASP A 82 18.02 3.88 30.72
C ASP A 82 19.23 4.55 30.05
N PHE A 83 19.98 5.28 30.88
CA PHE A 83 21.14 6.03 30.40
C PHE A 83 22.32 5.11 30.14
N MET A 84 23.17 5.54 29.21
CA MET A 84 24.39 4.83 28.86
C MET A 84 25.43 5.84 28.38
N PHE A 85 26.66 5.68 28.84
CA PHE A 85 27.76 6.59 28.52
C PHE A 85 28.72 5.92 27.55
N VAL A 86 29.05 6.61 26.46
CA VAL A 86 30.00 6.13 25.47
C VAL A 86 31.05 7.21 25.22
N LYS A 87 32.32 6.84 25.33
CA LYS A 87 33.43 7.77 25.17
C LYS A 87 33.67 8.11 23.71
N ARG A 88 33.93 9.39 23.43
CA ARG A 88 34.23 9.85 22.08
C ARG A 88 35.63 9.45 21.61
N ASN A 89 36.61 9.47 22.51
CA ASN A 89 38.02 9.18 22.20
C ASN A 89 38.51 10.04 21.02
N ASP A 90 38.38 11.35 21.22
CA ASP A 90 38.65 12.36 20.19
C ASP A 90 39.33 13.56 20.87
N PRO A 91 40.69 13.54 20.96
CA PRO A 91 41.46 14.62 21.61
C PRO A 91 41.19 16.03 21.08
N ASP A 92 41.03 16.18 19.76
CA ASP A 92 40.74 17.48 19.15
C ASP A 92 39.29 17.96 19.37
N GLY A 93 38.37 17.01 19.57
CA GLY A 93 36.95 17.31 19.72
C GLY A 93 36.58 17.92 21.07
N PRO A 94 35.45 18.66 21.14
CA PRO A 94 35.04 19.33 22.38
C PRO A 94 34.25 18.47 23.37
N HIS A 95 33.86 17.25 22.99
CA HIS A 95 33.04 16.37 23.83
C HIS A 95 33.82 15.16 24.32
N SER A 96 33.61 14.81 25.59
CA SER A 96 34.22 13.65 26.21
C SER A 96 33.36 12.41 26.00
N ASP A 97 32.07 12.55 26.29
CA ASP A 97 31.09 11.46 26.17
C ASP A 97 29.89 11.83 25.30
N ARG A 98 29.24 10.79 24.79
CA ARG A 98 27.87 10.86 24.30
C ARG A 98 27.03 9.98 25.21
N ILE A 99 25.91 10.52 25.69
CA ILE A 99 24.95 9.73 26.47
C ILE A 99 23.77 9.37 25.61
N TYR A 100 23.29 8.13 25.75
CA TYR A 100 22.10 7.63 25.08
C TYR A 100 21.05 7.30 26.12
N TYR A 101 19.79 7.56 25.81
CA TYR A 101 18.69 7.35 26.75
C TYR A 101 17.34 7.25 26.06
N LEU A 102 16.38 6.65 26.77
CA LEU A 102 15.00 6.58 26.32
C LEU A 102 14.23 7.72 26.96
N ALA A 103 13.40 8.39 26.17
CA ALA A 103 12.65 9.54 26.65
C ALA A 103 11.45 9.85 25.77
N MET A 104 10.57 10.67 26.34
CA MET A 104 9.33 11.11 25.71
C MET A 104 9.40 12.63 25.56
N SER A 105 9.57 13.10 24.33
CA SER A 105 9.73 14.54 24.07
C SER A 105 8.41 15.29 24.18
N ASN A 108 2.21 13.38 25.31
CA ASN A 108 1.53 12.46 24.39
C ASN A 108 2.38 11.76 23.29
N ARG A 109 3.68 12.05 23.22
CA ARG A 109 4.57 11.39 22.25
C ARG A 109 4.92 9.97 22.69
N GLU A 110 5.42 9.18 21.75
CA GLU A 110 5.95 7.85 22.04
C GLU A 110 7.36 7.91 22.65
N ASN A 111 7.72 6.86 23.37
CA ASN A 111 9.03 6.71 23.98
C ASN A 111 10.04 6.31 22.89
N THR A 112 11.15 7.05 22.79
CA THR A 112 12.19 6.74 21.77
C THR A 112 13.61 7.07 22.25
N LEU A 113 14.59 6.67 21.44
CA LEU A 113 16.00 6.86 21.75
C LEU A 113 16.48 8.26 21.37
N PHE A 114 17.16 8.91 22.33
CA PHE A 114 17.82 10.20 22.12
C PHE A 114 19.27 10.08 22.52
N TYR A 115 20.08 11.01 22.02
CA TYR A 115 21.45 11.19 22.51
C TYR A 115 21.72 12.65 22.85
N SER A 116 22.68 12.86 23.77
CA SER A 116 23.15 14.20 24.13
C SER A 116 24.68 14.19 24.23
N GLU A 117 25.28 15.35 23.99
CA GLU A 117 26.75 15.52 23.98
C GLU A 117 27.23 16.09 25.31
N ILE A 118 28.18 15.40 25.96
CA ILE A 118 28.77 15.86 27.23
C ILE A 118 30.09 16.58 26.96
N PRO A 119 30.13 17.92 27.19
CA PRO A 119 31.38 18.65 26.91
C PRO A 119 32.55 18.31 27.84
N LYS A 120 33.76 18.47 27.32
CA LYS A 120 34.99 18.33 28.11
C LYS A 120 35.12 19.45 29.15
N THR A 121 34.65 20.65 28.80
CA THR A 121 34.66 21.80 29.72
C THR A 121 33.33 22.55 29.66
N ILE A 122 33.04 23.32 30.70
CA ILE A 122 31.78 24.07 30.81
C ILE A 122 32.00 25.51 31.31
N ASN A 123 31.09 26.39 30.93
CA ASN A 123 31.02 27.74 31.48
C ASN A 123 30.29 27.66 32.82
N ARG A 124 31.05 27.70 33.91
CA ARG A 124 30.51 27.49 35.26
C ARG A 124 29.67 28.66 35.82
N ALA A 125 29.65 29.79 35.12
CA ALA A 125 28.73 30.89 35.43
C ALA A 125 27.31 30.54 35.00
N ALA A 126 27.18 30.13 33.73
CA ALA A 126 25.88 29.73 33.15
C ALA A 126 25.52 28.29 33.50
N VAL A 127 24.28 27.92 33.17
CA VAL A 127 23.76 26.57 33.35
C VAL A 127 23.54 25.95 31.96
N LEU A 128 24.27 24.87 31.67
CA LEU A 128 24.15 24.17 30.39
C LEU A 128 22.89 23.28 30.33
N MET A 129 22.01 23.56 29.38
CA MET A 129 20.87 22.70 29.05
C MET A 129 21.25 21.80 27.87
N LEU A 130 21.42 20.49 28.12
CA LEU A 130 21.75 19.55 27.05
C LEU A 130 20.57 19.38 26.12
N SER A 131 20.78 19.63 24.83
CA SER A 131 19.75 19.46 23.82
C SER A 131 19.58 17.97 23.50
N TRP A 132 18.33 17.60 23.20
CA TRP A 132 17.98 16.20 22.93
C TRP A 132 18.00 15.97 21.43
N LYS A 133 18.99 15.19 20.97
CA LYS A 133 19.13 14.82 19.56
C LYS A 133 18.43 13.47 19.33
N PRO A 134 17.49 13.38 18.37
CA PRO A 134 16.86 12.07 18.13
C PRO A 134 17.82 11.09 17.46
N LEU A 135 17.98 9.91 18.06
CA LEU A 135 18.84 8.87 17.48
C LEU A 135 18.22 8.24 16.23
N LEU A 136 16.90 8.10 16.23
CA LEU A 136 16.18 7.35 15.20
C LEU A 136 15.36 8.26 14.29
N ASP A 137 15.25 7.84 13.02
CA ASP A 137 14.37 8.46 12.05
C ASP A 137 12.95 7.91 12.28
N LEU A 138 11.98 8.45 11.55
CA LEU A 138 10.58 7.98 11.68
C LEU A 138 10.38 6.63 10.97
N PHE A 139 9.48 5.82 11.51
CA PHE A 139 9.18 4.49 10.95
C PHE A 139 8.29 4.59 9.71
N GLN A 140 8.29 3.53 8.90
CA GLN A 140 7.47 3.47 7.68
C GLN A 140 6.04 3.04 8.01
N TYR A 148 -1.65 -3.82 20.20
CA TYR A 148 -0.85 -4.81 20.92
C TYR A 148 -1.33 -6.26 20.73
N SER A 149 -0.39 -7.19 20.76
CA SER A 149 -0.68 -8.62 20.89
C SER A 149 -0.97 -8.96 22.35
N ARG A 150 -1.53 -10.14 22.58
CA ARG A 150 -1.83 -10.64 23.93
C ARG A 150 -0.59 -10.70 24.83
N GLU A 151 0.52 -11.16 24.29
CA GLU A 151 1.75 -11.34 25.08
C GLU A 151 2.44 -10.00 25.41
N GLU A 152 2.32 -9.01 24.51
CA GLU A 152 2.72 -7.61 24.82
C GLU A 152 1.83 -6.99 25.90
N GLU A 153 0.52 -7.21 25.76
CA GLU A 153 -0.48 -6.68 26.69
C GLU A 153 -0.25 -7.19 28.10
N LEU A 154 0.02 -8.50 28.23
CA LEU A 154 0.28 -9.11 29.53
C LEU A 154 1.62 -8.71 30.12
N LEU A 155 2.67 -8.67 29.30
CA LEU A 155 4.00 -8.21 29.73
C LEU A 155 3.94 -6.78 30.30
N ARG A 156 3.15 -5.92 29.65
CA ARG A 156 2.96 -4.54 30.13
C ARG A 156 2.23 -4.45 31.48
N GLU A 157 1.35 -5.40 31.76
CA GLU A 157 0.79 -5.56 33.11
C GLU A 157 1.86 -6.05 34.09
N ARG A 158 2.61 -7.08 33.70
CA ARG A 158 3.62 -7.68 34.58
C ARG A 158 4.77 -6.71 34.92
N LYS A 159 5.24 -5.95 33.93
CA LYS A 159 6.28 -4.92 34.10
C LYS A 159 5.78 -3.57 34.63
N ARG A 160 4.46 -3.40 34.72
CA ARG A 160 3.83 -2.14 35.14
C ARG A 160 4.25 -0.96 34.25
N ILE A 161 4.24 -1.19 32.94
CA ILE A 161 4.56 -0.17 31.93
C ILE A 161 3.27 0.57 31.59
N GLY A 162 3.20 1.84 31.96
CA GLY A 162 2.07 2.72 31.59
C GLY A 162 2.24 3.46 30.26
N THR A 163 3.50 3.62 29.84
CA THR A 163 3.85 4.41 28.65
C THR A 163 3.92 3.57 27.37
N VAL A 164 4.01 4.27 26.24
CA VAL A 164 3.99 3.65 24.91
C VAL A 164 5.32 3.91 24.19
N GLY A 165 5.76 2.92 23.41
CA GLY A 165 6.95 3.05 22.54
C GLY A 165 8.03 2.05 22.87
N ILE A 166 9.29 2.46 22.70
CA ILE A 166 10.45 1.61 23.04
C ILE A 166 10.60 1.53 24.56
N ALA A 167 10.47 0.32 25.10
CA ALA A 167 10.55 0.07 26.54
C ALA A 167 11.99 -0.12 27.03
N SER A 168 12.85 -0.66 26.17
CA SER A 168 14.25 -0.93 26.51
C SER A 168 15.11 -1.08 25.26
N TYR A 169 16.41 -1.23 25.47
CA TYR A 169 17.35 -1.51 24.38
C TYR A 169 18.58 -2.28 24.87
N ASP A 170 19.20 -3.02 23.95
CA ASP A 170 20.52 -3.64 24.15
C ASP A 170 21.56 -2.81 23.43
N TYR A 171 22.82 -2.99 23.81
CA TYR A 171 23.94 -2.32 23.17
C TYR A 171 25.18 -3.20 23.26
N HIS A 172 25.87 -3.36 22.13
CA HIS A 172 27.15 -4.05 22.08
C HIS A 172 28.23 -2.99 21.92
N GLN A 173 29.05 -2.80 22.96
CA GLN A 173 30.09 -1.77 23.00
C GLN A 173 31.05 -1.84 21.82
N GLY A 174 31.57 -3.04 21.56
CA GLY A 174 32.60 -3.26 20.54
C GLY A 174 32.25 -2.92 19.10
N SER A 175 30.95 -2.93 18.78
CA SER A 175 30.46 -2.64 17.42
C SER A 175 29.54 -1.41 17.32
N GLY A 176 29.01 -0.93 18.45
CA GLY A 176 28.04 0.17 18.46
C GLY A 176 26.61 -0.22 18.11
N THR A 177 26.32 -1.53 18.07
CA THR A 177 25.02 -2.02 17.62
C THR A 177 23.97 -1.89 18.72
N PHE A 178 22.93 -1.09 18.46
CA PHE A 178 21.72 -1.06 19.28
C PHE A 178 20.74 -2.12 18.79
N LEU A 179 20.05 -2.77 19.73
CA LEU A 179 18.93 -3.65 19.40
C LEU A 179 17.75 -3.30 20.29
N PHE A 180 16.57 -3.16 19.68
CA PHE A 180 15.38 -2.75 20.40
C PHE A 180 14.11 -3.16 19.66
N GLN A 181 13.06 -3.43 20.42
CA GLN A 181 11.75 -3.69 19.87
C GLN A 181 10.93 -2.40 19.85
N ALA A 182 10.14 -2.22 18.80
CA ALA A 182 9.30 -1.03 18.63
C ALA A 182 8.03 -1.46 17.89
N GLY A 183 6.96 -1.63 18.65
CA GLY A 183 5.75 -2.29 18.15
C GLY A 183 6.05 -3.77 17.95
N SER A 184 5.60 -4.32 16.82
CA SER A 184 5.88 -5.71 16.46
C SER A 184 7.32 -5.94 15.97
N GLY A 185 7.91 -4.92 15.34
CA GLY A 185 9.23 -5.04 14.74
C GLY A 185 10.39 -5.02 15.73
N ILE A 186 11.36 -5.90 15.50
CA ILE A 186 12.66 -5.84 16.14
C ILE A 186 13.56 -5.07 15.18
N TYR A 187 14.29 -4.09 15.72
CA TYR A 187 15.10 -3.17 14.92
C TYR A 187 16.51 -3.04 15.47
N HIS A 188 17.44 -2.65 14.60
CA HIS A 188 18.81 -2.31 15.00
C HIS A 188 19.34 -1.05 14.29
N VAL A 189 20.22 -0.33 14.98
CA VAL A 189 21.04 0.74 14.41
C VAL A 189 22.46 0.65 14.98
N LYS A 190 23.40 1.34 14.34
CA LYS A 190 24.79 1.40 14.80
C LYS A 190 25.18 2.83 15.14
N ASP A 191 25.78 3.02 16.31
CA ASP A 191 26.41 4.30 16.67
C ASP A 191 27.44 4.12 17.80
N GLY A 192 28.50 4.94 17.73
CA GLY A 192 29.50 5.03 18.79
C GLY A 192 30.51 3.88 18.91
N GLY A 193 30.67 3.11 17.84
CA GLY A 193 31.65 2.02 17.81
C GLY A 193 32.82 2.40 16.92
N PRO A 194 33.48 1.40 16.30
CA PRO A 194 34.50 1.64 15.26
C PRO A 194 34.01 2.51 14.10
N GLN A 195 32.72 2.43 13.77
CA GLN A 195 32.13 3.20 12.67
C GLN A 195 31.85 4.68 12.99
N GLY A 196 31.99 5.07 14.25
CA GLY A 196 31.95 6.49 14.64
C GLY A 196 30.60 6.99 15.12
N PHE A 197 30.41 8.31 15.03
CA PHE A 197 29.26 8.99 15.64
C PHE A 197 28.45 9.79 14.63
N THR A 198 27.15 9.54 14.60
CA THR A 198 26.24 10.23 13.67
C THR A 198 25.96 11.66 14.13
N GLN A 199 25.67 12.53 13.17
CA GLN A 199 25.24 13.92 13.43
C GLN A 199 23.80 14.15 12.95
N GLN A 200 23.06 13.06 12.77
CA GLN A 200 21.68 13.11 12.30
C GLN A 200 20.97 11.78 12.59
N PRO A 201 19.61 11.78 12.62
CA PRO A 201 18.88 10.56 12.95
C PRO A 201 19.19 9.38 12.02
N LEU A 202 19.31 8.19 12.61
CA LEU A 202 19.62 6.96 11.89
C LEU A 202 18.33 6.23 11.53
N ARG A 203 18.36 5.52 10.39
CA ARG A 203 17.23 4.72 9.93
C ARG A 203 17.20 3.39 10.70
N PRO A 204 16.08 3.08 11.38
CA PRO A 204 15.98 1.77 12.03
C PRO A 204 15.92 0.65 11.00
N ASN A 205 16.73 -0.37 11.18
CA ASN A 205 16.80 -1.50 10.27
C ASN A 205 16.02 -2.67 10.85
N LEU A 206 14.93 -3.05 10.18
CA LEU A 206 14.08 -4.15 10.60
C LEU A 206 14.84 -5.47 10.52
N VAL A 207 14.73 -6.28 11.56
CA VAL A 207 15.18 -7.66 11.52
C VAL A 207 14.05 -8.45 10.87
N GLU A 208 14.27 -8.89 9.64
CA GLU A 208 13.24 -9.58 8.87
C GLU A 208 13.03 -10.98 9.43
N THR A 209 11.84 -11.55 9.20
CA THR A 209 11.48 -12.85 9.76
C THR A 209 10.48 -13.59 8.89
N SER A 210 10.49 -14.91 9.00
CA SER A 210 9.44 -15.78 8.47
C SER A 210 8.45 -16.23 9.55
N CYS A 211 8.67 -15.81 10.80
CA CYS A 211 7.80 -16.16 11.91
C CYS A 211 6.47 -15.41 11.77
N PRO A 212 5.33 -16.11 11.89
CA PRO A 212 4.02 -15.46 11.72
C PRO A 212 3.59 -14.59 12.91
N ASN A 213 3.92 -15.03 14.11
CA ASN A 213 3.48 -14.37 15.34
C ASN A 213 4.49 -13.35 15.88
N ILE A 214 4.05 -12.62 16.88
CA ILE A 214 4.86 -11.62 17.58
C ILE A 214 6.16 -12.22 18.14
N ARG A 215 7.28 -11.56 17.86
CA ARG A 215 8.58 -11.91 18.43
C ARG A 215 8.80 -11.10 19.71
N MET A 216 9.09 -11.78 20.82
CA MET A 216 9.23 -11.15 22.13
C MET A 216 10.65 -11.30 22.67
N ASP A 217 11.02 -10.40 23.58
CA ASP A 217 12.26 -10.48 24.36
C ASP A 217 13.55 -10.65 23.52
N PRO A 218 13.81 -9.70 22.59
CA PRO A 218 15.02 -9.77 21.78
C PRO A 218 16.28 -9.39 22.56
N LYS A 219 17.34 -10.18 22.39
CA LYS A 219 18.64 -9.91 23.03
C LYS A 219 19.82 -10.13 22.05
N LEU A 220 20.71 -9.14 21.96
CA LEU A 220 21.97 -9.27 21.22
C LEU A 220 22.89 -10.26 21.90
N CYS A 221 23.51 -11.14 21.11
CA CYS A 221 24.58 -11.99 21.59
C CYS A 221 25.81 -11.12 21.88
N PRO A 222 26.25 -11.05 23.16
CA PRO A 222 27.45 -10.24 23.44
C PRO A 222 28.73 -10.76 22.77
N ALA A 223 28.80 -12.06 22.51
CA ALA A 223 29.93 -12.69 21.83
C ALA A 223 30.01 -12.38 20.33
N ASP A 224 28.87 -12.05 19.70
CA ASP A 224 28.80 -11.79 18.27
C ASP A 224 27.58 -10.90 17.97
N PRO A 225 27.79 -9.60 17.68
CA PRO A 225 26.66 -8.68 17.45
C PRO A 225 25.92 -8.84 16.11
N ASP A 226 26.35 -9.79 15.27
CA ASP A 226 25.55 -10.22 14.13
C ASP A 226 24.35 -11.08 14.54
N TRP A 227 24.44 -11.74 15.70
CA TRP A 227 23.40 -12.66 16.16
C TRP A 227 22.49 -12.04 17.23
N ILE A 228 21.18 -12.31 17.10
CA ILE A 228 20.20 -12.01 18.13
C ILE A 228 19.43 -13.28 18.43
N ALA A 229 18.77 -13.29 19.59
CA ALA A 229 17.82 -14.32 19.96
C ALA A 229 16.50 -13.64 20.29
N PHE A 230 15.42 -14.40 20.18
CA PHE A 230 14.10 -13.93 20.60
C PHE A 230 13.17 -15.10 20.86
N ILE A 231 12.06 -14.80 21.52
CA ILE A 231 11.03 -15.78 21.82
C ILE A 231 9.91 -15.64 20.80
N HIS A 232 9.45 -16.78 20.27
CA HIS A 232 8.31 -16.83 19.37
C HIS A 232 7.47 -18.06 19.69
N SER A 233 6.21 -17.83 20.05
CA SER A 233 5.29 -18.89 20.49
C SER A 233 5.96 -19.79 21.53
N ASN A 234 6.49 -19.14 22.57
CA ASN A 234 7.14 -19.80 23.71
C ASN A 234 8.27 -20.77 23.37
N ASP A 235 9.03 -20.44 22.32
CA ASP A 235 10.25 -21.17 21.97
C ASP A 235 11.33 -20.17 21.59
N ILE A 236 12.59 -20.57 21.79
CA ILE A 236 13.73 -19.70 21.50
C ILE A 236 14.10 -19.85 20.03
N TRP A 237 14.21 -18.70 19.34
CA TRP A 237 14.72 -18.62 17.98
C TRP A 237 15.96 -17.75 18.01
N ILE A 238 16.80 -17.89 16.99
CA ILE A 238 17.91 -16.94 16.73
C ILE A 238 17.85 -16.44 15.31
N SER A 239 18.42 -15.26 15.10
CA SER A 239 18.44 -14.61 13.80
C SER A 239 19.74 -13.81 13.61
N ASN A 240 20.32 -13.91 12.43
CA ASN A 240 21.54 -13.18 12.08
C ASN A 240 21.11 -11.93 11.31
N ILE A 241 21.49 -10.76 11.81
CA ILE A 241 21.03 -9.49 11.23
C ILE A 241 21.82 -9.04 9.99
N VAL A 242 22.90 -9.74 9.66
CA VAL A 242 23.67 -9.49 8.43
C VAL A 242 23.25 -10.46 7.33
N THR A 243 23.37 -11.76 7.61
CA THR A 243 23.07 -12.81 6.64
C THR A 243 21.57 -13.10 6.45
N ARG A 244 20.77 -12.70 7.43
CA ARG A 244 19.31 -12.95 7.48
C ARG A 244 18.92 -14.41 7.73
N GLU A 245 19.88 -15.25 8.13
CA GLU A 245 19.56 -16.62 8.54
C GLU A 245 18.76 -16.61 9.83
N GLU A 246 17.76 -17.47 9.90
CA GLU A 246 16.83 -17.55 11.02
C GLU A 246 16.65 -19.02 11.37
N ARG A 247 16.75 -19.33 12.66
CA ARG A 247 16.72 -20.72 13.12
C ARG A 247 15.96 -20.84 14.44
N ARG A 248 15.06 -21.83 14.50
CA ARG A 248 14.39 -22.22 15.73
C ARG A 248 15.33 -23.12 16.54
N LEU A 249 15.53 -22.79 17.81
CA LEU A 249 16.43 -23.55 18.71
C LEU A 249 15.73 -24.57 19.59
N THR A 250 14.50 -24.29 20.02
CA THR A 250 13.72 -25.21 20.88
C THR A 250 12.41 -25.59 20.21
N TYR A 251 11.98 -26.84 20.40
CA TYR A 251 10.78 -27.39 19.75
C TYR A 251 9.79 -27.90 20.80
N VAL A 252 9.62 -27.07 21.82
CA VAL A 252 8.94 -27.43 23.07
C VAL A 252 7.43 -27.09 23.06
N HIS A 253 7.04 -26.10 22.26
CA HIS A 253 5.68 -25.59 22.20
C HIS A 253 5.15 -25.68 20.77
N ASN A 254 3.84 -25.91 20.65
CA ASN A 254 3.14 -25.93 19.37
C ASN A 254 2.12 -24.79 19.34
N GLU A 255 2.37 -23.82 18.45
CA GLU A 255 1.48 -22.65 18.25
C GLU A 255 0.02 -22.99 17.92
N LEU A 256 -0.19 -24.11 17.21
CA LEU A 256 -1.53 -24.54 16.78
C LEU A 256 -2.35 -25.24 17.86
N ALA A 257 -1.71 -25.81 18.88
CA ALA A 257 -2.41 -26.57 19.92
C ALA A 257 -3.14 -25.68 20.94
N ASN A 258 -4.01 -26.30 21.72
CA ASN A 258 -4.65 -25.64 22.86
C ASN A 258 -3.73 -25.67 24.07
N MET A 259 -3.78 -24.63 24.89
CA MET A 259 -2.93 -24.51 26.08
C MET A 259 -3.21 -25.59 27.15
N GLU A 260 -4.42 -26.16 27.14
CA GLU A 260 -4.80 -27.24 28.04
C GLU A 260 -3.97 -28.53 27.83
N GLU A 261 -3.54 -28.78 26.59
CA GLU A 261 -2.69 -29.94 26.24
C GLU A 261 -1.32 -29.53 25.67
N ASP A 262 -0.84 -28.33 26.01
CA ASP A 262 0.41 -27.79 25.47
C ASP A 262 0.99 -26.74 26.43
N ALA A 263 1.55 -27.23 27.53
CA ALA A 263 1.93 -26.41 28.67
C ALA A 263 3.43 -26.21 28.85
N ARG A 264 4.22 -26.55 27.84
CA ARG A 264 5.67 -26.41 27.93
C ARG A 264 6.15 -25.16 27.19
N SER A 265 7.10 -24.46 27.79
CA SER A 265 7.71 -23.27 27.20
C SER A 265 9.22 -23.28 27.46
N ALA A 266 9.95 -22.54 26.62
CA ALA A 266 11.40 -22.42 26.74
C ALA A 266 11.82 -20.96 26.55
N GLY A 267 12.79 -20.53 27.36
CA GLY A 267 13.29 -19.16 27.34
C GLY A 267 12.34 -18.11 27.89
N VAL A 268 11.31 -18.56 28.59
CA VAL A 268 10.20 -17.71 29.04
C VAL A 268 10.10 -17.73 30.55
N ALA A 269 9.90 -16.55 31.15
CA ALA A 269 9.53 -16.46 32.56
C ALA A 269 8.00 -16.64 32.66
N THR A 270 7.57 -17.54 33.54
CA THR A 270 6.16 -17.82 33.75
C THR A 270 5.52 -16.72 34.58
N PHE A 271 4.19 -16.80 34.78
CA PHE A 271 3.41 -15.73 35.42
C PHE A 271 3.93 -15.29 36.78
N VAL A 272 4.15 -16.23 37.69
CA VAL A 272 4.58 -15.91 39.06
C VAL A 272 5.92 -15.20 39.07
N LEU A 273 6.84 -15.60 38.20
CA LEU A 273 8.15 -14.97 38.12
C LEU A 273 8.12 -13.55 37.57
N GLN A 274 7.23 -13.29 36.62
CA GLN A 274 7.03 -11.95 36.09
C GLN A 274 6.29 -11.06 37.09
N GLU A 275 5.24 -11.60 37.70
CA GLU A 275 4.39 -10.84 38.63
C GLU A 275 4.98 -10.66 40.04
N GLU A 276 5.66 -11.70 40.55
CA GLU A 276 6.14 -11.70 41.94
C GLU A 276 7.64 -11.59 42.17
N PHE A 277 8.44 -11.88 41.14
CA PHE A 277 9.91 -11.82 41.23
C PHE A 277 10.57 -10.85 40.25
N ASP A 278 9.75 -10.13 39.48
CA ASP A 278 10.23 -9.17 38.47
C ASP A 278 11.31 -9.74 37.51
N ARG A 279 11.16 -11.02 37.16
CA ARG A 279 11.99 -11.64 36.13
C ARG A 279 11.13 -11.85 34.90
N TYR A 280 11.53 -11.25 33.79
CA TYR A 280 10.76 -11.25 32.54
C TYR A 280 11.40 -12.02 31.39
N SER A 281 12.67 -12.39 31.52
CA SER A 281 13.36 -13.25 30.55
C SER A 281 13.65 -14.62 31.15
N GLY A 282 13.67 -15.64 30.29
CA GLY A 282 13.98 -17.01 30.69
C GLY A 282 15.16 -17.63 29.95
N TYR A 283 15.95 -16.79 29.28
CA TYR A 283 17.15 -17.24 28.57
C TYR A 283 18.26 -16.19 28.65
N TRP A 284 19.51 -16.65 28.60
CA TRP A 284 20.68 -15.81 28.81
C TRP A 284 21.82 -16.25 27.90
N TRP A 285 22.27 -15.35 27.03
CA TRP A 285 23.43 -15.59 26.15
C TRP A 285 24.71 -15.73 26.97
N CYS A 286 25.55 -16.69 26.60
CA CYS A 286 26.92 -16.75 27.09
C CYS A 286 27.70 -15.57 26.49
N PRO A 287 28.41 -14.78 27.32
CA PRO A 287 29.06 -13.56 26.80
C PRO A 287 30.28 -13.77 25.88
N LYS A 288 30.86 -14.97 25.89
CA LYS A 288 32.04 -15.28 25.06
C LYS A 288 31.78 -16.48 24.14
N ALA A 289 32.39 -16.43 22.97
CA ALA A 289 32.35 -17.53 22.00
C ALA A 289 33.58 -18.43 22.18
N GLU A 290 33.35 -19.75 22.12
CA GLU A 290 34.42 -20.73 22.07
C GLU A 290 34.83 -20.90 20.61
N THR A 291 36.10 -20.70 20.30
CA THR A 291 36.62 -20.91 18.94
C THR A 291 36.73 -22.42 18.64
N THR A 292 36.41 -22.79 17.40
CA THR A 292 36.60 -24.17 16.90
C THR A 292 37.87 -24.25 16.04
N PRO A 293 38.50 -25.44 15.96
CA PRO A 293 39.65 -25.64 15.04
C PRO A 293 39.34 -25.33 13.57
N SER A 294 38.09 -25.57 13.16
CA SER A 294 37.60 -25.30 11.80
C SER A 294 37.73 -23.82 11.34
N GLY A 295 37.72 -22.89 12.30
CA GLY A 295 37.78 -21.46 12.01
C GLY A 295 36.52 -20.69 12.40
N GLY A 296 35.46 -21.42 12.75
CA GLY A 296 34.21 -20.83 13.24
C GLY A 296 34.19 -20.74 14.75
N LYS A 297 33.00 -20.92 15.34
CA LYS A 297 32.83 -20.82 16.80
C LYS A 297 31.54 -21.45 17.33
N ILE A 298 31.50 -21.59 18.66
CA ILE A 298 30.32 -22.08 19.38
C ILE A 298 29.74 -20.95 20.25
N LEU A 299 28.51 -20.58 19.96
CA LEU A 299 27.74 -19.66 20.81
C LEU A 299 26.83 -20.48 21.72
N ARG A 300 26.57 -19.97 22.92
CA ARG A 300 25.78 -20.67 23.92
C ARG A 300 24.64 -19.80 24.47
N ILE A 301 23.51 -20.45 24.71
CA ILE A 301 22.38 -19.83 25.41
C ILE A 301 21.96 -20.77 26.53
N LEU A 302 22.09 -20.32 27.78
CA LEU A 302 21.44 -20.96 28.91
C LEU A 302 19.98 -20.56 28.85
N TYR A 303 19.07 -21.49 29.12
CA TYR A 303 17.66 -21.16 29.25
C TYR A 303 16.89 -22.02 30.24
N GLU A 304 15.80 -21.44 30.73
CA GLU A 304 14.85 -22.12 31.58
C GLU A 304 13.80 -22.78 30.70
N GLU A 305 13.54 -24.06 30.95
CA GLU A 305 12.43 -24.77 30.32
C GLU A 305 11.41 -25.05 31.42
N ASN A 306 10.16 -24.68 31.16
CA ASN A 306 9.06 -24.78 32.12
C ASN A 306 8.01 -25.76 31.62
N ASP A 307 7.44 -26.54 32.54
CA ASP A 307 6.30 -27.39 32.26
C ASP A 307 5.18 -27.04 33.22
N GLU A 308 4.11 -26.47 32.67
CA GLU A 308 2.96 -25.99 33.45
C GLU A 308 1.75 -26.95 33.41
N SER A 309 1.99 -28.21 33.08
CA SER A 309 0.92 -29.22 32.98
C SER A 309 0.09 -29.39 34.26
N GLU A 310 0.77 -29.44 35.40
CA GLU A 310 0.12 -29.62 36.72
C GLU A 310 -0.35 -28.32 37.38
N VAL A 311 -0.04 -27.18 36.77
CA VAL A 311 -0.49 -25.88 37.27
C VAL A 311 -1.96 -25.72 36.93
N GLU A 312 -2.73 -25.21 37.89
CA GLU A 312 -4.17 -25.05 37.70
C GLU A 312 -4.51 -24.04 36.61
N ILE A 313 -5.59 -24.32 35.89
CA ILE A 313 -6.08 -23.46 34.82
C ILE A 313 -7.29 -22.69 35.33
N ILE A 314 -7.22 -21.37 35.28
CA ILE A 314 -8.38 -20.52 35.56
C ILE A 314 -8.83 -19.84 34.28
N HIS A 315 -10.04 -19.31 34.32
CA HIS A 315 -10.61 -18.59 33.18
C HIS A 315 -10.83 -17.13 33.52
N VAL A 316 -10.23 -16.26 32.72
CA VAL A 316 -10.41 -14.81 32.84
C VAL A 316 -11.22 -14.34 31.64
N THR A 317 -12.19 -13.47 31.90
CA THR A 317 -13.06 -12.94 30.84
C THR A 317 -12.24 -12.31 29.71
N SER A 318 -12.62 -12.63 28.48
CA SER A 318 -11.94 -12.10 27.30
C SER A 318 -12.31 -10.63 27.10
N PRO A 319 -11.33 -9.77 26.77
CA PRO A 319 -11.56 -8.33 26.56
C PRO A 319 -12.69 -8.01 25.57
N MET A 320 -12.76 -8.76 24.48
CA MET A 320 -13.85 -8.65 23.51
C MET A 320 -15.14 -9.22 24.11
N LEU A 321 -15.84 -8.39 24.87
CA LEU A 321 -17.03 -8.81 25.62
C LEU A 321 -18.15 -9.40 24.75
N GLU A 322 -18.21 -8.97 23.49
CA GLU A 322 -19.20 -9.46 22.51
C GLU A 322 -19.10 -10.96 22.24
N THR A 323 -17.90 -11.52 22.35
CA THR A 323 -17.68 -12.96 22.18
C THR A 323 -18.28 -13.80 23.31
N ARG A 324 -18.45 -13.19 24.49
CA ARG A 324 -18.94 -13.87 25.70
C ARG A 324 -18.12 -15.14 25.96
N ARG A 325 -16.80 -14.94 25.95
CA ARG A 325 -15.82 -15.99 26.09
C ARG A 325 -14.82 -15.61 27.18
N ALA A 326 -13.89 -16.53 27.45
CA ALA A 326 -12.97 -16.44 28.56
C ALA A 326 -11.67 -17.13 28.18
N ASP A 327 -10.55 -16.50 28.50
CA ASP A 327 -9.23 -17.00 28.16
C ASP A 327 -8.72 -17.89 29.28
N SER A 328 -7.97 -18.94 28.91
CA SER A 328 -7.35 -19.83 29.88
C SER A 328 -6.00 -19.28 30.36
N PHE A 329 -5.75 -19.39 31.67
CA PHE A 329 -4.49 -18.96 32.29
C PHE A 329 -3.97 -20.01 33.24
N ARG A 330 -2.68 -20.33 33.13
CA ARG A 330 -1.97 -21.11 34.13
C ARG A 330 -1.70 -20.21 35.35
N TYR A 331 -2.46 -20.43 36.41
CA TYR A 331 -2.38 -19.62 37.63
C TYR A 331 -2.08 -20.52 38.84
N PRO A 332 -0.83 -20.51 39.34
CA PRO A 332 -0.52 -21.27 40.56
C PRO A 332 -1.07 -20.58 41.80
N LYS A 333 -2.26 -20.99 42.25
CA LYS A 333 -2.84 -20.46 43.49
C LYS A 333 -2.09 -21.00 44.69
N THR A 334 -2.11 -20.25 45.80
CA THR A 334 -1.34 -20.59 47.00
C THR A 334 -1.61 -22.02 47.47
N GLY A 335 -0.52 -22.76 47.74
CA GLY A 335 -0.60 -24.15 48.18
C GLY A 335 -0.76 -25.21 47.08
N THR A 336 -0.75 -24.78 45.81
CA THR A 336 -0.88 -25.69 44.66
C THR A 336 0.44 -25.67 43.86
N ALA A 337 0.52 -26.50 42.82
CA ALA A 337 1.76 -26.70 42.09
C ALA A 337 2.21 -25.48 41.29
N ASN A 338 3.47 -25.09 41.48
CA ASN A 338 4.18 -24.17 40.59
C ASN A 338 4.64 -24.98 39.37
N PRO A 339 5.12 -24.31 38.30
CA PRO A 339 5.61 -25.07 37.15
C PRO A 339 6.83 -25.95 37.48
N LYS A 340 6.96 -27.08 36.80
CA LYS A 340 8.15 -27.92 36.89
C LYS A 340 9.23 -27.26 36.05
N VAL A 341 10.36 -26.94 36.68
CA VAL A 341 11.41 -26.15 36.04
C VAL A 341 12.72 -26.92 35.93
N THR A 342 13.52 -26.56 34.94
CA THR A 342 14.89 -27.05 34.81
C THR A 342 15.70 -26.09 33.96
N PHE A 343 17.02 -26.27 34.00
CA PHE A 343 17.94 -25.54 33.14
C PHE A 343 18.27 -26.38 31.93
N LYS A 344 18.51 -25.71 30.81
CA LYS A 344 18.91 -26.35 29.56
C LYS A 344 19.97 -25.47 28.93
N MET A 345 20.65 -26.00 27.92
CA MET A 345 21.62 -25.22 27.16
C MET A 345 21.54 -25.52 25.68
N SER A 346 21.49 -24.47 24.87
CA SER A 346 21.52 -24.58 23.42
C SER A 346 22.95 -24.28 22.97
N GLU A 347 23.54 -25.25 22.27
CA GLU A 347 24.91 -25.14 21.78
C GLU A 347 24.82 -24.94 20.27
N ILE A 348 25.30 -23.80 19.79
CA ILE A 348 25.08 -23.34 18.41
C ILE A 348 26.41 -23.24 17.66
N MET A 349 26.66 -24.19 16.78
CA MET A 349 27.92 -24.25 16.02
C MET A 349 27.82 -23.41 14.75
N ILE A 350 28.66 -22.37 14.67
CA ILE A 350 28.73 -21.45 13.52
C ILE A 350 30.05 -21.68 12.77
N ASP A 351 30.03 -21.51 11.45
CA ASP A 351 31.23 -21.67 10.60
C ASP A 351 31.99 -20.34 10.42
N ALA A 352 33.08 -20.39 9.66
CA ALA A 352 33.96 -19.23 9.44
C ALA A 352 33.27 -17.96 8.91
N GLU A 353 32.26 -18.12 8.06
CA GLU A 353 31.53 -16.98 7.46
C GLU A 353 30.10 -16.78 8.04
N GLY A 354 29.87 -17.27 9.25
CA GLY A 354 28.68 -16.94 10.03
C GLY A 354 27.41 -17.77 9.80
N ARG A 355 27.52 -18.87 9.05
CA ARG A 355 26.38 -19.77 8.84
C ARG A 355 26.32 -20.81 9.94
N ILE A 356 25.11 -21.19 10.33
CA ILE A 356 24.90 -22.25 11.32
C ILE A 356 25.25 -23.61 10.72
N ILE A 357 26.19 -24.30 11.35
CA ILE A 357 26.50 -25.70 11.02
C ILE A 357 25.47 -26.61 11.67
N ASP A 358 25.33 -26.48 13.00
CA ASP A 358 24.50 -27.38 13.78
C ASP A 358 23.97 -26.68 15.04
N VAL A 359 22.93 -27.28 15.63
CA VAL A 359 22.38 -26.87 16.92
C VAL A 359 22.18 -28.12 17.76
N ILE A 360 22.82 -28.14 18.93
CA ILE A 360 22.72 -29.26 19.88
C ILE A 360 22.01 -28.74 21.13
N ASP A 361 20.81 -29.25 21.38
CA ASP A 361 20.08 -28.95 22.61
C ASP A 361 20.59 -29.88 23.70
N LYS A 362 20.87 -29.31 24.88
CA LYS A 362 21.54 -30.03 25.97
C LYS A 362 20.77 -29.87 27.28
N GLU A 363 20.85 -30.92 28.12
CA GLU A 363 20.12 -30.98 29.40
C GLU A 363 21.09 -31.31 30.54
N LEU A 364 20.65 -31.07 31.76
CA LEU A 364 21.45 -31.35 32.95
C LEU A 364 21.74 -32.86 33.04
N ILE A 365 22.97 -33.19 33.45
CA ILE A 365 23.42 -34.58 33.60
C ILE A 365 22.55 -35.41 34.54
N GLN A 366 22.09 -34.78 35.63
CA GLN A 366 21.09 -35.35 36.54
C GLN A 366 19.92 -34.37 36.64
N PRO A 367 18.75 -34.82 37.14
CA PRO A 367 17.59 -33.92 37.25
C PRO A 367 17.81 -32.67 38.12
N PHE A 368 17.06 -31.62 37.82
CA PHE A 368 17.08 -30.35 38.57
C PHE A 368 16.80 -30.55 40.06
N GLU A 369 15.84 -31.42 40.39
CA GLU A 369 15.45 -31.69 41.78
C GLU A 369 16.55 -32.40 42.58
N ILE A 370 17.40 -33.14 41.89
CA ILE A 370 18.57 -33.80 42.48
C ILE A 370 19.73 -32.81 42.66
N LEU A 371 20.13 -32.14 41.58
CA LEU A 371 21.26 -31.19 41.60
C LEU A 371 21.02 -29.91 42.40
N PHE A 372 19.76 -29.50 42.57
CA PHE A 372 19.40 -28.28 43.30
C PHE A 372 18.28 -28.58 44.29
N GLU A 373 18.61 -29.40 45.29
CA GLU A 373 17.65 -29.87 46.30
C GLU A 373 16.88 -28.71 46.95
N GLY A 374 15.57 -28.87 47.05
CA GLY A 374 14.70 -27.91 47.74
C GLY A 374 14.37 -26.63 47.00
N VAL A 375 14.80 -26.49 45.75
CA VAL A 375 14.61 -25.25 44.98
C VAL A 375 13.26 -25.26 44.26
N GLU A 376 12.44 -24.23 44.50
CA GLU A 376 11.20 -23.99 43.74
C GLU A 376 11.42 -23.01 42.59
N TYR A 377 12.01 -21.86 42.91
CA TYR A 377 12.09 -20.73 42.00
C TYR A 377 13.52 -20.42 41.54
N ILE A 378 13.69 -20.27 40.23
CA ILE A 378 14.88 -19.65 39.64
C ILE A 378 14.61 -18.14 39.64
N ALA A 379 15.07 -17.45 40.68
CA ALA A 379 14.78 -16.03 40.86
C ALA A 379 15.52 -15.16 39.84
N ARG A 380 16.81 -15.47 39.66
CA ARG A 380 17.67 -14.78 38.71
C ARG A 380 18.63 -15.77 38.09
N ALA A 381 19.18 -15.40 36.92
CA ALA A 381 20.26 -16.15 36.30
C ALA A 381 21.06 -15.28 35.35
N GLY A 382 22.24 -15.78 34.99
CA GLY A 382 23.15 -15.09 34.10
C GLY A 382 24.44 -15.88 33.93
N TRP A 383 25.49 -15.17 33.52
CA TRP A 383 26.81 -15.77 33.32
C TRP A 383 27.88 -14.95 34.04
N THR A 384 28.97 -15.63 34.39
CA THR A 384 30.17 -14.94 34.88
C THR A 384 30.80 -14.19 33.69
N PRO A 385 31.57 -13.10 33.95
CA PRO A 385 32.01 -12.21 32.86
C PRO A 385 32.80 -12.87 31.71
N GLU A 386 33.52 -13.95 32.00
CA GLU A 386 34.29 -14.69 30.98
C GLU A 386 33.51 -15.86 30.36
N GLY A 387 32.31 -16.14 30.86
CA GLY A 387 31.46 -17.21 30.34
C GLY A 387 31.84 -18.62 30.78
N LYS A 388 32.70 -18.74 31.79
CA LYS A 388 33.14 -20.07 32.27
C LYS A 388 32.01 -20.78 33.03
N TYR A 389 31.27 -20.03 33.84
CA TYR A 389 30.13 -20.57 34.60
C TYR A 389 28.86 -19.77 34.31
N ALA A 390 27.74 -20.47 34.26
CA ALA A 390 26.43 -19.85 34.40
C ALA A 390 26.15 -19.75 35.89
N TRP A 391 25.58 -18.63 36.33
CA TRP A 391 25.15 -18.49 37.72
C TRP A 391 23.64 -18.40 37.82
N SER A 392 23.15 -18.67 39.03
CA SER A 392 21.73 -18.60 39.32
C SER A 392 21.48 -18.32 40.79
N ILE A 393 20.49 -17.47 41.07
CA ILE A 393 20.02 -17.22 42.44
C ILE A 393 18.73 -18.02 42.60
N LEU A 394 18.76 -19.00 43.51
CA LEU A 394 17.70 -19.99 43.67
C LEU A 394 17.04 -19.88 45.04
N LEU A 395 15.72 -19.99 45.05
CA LEU A 395 14.91 -19.93 46.26
C LEU A 395 14.22 -21.26 46.51
N ASP A 396 14.00 -21.57 47.79
CA ASP A 396 13.12 -22.67 48.19
C ASP A 396 11.66 -22.18 48.21
N ARG A 397 10.72 -23.09 48.43
CA ARG A 397 9.30 -22.73 48.37
C ARG A 397 8.88 -21.68 49.39
N SER A 398 9.34 -21.82 50.63
CA SER A 398 9.02 -20.86 51.70
C SER A 398 9.66 -19.49 51.50
N GLN A 399 10.70 -19.43 50.65
CA GLN A 399 11.44 -18.20 50.33
C GLN A 399 12.17 -17.67 51.56
N THR A 400 12.64 -18.61 52.37
CA THR A 400 13.45 -18.35 53.54
C THR A 400 14.87 -18.91 53.38
N ARG A 401 15.19 -19.46 52.21
CA ARG A 401 16.55 -19.92 51.87
C ARG A 401 16.92 -19.47 50.46
N LEU A 402 17.96 -18.65 50.35
CA LEU A 402 18.54 -18.26 49.07
C LEU A 402 19.84 -19.02 48.86
N GLN A 403 20.14 -19.34 47.60
CA GLN A 403 21.41 -19.92 47.19
C GLN A 403 21.90 -19.26 45.92
N ILE A 404 23.18 -18.90 45.87
CA ILE A 404 23.83 -18.50 44.62
C ILE A 404 24.67 -19.69 44.18
N VAL A 405 24.36 -20.22 42.99
CA VAL A 405 24.92 -21.47 42.52
C VAL A 405 25.55 -21.27 41.15
N LEU A 406 26.84 -21.59 41.02
CA LEU A 406 27.51 -21.61 39.73
C LEU A 406 27.23 -22.94 39.04
N ILE A 407 27.05 -22.88 37.73
CA ILE A 407 26.69 -24.03 36.90
C ILE A 407 27.60 -24.01 35.67
N SER A 408 28.48 -25.01 35.59
CA SER A 408 29.39 -25.13 34.45
C SER A 408 28.63 -25.67 33.23
N PRO A 409 29.03 -25.26 32.00
CA PRO A 409 28.50 -25.89 30.78
C PRO A 409 28.74 -27.40 30.67
N GLU A 410 29.78 -27.91 31.33
CA GLU A 410 30.05 -29.35 31.35
C GLU A 410 29.03 -30.20 32.14
N LEU A 411 28.20 -29.55 32.97
CA LEU A 411 27.05 -30.22 33.59
C LEU A 411 25.95 -30.60 32.60
N PHE A 412 25.96 -29.97 31.42
CA PHE A 412 24.98 -30.26 30.38
C PHE A 412 25.50 -31.27 29.35
N ILE A 413 24.66 -32.23 28.99
CA ILE A 413 24.95 -33.22 27.92
C ILE A 413 23.84 -33.19 26.86
N PRO A 414 24.15 -33.62 25.62
CA PRO A 414 23.12 -33.65 24.58
C PRO A 414 21.89 -34.49 24.93
N VAL A 415 20.73 -34.06 24.44
CA VAL A 415 19.48 -34.77 24.63
C VAL A 415 19.52 -36.03 23.76
N GLU A 416 19.24 -37.18 24.37
CA GLU A 416 19.28 -38.48 23.69
C GLU A 416 18.24 -39.43 24.29
N ASP A 417 17.20 -39.74 23.52
CA ASP A 417 16.21 -40.76 23.92
C ASP A 417 16.78 -42.20 23.91
N ASP A 418 17.80 -42.43 23.07
CA ASP A 418 18.54 -43.70 23.04
C ASP A 418 19.32 -43.92 24.34
N VAL A 419 18.88 -44.90 25.14
CA VAL A 419 19.44 -45.15 26.49
C VAL A 419 20.90 -45.64 26.47
N MET A 420 21.31 -46.29 25.38
CA MET A 420 22.68 -46.77 25.22
C MET A 420 23.66 -45.60 25.04
N GLU A 421 23.39 -44.76 24.05
CA GLU A 421 24.23 -43.60 23.71
C GLU A 421 24.22 -42.52 24.82
N ARG A 422 23.11 -42.43 25.55
CA ARG A 422 23.00 -41.51 26.70
C ARG A 422 23.95 -41.91 27.83
N GLN A 423 24.05 -43.21 28.11
CA GLN A 423 24.90 -43.71 29.19
C GLN A 423 26.40 -43.51 28.94
N ARG A 424 26.80 -43.48 27.66
CA ARG A 424 28.16 -43.11 27.28
C ARG A 424 28.45 -41.64 27.58
N LEU A 425 27.47 -40.78 27.30
CA LEU A 425 27.59 -39.32 27.54
C LEU A 425 27.62 -38.95 29.03
N ILE A 426 26.90 -39.70 29.87
CA ILE A 426 26.89 -39.47 31.33
C ILE A 426 28.25 -39.78 31.95
N GLU A 427 28.82 -40.92 31.58
CA GLU A 427 30.13 -41.36 32.09
C GLU A 427 31.31 -40.53 31.55
N SER A 428 31.14 -39.92 30.38
CA SER A 428 32.16 -39.04 29.80
C SER A 428 32.35 -37.72 30.58
N VAL A 429 31.33 -37.30 31.31
CA VAL A 429 31.40 -36.12 32.18
C VAL A 429 32.09 -36.50 33.50
N PRO A 430 33.18 -35.79 33.88
CA PRO A 430 33.86 -36.13 35.15
C PRO A 430 33.04 -35.87 36.41
N ASP A 431 33.38 -36.58 37.47
CA ASP A 431 32.73 -36.42 38.78
C ASP A 431 33.12 -35.11 39.48
N SER A 432 34.27 -34.56 39.12
CA SER A 432 34.73 -33.25 39.59
C SER A 432 33.83 -32.10 39.13
N VAL A 433 33.24 -32.24 37.93
CA VAL A 433 32.28 -31.27 37.41
C VAL A 433 30.98 -31.41 38.22
N THR A 434 30.60 -30.34 38.90
CA THR A 434 29.48 -30.39 39.83
C THR A 434 28.92 -28.98 40.09
N PRO A 435 27.68 -28.87 40.62
CA PRO A 435 27.18 -27.55 41.00
C PRO A 435 27.94 -26.97 42.19
N LEU A 436 28.21 -25.66 42.15
CA LEU A 436 29.00 -24.99 43.17
C LEU A 436 28.15 -23.94 43.86
N ILE A 437 27.61 -24.27 45.04
CA ILE A 437 26.86 -23.31 45.84
C ILE A 437 27.86 -22.34 46.51
N ILE A 438 28.11 -21.24 45.81
CA ILE A 438 29.06 -20.21 46.26
C ILE A 438 28.58 -19.33 47.41
N TYR A 439 27.27 -19.35 47.68
CA TYR A 439 26.71 -18.58 48.79
C TYR A 439 25.35 -19.15 49.17
N GLU A 440 25.08 -19.19 50.47
CA GLU A 440 23.80 -19.68 51.01
C GLU A 440 23.47 -18.92 52.28
N GLU A 441 22.21 -18.51 52.40
CA GLU A 441 21.72 -17.74 53.54
C GLU A 441 20.29 -18.11 53.84
N THR A 442 19.89 -17.87 55.09
CA THR A 442 18.54 -18.16 55.56
C THR A 442 17.98 -16.99 56.38
N THR A 443 16.67 -17.01 56.58
CA THR A 443 15.98 -15.99 57.36
C THR A 443 14.67 -16.53 57.93
N ASP A 444 14.24 -15.97 59.05
CA ASP A 444 12.97 -16.34 59.69
C ASP A 444 11.83 -15.40 59.25
N ILE A 445 12.14 -14.45 58.36
CA ILE A 445 11.14 -13.52 57.83
C ILE A 445 10.88 -13.84 56.35
N TRP A 446 11.74 -13.38 55.44
CA TRP A 446 11.69 -13.75 54.02
C TRP A 446 12.85 -13.16 53.23
N ILE A 447 13.19 -13.82 52.13
CA ILE A 447 14.18 -13.31 51.19
C ILE A 447 13.48 -12.33 50.23
N ASN A 448 13.92 -11.07 50.27
CA ASN A 448 13.55 -10.06 49.28
C ASN A 448 14.57 -10.12 48.14
N ILE A 449 14.15 -10.65 46.99
CA ILE A 449 15.00 -10.73 45.80
C ILE A 449 15.27 -9.33 45.28
N HIS A 450 16.52 -9.11 44.82
CA HIS A 450 16.98 -7.83 44.29
C HIS A 450 17.90 -8.10 43.10
N ASP A 451 18.35 -7.04 42.46
CA ASP A 451 19.15 -7.13 41.22
C ASP A 451 20.65 -6.89 41.39
N ILE A 452 21.10 -6.68 42.63
CA ILE A 452 22.53 -6.54 42.94
C ILE A 452 23.23 -7.90 42.94
N PHE A 453 24.16 -8.07 42.00
CA PHE A 453 25.11 -9.20 42.00
C PHE A 453 26.23 -8.91 41.00
N HIS A 454 27.42 -8.63 41.53
CA HIS A 454 28.60 -8.30 40.70
C HIS A 454 29.70 -9.33 40.90
N VAL A 455 30.12 -9.98 39.81
CA VAL A 455 31.21 -10.97 39.82
C VAL A 455 32.48 -10.33 39.25
N PHE A 456 33.56 -10.36 40.03
CA PHE A 456 34.86 -9.85 39.60
C PHE A 456 35.55 -10.81 38.63
N PRO A 457 36.52 -10.32 37.83
CA PRO A 457 37.33 -11.21 37.00
C PRO A 457 38.00 -12.31 37.81
N GLN A 458 38.00 -13.53 37.27
CA GLN A 458 38.54 -14.70 37.96
C GLN A 458 40.07 -14.62 37.99
N SER A 459 40.64 -14.39 39.18
CA SER A 459 42.08 -14.22 39.36
C SER A 459 42.77 -15.56 39.62
N HIS A 460 42.22 -16.34 40.54
CA HIS A 460 42.72 -17.68 40.86
C HIS A 460 41.75 -18.75 40.37
N GLU A 461 42.26 -19.95 40.12
CA GLU A 461 41.49 -21.05 39.54
C GLU A 461 40.36 -21.52 40.46
N GLU A 462 40.71 -21.79 41.73
CA GLU A 462 39.76 -22.35 42.70
C GLU A 462 39.15 -21.29 43.64
N GLU A 463 38.91 -20.09 43.11
CA GLU A 463 38.29 -19.00 43.87
C GLU A 463 37.39 -18.17 42.97
N ILE A 464 36.29 -17.67 43.55
CA ILE A 464 35.45 -16.65 42.90
C ILE A 464 35.15 -15.52 43.89
N GLU A 465 35.24 -14.29 43.40
CA GLU A 465 35.10 -13.09 44.21
C GLU A 465 33.90 -12.31 43.70
N PHE A 466 33.01 -11.89 44.60
CA PHE A 466 31.78 -11.18 44.20
C PHE A 466 31.19 -10.28 45.30
N ILE A 467 30.44 -9.28 44.87
CA ILE A 467 29.61 -8.46 45.76
C ILE A 467 28.16 -8.93 45.66
N PHE A 468 27.54 -9.13 46.82
CA PHE A 468 26.11 -9.44 46.94
C PHE A 468 25.54 -8.54 48.03
N ALA A 469 24.22 -8.42 48.08
CA ALA A 469 23.53 -7.66 49.13
C ALA A 469 22.56 -8.58 49.88
N SER A 470 22.38 -8.32 51.18
CA SER A 470 21.51 -9.16 52.01
C SER A 470 21.02 -8.47 53.29
N GLU A 471 19.81 -8.84 53.69
CA GLU A 471 19.20 -8.44 54.95
C GLU A 471 19.34 -9.53 56.03
N CYS A 472 19.87 -10.70 55.67
CA CYS A 472 19.88 -11.86 56.55
C CYS A 472 20.80 -11.75 57.79
N LYS A 473 21.90 -11.00 57.67
CA LYS A 473 22.87 -10.85 58.77
C LYS A 473 22.33 -9.93 59.86
N THR A 474 22.04 -8.68 59.48
CA THR A 474 21.68 -7.60 60.42
C THR A 474 20.20 -7.18 60.44
N GLY A 475 19.43 -7.59 59.44
CA GLY A 475 18.04 -7.12 59.28
C GLY A 475 17.88 -5.85 58.46
N PHE A 476 18.98 -5.35 57.89
CA PHE A 476 18.96 -4.27 56.91
C PHE A 476 19.85 -4.68 55.74
N ARG A 477 19.46 -4.27 54.52
CA ARG A 477 20.17 -4.71 53.31
C ARG A 477 21.49 -3.98 53.19
N HIS A 478 22.58 -4.73 53.21
CA HIS A 478 23.92 -4.17 53.08
C HIS A 478 24.76 -4.95 52.08
N LEU A 479 25.77 -4.28 51.53
CA LEU A 479 26.70 -4.90 50.58
C LEU A 479 27.77 -5.69 51.33
N TYR A 480 28.12 -6.85 50.78
CA TYR A 480 29.13 -7.73 51.34
C TYR A 480 30.04 -8.23 50.22
N LYS A 481 31.35 -8.05 50.37
CA LYS A 481 32.33 -8.66 49.45
C LYS A 481 32.63 -10.06 49.95
N ILE A 482 32.40 -11.06 49.09
CA ILE A 482 32.51 -12.47 49.44
C ILE A 482 33.51 -13.13 48.50
N THR A 483 34.30 -14.06 49.05
CA THR A 483 35.24 -14.88 48.27
C THR A 483 34.97 -16.34 48.65
N SER A 484 34.63 -17.16 47.66
CA SER A 484 34.23 -18.55 47.89
C SER A 484 35.21 -19.50 47.19
N ILE A 485 35.49 -20.63 47.84
CA ILE A 485 36.46 -21.60 47.36
C ILE A 485 35.71 -22.69 46.60
N LEU A 486 36.13 -22.93 45.35
CA LEU A 486 35.49 -23.89 44.46
C LEU A 486 36.14 -25.27 44.58
N LYS A 487 35.87 -25.95 45.69
CA LYS A 487 36.43 -27.28 45.97
C LYS A 487 35.83 -28.34 45.05
N GLU A 488 36.60 -29.40 44.84
CA GLU A 488 36.06 -30.65 44.31
C GLU A 488 35.13 -31.24 45.36
N SER A 489 33.92 -31.61 44.96
CA SER A 489 32.88 -32.03 45.91
C SER A 489 33.08 -33.45 46.41
N LYS A 490 32.57 -33.70 47.62
CA LYS A 490 32.63 -35.02 48.27
C LYS A 490 31.79 -36.04 47.50
N TYR A 491 30.64 -35.60 46.99
CA TYR A 491 29.76 -36.43 46.17
C TYR A 491 30.43 -36.81 44.85
N LYS A 492 30.35 -38.10 44.53
CA LYS A 492 30.89 -38.65 43.28
C LYS A 492 29.78 -39.37 42.52
N ARG A 493 29.55 -38.96 41.28
CA ARG A 493 28.44 -39.44 40.46
C ARG A 493 28.58 -40.90 39.99
N SER A 494 29.82 -41.40 39.94
CA SER A 494 30.12 -42.77 39.53
C SER A 494 29.63 -43.81 40.53
N SER A 495 29.77 -43.51 41.82
CA SER A 495 29.29 -44.39 42.91
C SER A 495 27.81 -44.76 42.81
N GLY A 496 27.01 -43.90 42.18
CA GLY A 496 25.60 -44.19 41.89
C GLY A 496 24.61 -43.86 42.99
N GLY A 497 25.04 -43.10 43.99
CA GLY A 497 24.15 -42.59 45.03
C GLY A 497 23.63 -41.21 44.66
N LEU A 498 22.87 -40.61 45.59
CA LEU A 498 22.34 -39.26 45.43
C LEU A 498 23.05 -38.30 46.38
N PRO A 499 23.24 -37.03 45.98
CA PRO A 499 23.98 -36.08 46.80
C PRO A 499 23.20 -35.62 48.05
N ALA A 500 23.90 -35.55 49.18
CA ALA A 500 23.34 -35.02 50.42
C ALA A 500 23.20 -33.49 50.35
N PRO A 501 22.33 -32.87 51.18
CA PRO A 501 22.07 -31.42 51.14
C PRO A 501 23.30 -30.51 51.02
N SER A 502 24.34 -30.80 51.80
CA SER A 502 25.52 -29.92 51.91
C SER A 502 26.68 -30.24 50.94
N ASP A 503 26.55 -31.29 50.14
CA ASP A 503 27.65 -31.78 49.27
C ASP A 503 28.14 -30.81 48.19
N PHE A 504 27.29 -29.86 47.78
CA PHE A 504 27.67 -28.85 46.78
C PHE A 504 28.03 -27.48 47.36
N LYS A 505 28.05 -27.35 48.69
CA LYS A 505 28.39 -26.09 49.35
C LYS A 505 29.88 -25.76 49.25
N CYS A 506 30.18 -24.49 48.96
CA CYS A 506 31.55 -23.99 48.88
C CYS A 506 31.93 -23.31 50.19
N PRO A 507 33.18 -23.54 50.67
CA PRO A 507 33.62 -22.80 51.86
C PRO A 507 33.77 -21.30 51.59
N ILE A 508 33.37 -20.49 52.57
CA ILE A 508 33.50 -19.04 52.49
C ILE A 508 34.87 -18.66 53.06
N LYS A 509 35.81 -18.29 52.19
CA LYS A 509 37.14 -17.86 52.61
C LYS A 509 37.10 -16.47 53.28
N GLU A 510 36.36 -15.56 52.68
CA GLU A 510 36.28 -14.17 53.10
C GLU A 510 34.85 -13.67 52.99
N GLU A 511 34.41 -12.89 53.98
CA GLU A 511 33.10 -12.23 53.96
C GLU A 511 33.17 -10.90 54.70
N ILE A 512 33.43 -9.82 53.96
CA ILE A 512 33.64 -8.49 54.51
C ILE A 512 32.38 -7.65 54.31
N ALA A 513 31.89 -7.03 55.38
CA ALA A 513 30.78 -6.08 55.29
C ALA A 513 31.26 -4.76 54.72
N ILE A 514 30.73 -4.37 53.56
CA ILE A 514 31.08 -3.12 52.90
C ILE A 514 30.30 -1.94 53.50
N THR A 515 29.03 -2.20 53.81
CA THR A 515 28.17 -1.21 54.46
C THR A 515 27.52 -1.82 55.71
N SER A 516 27.04 -0.97 56.60
CA SER A 516 26.36 -1.39 57.83
C SER A 516 25.58 -0.24 58.44
N GLY A 517 24.71 -0.58 59.40
CA GLY A 517 23.89 0.40 60.12
C GLY A 517 22.40 0.18 60.02
N GLU A 518 21.65 1.07 60.67
CA GLU A 518 20.18 1.00 60.75
C GLU A 518 19.54 1.72 59.57
N TRP A 519 19.87 1.21 58.39
CA TRP A 519 19.46 1.80 57.09
C TRP A 519 19.81 0.79 55.99
N GLU A 520 19.15 0.89 54.85
CA GLU A 520 19.29 -0.14 53.79
C GLU A 520 19.87 0.37 52.47
N VAL A 521 20.61 -0.53 51.80
CA VAL A 521 20.98 -0.38 50.40
C VAL A 521 19.77 -0.75 49.54
N LEU A 522 19.56 -0.01 48.46
CA LEU A 522 18.44 -0.22 47.54
C LEU A 522 18.85 -1.07 46.35
N GLY A 523 18.08 -2.13 46.07
CA GLY A 523 18.39 -3.07 44.98
C GLY A 523 17.25 -3.43 44.03
N ARG A 524 16.17 -2.64 44.06
CA ARG A 524 14.96 -2.91 43.28
C ARG A 524 14.52 -1.71 42.45
N HIS A 525 13.73 -1.98 41.41
CA HIS A 525 13.09 -0.96 40.56
C HIS A 525 14.07 -0.01 39.85
N GLY A 526 15.22 -0.54 39.47
CA GLY A 526 16.29 0.25 38.84
C GLY A 526 17.48 0.54 39.73
N SER A 527 17.26 0.56 41.05
CA SER A 527 18.35 0.76 42.01
C SER A 527 19.33 -0.42 41.95
N ASN A 528 20.61 -0.12 41.81
CA ASN A 528 21.65 -1.14 41.67
C ASN A 528 22.99 -0.53 42.11
N ILE A 529 24.04 -1.34 42.07
CA ILE A 529 25.40 -0.85 42.29
C ILE A 529 26.13 -0.62 40.98
N GLN A 530 27.22 0.14 41.06
CA GLN A 530 28.18 0.30 39.98
C GLN A 530 29.57 0.17 40.58
N VAL A 531 30.33 -0.83 40.13
CA VAL A 531 31.64 -1.13 40.68
C VAL A 531 32.75 -0.51 39.82
N ASP A 532 33.59 0.29 40.47
CA ASP A 532 34.80 0.84 39.86
C ASP A 532 35.95 -0.09 40.23
N GLU A 533 36.29 -1.00 39.32
CA GLU A 533 37.35 -2.00 39.57
C GLU A 533 38.79 -1.43 39.56
N VAL A 534 38.96 -0.23 39.00
CA VAL A 534 40.27 0.44 39.01
C VAL A 534 40.52 1.07 40.39
N ARG A 535 39.68 2.02 40.78
CA ARG A 535 39.79 2.70 42.08
C ARG A 535 39.26 1.90 43.28
N ARG A 536 38.66 0.74 42.98
CA ARG A 536 38.21 -0.23 43.99
C ARG A 536 37.11 0.33 44.91
N LEU A 537 36.15 1.01 44.28
CA LEU A 537 35.00 1.63 44.93
C LEU A 537 33.71 1.01 44.43
N VAL A 538 32.64 1.17 45.20
CA VAL A 538 31.29 0.74 44.80
C VAL A 538 30.28 1.86 45.04
N TYR A 539 29.59 2.26 43.98
CA TYR A 539 28.52 3.25 44.06
C TYR A 539 27.21 2.51 44.30
N PHE A 540 26.35 3.09 45.14
CA PHE A 540 25.09 2.45 45.53
C PHE A 540 24.10 3.49 46.04
N GLU A 541 22.82 3.14 46.00
CA GLU A 541 21.76 3.98 46.55
C GLU A 541 21.35 3.45 47.91
N GLY A 542 20.94 4.36 48.80
CA GLY A 542 20.64 3.98 50.19
C GLY A 542 19.77 4.96 50.95
N THR A 543 19.38 4.55 52.15
CA THR A 543 18.50 5.33 53.05
C THR A 543 19.24 5.88 54.29
N LYS A 544 20.56 6.04 54.20
CA LYS A 544 21.41 6.35 55.38
C LYS A 544 21.11 7.70 56.01
N ASP A 545 20.95 8.73 55.20
CA ASP A 545 20.60 10.06 55.68
C ASP A 545 19.16 10.15 56.21
N SER A 546 18.24 9.42 55.57
CA SER A 546 16.81 9.51 55.91
C SER A 546 16.03 8.36 55.26
N PRO A 547 15.00 7.83 55.94
CA PRO A 547 14.09 6.87 55.28
C PRO A 547 13.15 7.53 54.26
N LEU A 548 13.00 8.85 54.34
CA LEU A 548 12.19 9.61 53.40
C LEU A 548 12.90 10.02 52.10
N GLU A 549 14.20 9.78 52.00
CA GLU A 549 14.98 10.19 50.83
C GLU A 549 15.94 9.09 50.40
N HIS A 550 15.98 8.83 49.09
CA HIS A 550 17.02 7.99 48.49
C HIS A 550 18.18 8.90 48.11
N HIS A 551 19.40 8.43 48.33
CA HIS A 551 20.61 9.18 47.99
C HIS A 551 21.66 8.28 47.38
N LEU A 552 22.54 8.88 46.56
CA LEU A 552 23.68 8.17 45.99
C LEU A 552 24.86 8.23 46.96
N TYR A 553 25.50 7.09 47.17
CA TYR A 553 26.66 6.97 48.05
C TYR A 553 27.80 6.27 47.33
N VAL A 554 28.99 6.36 47.92
CA VAL A 554 30.16 5.64 47.44
C VAL A 554 31.01 5.20 48.63
N VAL A 555 31.67 4.05 48.47
CA VAL A 555 32.48 3.44 49.52
C VAL A 555 33.52 2.50 48.90
N SER A 556 34.64 2.31 49.58
CA SER A 556 35.65 1.32 49.17
C SER A 556 35.14 -0.08 49.49
N TYR A 557 35.46 -1.05 48.64
CA TYR A 557 35.14 -2.46 48.90
C TYR A 557 36.33 -3.30 49.40
N VAL A 558 37.52 -2.70 49.46
CA VAL A 558 38.74 -3.37 49.95
C VAL A 558 38.93 -3.08 51.44
N ASN A 559 39.03 -1.80 51.78
CA ASN A 559 39.09 -1.33 53.17
C ASN A 559 37.88 -0.43 53.41
N PRO A 560 36.69 -1.04 53.62
CA PRO A 560 35.47 -0.23 53.78
C PRO A 560 35.45 0.57 55.08
N GLY A 561 35.12 1.86 54.97
CA GLY A 561 35.02 2.75 56.12
C GLY A 561 34.07 3.89 55.87
N GLU A 562 34.61 5.02 55.40
CA GLU A 562 33.82 6.23 55.14
C GLU A 562 32.86 6.01 53.97
N VAL A 563 31.59 6.33 54.19
CA VAL A 563 30.56 6.29 53.17
C VAL A 563 30.22 7.74 52.81
N THR A 564 30.61 8.16 51.61
CA THR A 564 30.42 9.55 51.16
C THR A 564 29.11 9.67 50.37
N ARG A 565 28.22 10.56 50.83
CA ARG A 565 26.99 10.90 50.11
C ARG A 565 27.29 11.87 48.97
N LEU A 566 26.95 11.46 47.75
CA LEU A 566 27.20 12.26 46.55
C LEU A 566 26.02 13.12 46.09
N THR A 567 24.85 12.95 46.71
CA THR A 567 23.66 13.72 46.34
C THR A 567 23.26 14.70 47.45
N ASP A 568 22.59 15.79 47.06
CA ASP A 568 22.22 16.85 47.98
C ASP A 568 20.95 16.52 48.77
N ARG A 569 20.97 16.80 50.07
CA ARG A 569 19.81 16.59 50.94
C ARG A 569 18.67 17.55 50.59
N GLY A 570 17.47 17.20 51.04
CA GLY A 570 16.24 17.92 50.67
C GLY A 570 15.59 17.46 49.37
N TYR A 571 16.11 16.38 48.79
CA TYR A 571 15.52 15.73 47.62
C TYR A 571 15.69 14.22 47.78
N SER A 572 14.79 13.46 47.14
CA SER A 572 15.00 12.03 46.92
C SER A 572 15.54 11.83 45.50
N HIS A 573 16.51 10.93 45.35
CA HIS A 573 17.25 10.76 44.11
C HIS A 573 17.14 9.33 43.59
N SER A 574 16.91 9.20 42.29
CA SER A 574 17.09 7.95 41.55
C SER A 574 18.20 8.18 40.56
N CYS A 575 19.23 7.34 40.62
CA CYS A 575 20.51 7.63 39.95
C CYS A 575 21.00 6.54 39.01
N CYS A 576 21.75 6.99 38.01
CA CYS A 576 22.47 6.12 37.10
C CYS A 576 23.92 6.57 37.07
N ILE A 577 24.84 5.63 37.29
CA ILE A 577 26.28 5.91 37.27
C ILE A 577 26.86 5.40 35.97
N SER A 578 27.67 6.23 35.31
CA SER A 578 28.38 5.85 34.09
C SER A 578 29.23 4.60 34.31
N GLN A 579 29.29 3.75 33.29
CA GLN A 579 30.17 2.56 33.30
C GLN A 579 31.65 2.90 33.54
N HIS A 580 32.05 4.12 33.13
CA HIS A 580 33.42 4.63 33.34
C HIS A 580 33.66 5.27 34.72
N CYS A 581 32.59 5.43 35.50
CA CYS A 581 32.62 5.88 36.91
C CYS A 581 33.15 7.30 37.12
N ASP A 582 32.97 8.15 36.11
CA ASP A 582 33.36 9.56 36.13
C ASP A 582 32.18 10.53 35.94
N PHE A 583 30.96 9.98 35.88
CA PHE A 583 29.72 10.78 35.87
C PHE A 583 28.61 9.99 36.54
N PHE A 584 27.61 10.72 37.03
CA PHE A 584 26.33 10.12 37.40
C PHE A 584 25.20 11.08 37.06
N ILE A 585 24.04 10.51 36.75
CA ILE A 585 22.82 11.28 36.50
C ILE A 585 21.88 11.01 37.66
N SER A 586 21.17 12.05 38.08
CA SER A 586 20.18 11.94 39.14
C SER A 586 18.86 12.44 38.63
N LYS A 587 17.83 11.60 38.74
CA LYS A 587 16.44 12.00 38.60
C LYS A 587 15.97 12.26 40.03
N TYR A 588 15.65 13.52 40.34
CA TYR A 588 15.37 13.91 41.72
C TYR A 588 14.19 14.87 41.84
N SER A 589 13.51 14.80 42.98
CA SER A 589 12.40 15.69 43.31
C SER A 589 12.27 15.83 44.82
N ASN A 590 11.40 16.75 45.22
CA ASN A 590 10.93 16.80 46.61
C ASN A 590 9.45 17.15 46.65
N GLN A 591 8.89 17.15 47.85
CA GLN A 591 7.45 17.39 48.05
C GLN A 591 6.92 18.64 47.33
N LYS A 592 7.74 19.70 47.27
CA LYS A 592 7.35 20.98 46.63
C LYS A 592 7.66 21.07 45.13
N ASN A 593 8.81 20.52 44.70
CA ASN A 593 9.30 20.69 43.33
C ASN A 593 9.15 19.44 42.46
N PRO A 594 8.57 19.58 41.25
CA PRO A 594 8.55 18.49 40.26
C PRO A 594 9.93 17.95 39.89
N HIS A 595 9.95 16.75 39.34
CA HIS A 595 11.21 16.04 39.07
C HIS A 595 12.09 16.73 38.04
N CYS A 596 13.39 16.71 38.34
CA CYS A 596 14.45 17.23 37.48
C CYS A 596 15.39 16.10 37.17
N VAL A 597 16.15 16.24 36.09
CA VAL A 597 17.20 15.28 35.74
C VAL A 597 18.45 16.09 35.41
N SER A 598 19.53 15.82 36.14
CA SER A 598 20.79 16.57 35.99
C SER A 598 21.99 15.62 35.91
N LEU A 599 23.01 16.07 35.18
CA LEU A 599 24.29 15.35 35.05
C LEU A 599 25.31 15.96 36.01
N TYR A 600 26.05 15.08 36.71
CA TYR A 600 27.09 15.50 37.65
C TYR A 600 28.40 14.80 37.30
N LYS A 601 29.47 15.57 37.17
CA LYS A 601 30.81 15.03 36.95
C LYS A 601 31.41 14.63 38.28
N LEU A 602 32.07 13.47 38.30
CA LEU A 602 32.76 12.95 39.48
C LEU A 602 34.27 13.15 39.33
N SER A 603 34.94 13.45 40.44
CA SER A 603 36.40 13.51 40.49
C SER A 603 36.89 13.34 41.93
N SER A 604 38.19 13.08 42.04
CA SER A 604 38.86 12.90 43.33
C SER A 604 39.73 14.12 43.63
N PRO A 605 39.98 14.41 44.92
CA PRO A 605 41.04 15.36 45.24
C PRO A 605 42.42 14.79 44.86
N GLU A 606 43.33 15.68 44.47
CA GLU A 606 44.71 15.31 44.09
C GLU A 606 45.39 14.38 45.10
N ASP A 607 45.21 14.69 46.38
CA ASP A 607 45.88 13.96 47.47
C ASP A 607 45.32 12.57 47.83
N ASP A 608 44.09 12.27 47.40
CA ASP A 608 43.40 11.04 47.81
C ASP A 608 42.35 10.57 46.78
N PRO A 609 42.72 9.58 45.93
CA PRO A 609 41.76 8.93 45.01
C PRO A 609 40.56 8.23 45.66
N THR A 610 40.69 7.79 46.92
CA THR A 610 39.60 7.17 47.67
C THR A 610 38.40 8.12 47.83
N CYS A 611 38.68 9.35 48.23
CA CYS A 611 37.67 10.38 48.40
C CYS A 611 37.10 10.80 47.04
N LYS A 612 35.78 10.95 46.98
CA LYS A 612 35.07 11.33 45.75
C LYS A 612 34.21 12.57 45.97
N THR A 613 34.31 13.51 45.04
CA THR A 613 33.51 14.73 45.03
C THR A 613 32.69 14.77 43.76
N LYS A 614 31.76 15.71 43.70
CA LYS A 614 30.91 15.88 42.51
C LYS A 614 30.70 17.35 42.17
N GLU A 615 30.40 17.60 40.90
CA GLU A 615 30.16 18.94 40.39
C GLU A 615 29.05 18.90 39.34
N PHE A 616 28.09 19.80 39.46
CA PHE A 616 27.02 19.94 38.47
C PHE A 616 27.63 20.25 37.09
N TRP A 617 27.27 19.44 36.09
CA TRP A 617 27.76 19.59 34.73
C TRP A 617 26.72 20.22 33.82
N ALA A 618 25.52 19.61 33.80
CA ALA A 618 24.43 20.09 32.94
C ALA A 618 23.07 19.57 33.37
N THR A 619 22.03 20.25 32.89
CA THR A 619 20.64 19.83 33.07
C THR A 619 20.18 19.04 31.83
N ILE A 620 19.56 17.88 32.07
CA ILE A 620 18.98 17.05 31.02
C ILE A 620 17.49 17.39 30.86
N LEU A 621 16.77 17.39 31.98
CA LEU A 621 15.37 17.81 32.03
C LEU A 621 15.18 18.84 33.14
N ASP A 622 14.65 20.00 32.76
CA ASP A 622 14.35 21.07 33.71
C ASP A 622 13.01 20.79 34.38
N SER A 623 12.87 21.23 35.64
CA SER A 623 11.61 21.10 36.37
C SER A 623 10.51 21.87 35.64
N ALA A 624 9.33 21.27 35.55
CA ALA A 624 8.16 21.94 34.99
C ALA A 624 7.78 23.19 35.81
N GLY A 625 8.03 23.14 37.10
CA GLY A 625 7.82 24.26 38.02
C GLY A 625 6.60 24.02 38.89
N PRO A 626 6.53 24.68 40.07
CA PRO A 626 5.37 24.50 40.94
C PRO A 626 4.04 24.91 40.27
N LEU A 627 3.10 23.98 40.23
CA LEU A 627 1.80 24.16 39.59
C LEU A 627 0.87 24.94 40.55
N PRO A 628 0.15 25.98 40.07
CA PRO A 628 -0.58 26.87 41.01
C PRO A 628 -1.76 26.23 41.78
N ASP A 629 -2.50 25.35 41.11
CA ASP A 629 -3.53 24.52 41.78
C ASP A 629 -2.97 23.69 42.93
N TYR A 630 -1.81 23.07 42.68
CA TYR A 630 -1.24 22.08 43.60
C TYR A 630 -0.62 22.67 44.88
N THR A 631 -1.25 22.38 46.02
CA THR A 631 -0.64 22.60 47.34
C THR A 631 -0.17 21.23 47.84
N PRO A 632 1.15 21.07 48.07
CA PRO A 632 1.64 19.75 48.53
C PRO A 632 1.27 19.46 49.98
N PRO A 633 1.37 18.18 50.39
CA PRO A 633 1.14 17.81 51.77
C PRO A 633 2.37 18.05 52.63
N GLU A 634 2.18 18.06 53.95
CA GLU A 634 3.27 18.11 54.92
C GLU A 634 3.54 16.70 55.42
N ILE A 635 4.81 16.31 55.45
CA ILE A 635 5.22 15.04 56.06
C ILE A 635 5.19 15.23 57.57
N PHE A 636 4.49 14.33 58.27
CA PHE A 636 4.53 14.26 59.73
C PHE A 636 5.06 12.91 60.18
N SER A 637 5.25 12.79 61.49
CA SER A 637 5.65 11.52 62.11
C SER A 637 5.18 11.45 63.55
N PHE A 638 5.18 10.24 64.10
CA PHE A 638 4.73 10.01 65.46
C PHE A 638 5.32 8.72 66.04
N GLU A 639 5.65 8.76 67.33
CA GLU A 639 6.16 7.58 68.03
C GLU A 639 5.00 6.65 68.36
N SER A 640 5.01 5.48 67.75
CA SER A 640 3.96 4.49 67.91
C SER A 640 4.17 3.70 69.21
N THR A 641 3.07 3.17 69.75
CA THR A 641 3.11 2.23 70.88
C THR A 641 3.79 0.90 70.52
N THR A 642 3.93 0.62 69.22
CA THR A 642 4.67 -0.53 68.70
C THR A 642 6.20 -0.38 68.76
N GLY A 643 6.69 0.83 69.04
CA GLY A 643 8.12 1.09 69.23
C GLY A 643 8.83 1.69 68.04
N PHE A 644 8.10 1.90 66.94
CA PHE A 644 8.65 2.47 65.71
C PHE A 644 8.14 3.88 65.49
N THR A 645 8.99 4.72 64.90
CA THR A 645 8.54 6.00 64.34
C THR A 645 7.79 5.69 63.04
N LEU A 646 6.55 6.15 62.93
CA LEU A 646 5.74 5.96 61.73
C LEU A 646 5.53 7.30 61.06
N TYR A 647 5.77 7.35 59.74
CA TYR A 647 5.66 8.56 58.96
C TYR A 647 4.33 8.63 58.22
N GLY A 648 3.88 9.86 57.97
CA GLY A 648 2.62 10.10 57.26
C GLY A 648 2.68 11.37 56.44
N MET A 649 1.62 11.60 55.66
CA MET A 649 1.44 12.84 54.87
C MET A 649 0.07 13.42 55.20
N LEU A 650 0.01 14.75 55.32
CA LEU A 650 -1.22 15.46 55.69
C LEU A 650 -1.52 16.53 54.65
N TYR A 651 -2.66 16.40 53.98
CA TYR A 651 -3.19 17.45 53.11
C TYR A 651 -4.23 18.21 53.91
N LYS A 652 -3.89 19.42 54.35
CA LYS A 652 -4.84 20.29 55.03
C LYS A 652 -5.89 20.76 54.02
N PRO A 653 -7.15 20.94 54.45
CA PRO A 653 -8.15 21.54 53.56
C PRO A 653 -7.74 22.95 53.11
N HIS A 654 -8.00 23.26 51.84
CA HIS A 654 -7.68 24.56 51.28
C HIS A 654 -8.67 25.59 51.79
N ASP A 655 -8.17 26.79 52.07
CA ASP A 655 -8.98 27.87 52.68
C ASP A 655 -9.59 27.39 54.01
N LEU A 656 -8.70 27.04 54.93
CA LEU A 656 -9.06 26.44 56.20
C LEU A 656 -9.77 27.48 57.08
N GLN A 657 -11.04 27.25 57.37
CA GLN A 657 -11.85 28.12 58.24
C GLN A 657 -11.58 27.76 59.70
N PRO A 658 -11.30 28.77 60.56
CA PRO A 658 -11.14 28.46 61.98
C PRO A 658 -12.49 28.18 62.65
N GLY A 659 -12.48 27.38 63.71
CA GLY A 659 -13.70 26.95 64.40
C GLY A 659 -14.60 26.05 63.57
N LYS A 660 -13.99 25.27 62.67
CA LYS A 660 -14.73 24.33 61.81
C LYS A 660 -13.94 23.04 61.62
N LYS A 661 -14.65 21.91 61.64
CA LYS A 661 -14.05 20.58 61.49
C LYS A 661 -14.48 19.93 60.18
N TYR A 662 -13.51 19.33 59.49
CA TYR A 662 -13.66 18.89 58.10
C TYR A 662 -13.66 17.37 57.98
N PRO A 663 -14.39 16.82 56.97
CA PRO A 663 -14.41 15.38 56.75
C PRO A 663 -13.05 14.89 56.26
N THR A 664 -12.66 13.69 56.71
CA THR A 664 -11.33 13.16 56.47
C THR A 664 -11.38 11.95 55.54
N VAL A 665 -10.43 11.88 54.61
CA VAL A 665 -10.26 10.75 53.70
C VAL A 665 -8.88 10.16 53.92
N LEU A 666 -8.82 8.92 54.39
CA LEU A 666 -7.58 8.19 54.56
C LEU A 666 -7.29 7.41 53.29
N PHE A 667 -6.37 7.91 52.47
CA PHE A 667 -5.85 7.12 51.35
C PHE A 667 -4.78 6.16 51.86
N ILE A 668 -4.91 4.88 51.48
CA ILE A 668 -4.08 3.81 52.02
C ILE A 668 -3.58 2.85 50.95
N TYR A 669 -2.34 2.42 51.11
CA TYR A 669 -1.85 1.20 50.47
C TYR A 669 -1.54 0.18 51.57
N GLY A 670 -0.52 0.47 52.39
CA GLY A 670 -0.25 -0.28 53.62
C GLY A 670 0.22 -1.72 53.47
N GLY A 671 0.88 -2.01 52.36
CA GLY A 671 1.29 -3.37 52.00
C GLY A 671 2.78 -3.45 51.77
N PRO A 672 3.32 -4.68 51.61
CA PRO A 672 4.75 -4.86 51.43
C PRO A 672 5.25 -4.35 50.08
N GLN A 673 6.55 -4.07 50.01
CA GLN A 673 7.25 -3.61 48.79
C GLN A 673 6.92 -2.17 48.33
N VAL A 674 6.20 -1.40 49.15
CA VAL A 674 5.80 -0.02 48.80
C VAL A 674 6.02 0.92 49.99
N GLN A 675 6.45 2.14 49.68
CA GLN A 675 6.48 3.26 50.61
C GLN A 675 5.76 4.44 49.95
N LEU A 676 4.62 4.84 50.50
CA LEU A 676 3.89 6.02 50.01
C LEU A 676 4.40 7.36 50.54
N VAL A 677 4.99 7.34 51.74
CA VAL A 677 5.37 8.56 52.46
C VAL A 677 6.87 8.76 52.35
N ASN A 678 7.23 9.77 51.57
CA ASN A 678 8.63 10.17 51.40
C ASN A 678 8.69 11.56 50.77
N ASN A 679 9.89 12.10 50.64
CA ASN A 679 10.12 13.45 50.13
C ASN A 679 10.28 13.41 48.62
N ARG A 680 9.14 13.22 47.93
CA ARG A 680 9.07 13.24 46.47
C ARG A 680 7.86 14.02 46.05
N PHE A 681 7.84 14.43 44.79
CA PHE A 681 6.71 15.18 44.25
C PHE A 681 5.50 14.26 44.05
N LYS A 682 4.43 14.53 44.78
CA LYS A 682 3.18 13.75 44.70
C LYS A 682 2.09 14.42 43.85
N GLY A 683 2.46 15.46 43.10
CA GLY A 683 1.52 16.20 42.25
C GLY A 683 1.25 15.67 40.85
N VAL A 684 1.83 14.51 40.51
CA VAL A 684 1.49 13.81 39.27
C VAL A 684 0.49 12.68 39.60
N LYS A 685 0.99 11.62 40.22
CA LYS A 685 0.22 10.39 40.44
C LYS A 685 -0.87 10.56 41.49
N TYR A 686 -0.57 11.31 42.55
CA TYR A 686 -1.51 11.60 43.63
C TYR A 686 -2.02 13.06 43.58
N PHE A 687 -2.23 13.55 42.36
CA PHE A 687 -2.77 14.90 42.14
C PHE A 687 -4.19 15.07 42.68
N ARG A 688 -4.97 14.00 42.65
CA ARG A 688 -6.36 14.05 43.11
C ARG A 688 -6.54 14.07 44.63
N LEU A 689 -5.49 13.75 45.39
CA LEU A 689 -5.51 14.00 46.83
C LEU A 689 -5.55 15.50 47.11
N ASN A 690 -4.80 16.26 46.32
CA ASN A 690 -4.86 17.73 46.36
C ASN A 690 -6.25 18.25 45.95
N THR A 691 -6.84 17.63 44.92
CA THR A 691 -8.21 17.96 44.49
C THR A 691 -9.23 17.75 45.61
N LEU A 692 -9.07 16.66 46.37
CA LEU A 692 -9.91 16.40 47.54
C LEU A 692 -9.71 17.47 48.62
N ALA A 693 -8.45 17.84 48.85
CA ALA A 693 -8.12 18.95 49.75
C ALA A 693 -8.73 20.29 49.30
N SER A 694 -8.73 20.54 47.99
CA SER A 694 -9.32 21.77 47.42
C SER A 694 -10.84 21.90 47.59
N LEU A 695 -11.53 20.79 47.85
CA LEU A 695 -12.98 20.79 48.07
C LEU A 695 -13.39 20.72 49.54
N GLY A 696 -12.41 20.54 50.43
CA GLY A 696 -12.65 20.55 51.87
C GLY A 696 -12.43 19.24 52.62
N TYR A 697 -11.84 18.24 51.99
CA TYR A 697 -11.48 17.00 52.70
C TYR A 697 -10.07 17.13 53.28
N VAL A 698 -9.90 16.72 54.53
CA VAL A 698 -8.59 16.40 55.07
C VAL A 698 -8.20 15.09 54.37
N VAL A 699 -6.97 15.01 53.88
CA VAL A 699 -6.45 13.76 53.30
C VAL A 699 -5.21 13.31 54.08
N VAL A 700 -5.23 12.05 54.51
CA VAL A 700 -4.15 11.46 55.32
C VAL A 700 -3.62 10.22 54.60
N VAL A 701 -2.31 10.02 54.68
CA VAL A 701 -1.64 8.81 54.22
C VAL A 701 -0.63 8.43 55.29
N ILE A 702 -0.60 7.16 55.68
CA ILE A 702 0.31 6.65 56.71
C ILE A 702 0.94 5.36 56.19
N ASP A 703 2.27 5.28 56.32
CA ASP A 703 3.00 4.05 56.06
C ASP A 703 3.06 3.24 57.35
N ASN A 704 2.11 2.33 57.49
CA ASN A 704 2.07 1.40 58.62
C ASN A 704 3.20 0.37 58.59
N ARG A 705 3.34 -0.36 59.68
CA ARG A 705 4.27 -1.50 59.77
C ARG A 705 3.99 -2.50 58.66
N GLY A 706 5.04 -3.00 58.03
CA GLY A 706 4.92 -3.88 56.87
C GLY A 706 5.38 -3.24 55.57
N SER A 707 5.25 -1.91 55.47
CA SER A 707 5.77 -1.14 54.34
C SER A 707 7.31 -1.20 54.30
N CME A 708 7.90 -0.70 53.24
CA CME A 708 9.33 -0.92 52.98
CB CME A 708 9.47 -1.61 51.61
SG CME A 708 9.80 -0.57 50.24
SD CME A 708 10.85 -1.90 49.16
CE CME A 708 10.51 -1.43 47.50
CZ CME A 708 11.80 -1.17 46.73
OH CME A 708 11.81 0.16 46.19
C CME A 708 10.16 0.32 53.20
O CME A 708 9.65 1.39 53.55
N HIS A 709 11.48 0.15 53.01
CA HIS A 709 12.52 1.15 53.32
C HIS A 709 12.73 1.43 54.81
N ARG A 710 12.42 0.43 55.66
CA ARG A 710 12.65 0.52 57.10
C ARG A 710 13.27 -0.75 57.70
N GLY A 711 13.84 -1.60 56.85
CA GLY A 711 14.47 -2.84 57.28
C GLY A 711 13.52 -4.02 57.37
N LEU A 712 14.10 -5.21 57.50
CA LEU A 712 13.35 -6.46 57.42
C LEU A 712 12.42 -6.71 58.61
N LYS A 713 12.84 -6.33 59.82
CA LYS A 713 12.03 -6.54 61.02
C LYS A 713 10.74 -5.72 60.98
N PHE A 714 10.86 -4.47 60.56
CA PHE A 714 9.70 -3.58 60.33
C PHE A 714 8.76 -4.14 59.25
N GLU A 715 9.33 -4.62 58.15
CA GLU A 715 8.56 -5.25 57.07
C GLU A 715 7.94 -6.57 57.53
N GLY A 716 8.67 -7.31 58.36
CA GLY A 716 8.22 -8.61 58.88
C GLY A 716 7.13 -8.59 59.94
N ALA A 717 6.68 -7.41 60.37
CA ALA A 717 5.65 -7.28 61.41
C ALA A 717 4.35 -8.04 61.11
N PHE A 718 3.92 -8.07 59.85
CA PHE A 718 2.69 -8.79 59.47
C PHE A 718 2.89 -10.21 58.89
N LYS A 719 4.06 -10.82 59.10
CA LYS A 719 4.24 -12.21 58.64
C LYS A 719 3.19 -13.11 59.31
N TYR A 720 2.53 -13.92 58.47
CA TYR A 720 1.41 -14.80 58.86
C TYR A 720 0.14 -14.06 59.32
N LYS A 721 0.15 -12.73 59.35
CA LYS A 721 -0.86 -11.93 60.06
C LYS A 721 -1.39 -10.76 59.21
N MET A 722 -1.28 -10.86 57.88
CA MET A 722 -1.72 -9.78 56.99
C MET A 722 -3.19 -9.43 57.23
N GLY A 723 -3.48 -8.13 57.27
CA GLY A 723 -4.81 -7.62 57.64
C GLY A 723 -5.11 -7.40 59.11
N GLN A 724 -4.26 -7.91 60.01
CA GLN A 724 -4.53 -7.88 61.45
C GLN A 724 -3.94 -6.68 62.20
N ILE A 725 -2.82 -6.13 61.73
CA ILE A 725 -2.09 -5.06 62.44
C ILE A 725 -2.13 -3.67 61.77
N GLU A 726 -2.48 -3.61 60.49
CA GLU A 726 -2.29 -2.40 59.69
C GLU A 726 -3.20 -1.26 60.10
N ILE A 727 -4.46 -1.59 60.41
CA ILE A 727 -5.45 -0.58 60.78
C ILE A 727 -5.18 0.03 62.17
N ASP A 728 -4.52 -0.71 63.06
CA ASP A 728 -4.08 -0.15 64.35
C ASP A 728 -3.14 1.05 64.14
N ASP A 729 -2.15 0.87 63.27
CA ASP A 729 -1.20 1.92 62.91
C ASP A 729 -1.90 3.12 62.26
N GLN A 730 -2.81 2.83 61.35
CA GLN A 730 -3.56 3.87 60.64
C GLN A 730 -4.43 4.69 61.59
N VAL A 731 -5.13 4.02 62.49
CA VAL A 731 -5.98 4.69 63.48
C VAL A 731 -5.14 5.48 64.50
N GLU A 732 -4.03 4.90 64.94
CA GLU A 732 -3.10 5.56 65.87
C GLU A 732 -2.60 6.88 65.29
N GLY A 733 -2.12 6.84 64.05
CA GLY A 733 -1.66 8.04 63.34
C GLY A 733 -2.77 9.03 63.07
N LEU A 734 -3.96 8.53 62.79
CA LEU A 734 -5.15 9.35 62.58
C LEU A 734 -5.60 10.04 63.88
N GLN A 735 -5.50 9.33 65.01
CA GLN A 735 -5.81 9.90 66.33
C GLN A 735 -4.75 10.89 66.83
N TYR A 736 -3.48 10.63 66.50
CA TYR A 736 -2.39 11.59 66.75
C TYR A 736 -2.69 12.95 66.08
N LEU A 737 -3.10 12.90 64.82
CA LEU A 737 -3.45 14.10 64.06
C LEU A 737 -4.68 14.84 64.60
N ALA A 738 -5.68 14.10 65.06
CA ALA A 738 -6.94 14.70 65.55
C ALA A 738 -6.79 15.48 66.85
N SER A 739 -5.98 14.96 67.78
CA SER A 739 -5.66 15.65 69.03
C SER A 739 -4.78 16.89 68.81
N ARG A 740 -3.89 16.82 67.82
CA ARG A 740 -3.01 17.93 67.44
C ARG A 740 -3.73 18.97 66.58
N TYR A 741 -4.53 18.50 65.62
CA TYR A 741 -5.30 19.36 64.71
C TYR A 741 -6.80 19.19 64.95
N ASP A 742 -7.42 20.19 65.56
CA ASP A 742 -8.86 20.17 65.85
C ASP A 742 -9.78 20.27 64.62
N PHE A 743 -9.23 20.62 63.44
CA PHE A 743 -10.01 20.63 62.20
C PHE A 743 -10.36 19.23 61.62
N ILE A 744 -9.77 18.17 62.16
CA ILE A 744 -10.10 16.80 61.75
C ILE A 744 -11.37 16.31 62.45
N ASP A 745 -12.44 16.14 61.68
CA ASP A 745 -13.70 15.56 62.17
C ASP A 745 -13.63 14.03 62.13
N LEU A 746 -13.39 13.41 63.28
CA LEU A 746 -13.35 11.95 63.40
C LEU A 746 -14.69 11.24 63.21
N ASP A 747 -15.80 11.97 63.29
CA ASP A 747 -17.13 11.42 62.99
C ASP A 747 -17.38 11.15 61.49
N ARG A 748 -16.54 11.74 60.62
CA ARG A 748 -16.67 11.58 59.17
C ARG A 748 -15.33 11.24 58.52
N VAL A 749 -14.87 10.02 58.76
CA VAL A 749 -13.65 9.47 58.16
C VAL A 749 -14.02 8.47 57.07
N GLY A 750 -13.45 8.67 55.88
CA GLY A 750 -13.54 7.70 54.78
C GLY A 750 -12.17 7.05 54.55
N ILE A 751 -12.17 5.84 54.02
CA ILE A 751 -10.93 5.14 53.68
C ILE A 751 -11.00 4.62 52.24
N HIS A 752 -9.89 4.73 51.51
CA HIS A 752 -9.83 4.34 50.09
C HIS A 752 -8.44 3.86 49.70
N GLY A 753 -8.39 2.78 48.93
CA GLY A 753 -7.15 2.25 48.41
C GLY A 753 -7.39 1.23 47.32
N TRP A 754 -6.32 0.89 46.60
CA TRP A 754 -6.36 -0.09 45.52
C TRP A 754 -5.51 -1.30 45.86
N SER A 755 -5.95 -2.46 45.38
CA SER A 755 -5.25 -3.72 45.57
C SER A 755 -5.05 -4.00 47.07
N TYR A 756 -3.82 -4.05 47.58
CA TYR A 756 -3.61 -4.14 49.04
C TYR A 756 -4.31 -3.01 49.79
N GLY A 757 -4.36 -1.83 49.20
CA GLY A 757 -5.11 -0.70 49.74
C GLY A 757 -6.61 -0.93 49.85
N GLY A 758 -7.15 -1.65 48.88
CA GLY A 758 -8.56 -2.02 48.86
C GLY A 758 -8.84 -3.11 49.88
N TYR A 759 -7.94 -4.09 49.95
CA TYR A 759 -7.92 -5.11 50.99
C TYR A 759 -8.03 -4.49 52.39
N LEU A 760 -7.14 -3.54 52.68
CA LEU A 760 -7.15 -2.86 53.98
C LEU A 760 -8.35 -1.94 54.18
N SER A 761 -8.87 -1.37 53.09
CA SER A 761 -10.10 -0.58 53.17
C SER A 761 -11.29 -1.42 53.65
N LEU A 762 -11.36 -2.66 53.20
CA LEU A 762 -12.36 -3.63 53.68
C LEU A 762 -12.07 -4.05 55.12
N MET A 763 -10.81 -4.32 55.44
CA MET A 763 -10.41 -4.65 56.83
C MET A 763 -10.74 -3.53 57.80
N ALA A 764 -10.56 -2.29 57.35
CA ALA A 764 -10.88 -1.11 58.14
C ALA A 764 -12.36 -1.01 58.50
N LEU A 765 -13.22 -1.20 57.50
CA LEU A 765 -14.67 -1.17 57.72
C LEU A 765 -15.17 -2.36 58.54
N MET A 766 -14.55 -3.53 58.35
CA MET A 766 -14.90 -4.74 59.07
C MET A 766 -14.49 -4.67 60.54
N GLN A 767 -13.21 -4.35 60.76
CA GLN A 767 -12.63 -4.30 62.11
C GLN A 767 -13.02 -3.06 62.90
N ARG A 768 -13.06 -1.91 62.24
CA ARG A 768 -13.20 -0.61 62.90
C ARG A 768 -14.28 0.26 62.25
N SER A 769 -15.52 -0.22 62.29
CA SER A 769 -16.68 0.55 61.82
C SER A 769 -16.97 1.79 62.69
N ASP A 770 -16.51 1.75 63.95
CA ASP A 770 -16.52 2.92 64.83
C ASP A 770 -15.70 4.13 64.31
N ILE A 771 -14.60 3.86 63.62
CA ILE A 771 -13.71 4.89 63.06
C ILE A 771 -14.15 5.32 61.66
N PHE A 772 -14.31 4.33 60.78
CA PHE A 772 -14.47 4.59 59.33
C PHE A 772 -15.93 4.53 58.88
N ARG A 773 -16.43 5.67 58.42
CA ARG A 773 -17.83 5.80 57.96
C ARG A 773 -18.07 5.12 56.62
N VAL A 774 -17.18 5.36 55.67
CA VAL A 774 -17.26 4.77 54.35
C VAL A 774 -15.93 4.10 54.00
N ALA A 775 -16.01 3.05 53.18
CA ALA A 775 -14.82 2.36 52.67
C ALA A 775 -14.99 2.13 51.17
N ILE A 776 -14.02 2.59 50.39
CA ILE A 776 -14.00 2.41 48.93
C ILE A 776 -12.84 1.46 48.59
N ALA A 777 -13.17 0.20 48.36
CA ALA A 777 -12.18 -0.86 48.15
C ALA A 777 -11.97 -1.15 46.66
N GLY A 778 -10.79 -0.81 46.16
CA GLY A 778 -10.42 -1.02 44.76
C GLY A 778 -9.68 -2.34 44.55
N ALA A 779 -10.22 -3.18 43.67
CA ALA A 779 -9.63 -4.48 43.31
C ALA A 779 -9.02 -5.25 44.50
N PRO A 780 -9.82 -5.50 45.55
CA PRO A 780 -9.30 -6.06 46.78
C PRO A 780 -9.11 -7.57 46.74
N VAL A 781 -8.17 -8.06 47.55
CA VAL A 781 -8.10 -9.47 47.89
C VAL A 781 -9.10 -9.68 49.01
N THR A 782 -10.13 -10.48 48.72
CA THR A 782 -11.10 -10.90 49.72
C THR A 782 -10.91 -12.35 50.21
N LEU A 783 -9.94 -13.07 49.65
CA LEU A 783 -9.78 -14.50 49.89
C LEU A 783 -8.38 -14.93 49.46
N TRP A 784 -7.51 -15.23 50.42
CA TRP A 784 -6.10 -15.52 50.15
C TRP A 784 -5.86 -16.82 49.37
N ILE A 785 -6.79 -17.77 49.46
CA ILE A 785 -6.69 -19.01 48.67
C ILE A 785 -6.75 -18.77 47.15
N PHE A 786 -7.39 -17.68 46.73
CA PHE A 786 -7.39 -17.26 45.32
C PHE A 786 -6.07 -16.68 44.81
N TYR A 787 -5.24 -16.12 45.70
CA TYR A 787 -4.00 -15.48 45.26
C TYR A 787 -2.86 -16.48 45.09
N ASP A 788 -1.79 -16.05 44.43
CA ASP A 788 -0.75 -16.97 43.94
C ASP A 788 0.28 -17.42 44.98
N THR A 789 1.06 -18.42 44.58
CA THR A 789 2.12 -19.01 45.39
C THR A 789 3.20 -18.01 45.81
N GLY A 790 3.82 -17.38 44.82
CA GLY A 790 4.99 -16.52 45.04
C GLY A 790 4.79 -15.41 46.07
N TYR A 791 3.62 -14.80 46.06
CA TYR A 791 3.30 -13.70 46.98
C TYR A 791 2.79 -14.23 48.31
N THR A 792 1.73 -15.03 48.25
CA THR A 792 0.99 -15.42 49.45
C THR A 792 1.81 -16.28 50.40
N GLU A 793 2.53 -17.28 49.87
CA GLU A 793 3.35 -18.15 50.69
C GLU A 793 4.55 -17.45 51.32
N ARG A 794 5.04 -16.40 50.65
CA ARG A 794 6.13 -15.58 51.16
C ARG A 794 5.74 -14.85 52.43
N TYR A 795 4.57 -14.21 52.41
CA TYR A 795 4.10 -13.39 53.53
C TYR A 795 3.20 -14.14 54.52
N MET A 796 2.42 -15.12 54.03
CA MET A 796 1.44 -15.86 54.84
C MET A 796 1.70 -17.36 55.01
N GLY A 797 2.74 -17.90 54.37
CA GLY A 797 3.00 -19.34 54.40
C GLY A 797 1.98 -20.18 53.64
N HIS A 798 2.13 -21.50 53.77
CA HIS A 798 1.20 -22.47 53.18
C HIS A 798 -0.14 -22.40 53.94
N PRO A 799 -1.29 -22.53 53.25
CA PRO A 799 -2.61 -22.41 53.93
C PRO A 799 -2.82 -23.32 55.15
N ASP A 800 -2.34 -24.56 55.07
CA ASP A 800 -2.44 -25.52 56.17
C ASP A 800 -1.59 -25.17 57.41
N GLN A 801 -0.51 -24.41 57.21
CA GLN A 801 0.36 -23.95 58.31
C GLN A 801 -0.03 -22.57 58.87
N ASN A 802 -1.16 -22.03 58.43
CA ASN A 802 -1.66 -20.74 58.89
C ASN A 802 -3.16 -20.64 58.67
N GLU A 803 -3.89 -21.59 59.27
CA GLU A 803 -5.35 -21.67 59.08
C GLU A 803 -6.08 -20.43 59.60
N GLN A 804 -5.66 -19.93 60.76
CA GLN A 804 -6.28 -18.75 61.37
C GLN A 804 -5.91 -17.46 60.66
N GLY A 805 -4.65 -17.32 60.24
CA GLY A 805 -4.20 -16.13 59.50
C GLY A 805 -4.89 -15.97 58.16
N TYR A 806 -4.99 -17.08 57.42
CA TYR A 806 -5.78 -17.13 56.19
C TYR A 806 -7.26 -16.82 56.43
N TYR A 807 -7.82 -17.33 57.54
CA TYR A 807 -9.22 -17.05 57.88
C TYR A 807 -9.40 -15.57 58.20
N LEU A 808 -8.65 -15.09 59.21
CA LEU A 808 -8.71 -13.68 59.64
C LEU A 808 -8.35 -12.69 58.54
N GLY A 809 -7.43 -13.09 57.66
CA GLY A 809 -7.02 -12.27 56.52
C GLY A 809 -7.93 -12.28 55.30
N SER A 810 -8.99 -13.09 55.32
CA SER A 810 -9.92 -13.21 54.21
C SER A 810 -11.28 -12.62 54.57
N VAL A 811 -11.57 -11.42 54.06
CA VAL A 811 -12.83 -10.73 54.42
C VAL A 811 -14.08 -11.44 53.92
N ALA A 812 -13.96 -12.20 52.83
CA ALA A 812 -15.09 -12.98 52.29
C ALA A 812 -15.58 -14.09 53.23
N MET A 813 -14.68 -14.63 54.07
CA MET A 813 -15.08 -15.57 55.13
C MET A 813 -15.76 -14.91 56.34
N GLN A 814 -15.73 -13.57 56.38
CA GLN A 814 -16.24 -12.79 57.53
C GLN A 814 -17.26 -11.74 57.07
N ALA A 815 -18.16 -12.13 56.18
CA ALA A 815 -19.17 -11.23 55.61
C ALA A 815 -20.13 -10.68 56.65
N GLU A 816 -20.51 -11.53 57.61
CA GLU A 816 -21.36 -11.14 58.76
C GLU A 816 -20.85 -9.95 59.59
N LYS A 817 -19.53 -9.75 59.61
CA LYS A 817 -18.90 -8.65 60.36
C LYS A 817 -18.96 -7.28 59.68
N PHE A 818 -19.41 -7.20 58.43
CA PHE A 818 -19.58 -5.92 57.73
C PHE A 818 -20.81 -5.16 58.24
N PRO A 819 -20.89 -3.85 57.98
CA PRO A 819 -22.02 -3.06 58.52
C PRO A 819 -23.37 -3.40 57.89
N SER A 820 -24.43 -3.38 58.71
CA SER A 820 -25.80 -3.54 58.21
C SER A 820 -26.42 -2.24 57.68
N GLU A 821 -25.72 -1.11 57.84
CA GLU A 821 -26.14 0.15 57.22
C GLU A 821 -25.57 0.25 55.78
N PRO A 822 -26.40 0.68 54.81
CA PRO A 822 -25.90 0.88 53.45
C PRO A 822 -25.15 2.20 53.30
N ASN A 823 -24.65 2.46 52.09
CA ASN A 823 -23.84 3.67 51.78
C ASN A 823 -22.51 3.78 52.55
N ARG A 824 -21.96 2.64 52.98
CA ARG A 824 -20.68 2.59 53.68
C ARG A 824 -19.61 1.73 52.99
N LEU A 825 -20.02 0.90 52.03
CA LEU A 825 -19.14 -0.07 51.38
C LEU A 825 -19.29 0.07 49.87
N LEU A 826 -18.18 0.42 49.21
CA LEU A 826 -18.13 0.52 47.75
C LEU A 826 -16.99 -0.37 47.26
N LEU A 827 -17.34 -1.35 46.43
CA LEU A 827 -16.36 -2.22 45.78
C LEU A 827 -16.15 -1.74 44.35
N LEU A 828 -14.88 -1.64 43.96
CA LEU A 828 -14.48 -1.32 42.59
C LEU A 828 -13.58 -2.44 42.09
N HIS A 829 -13.74 -2.83 40.82
CA HIS A 829 -12.91 -3.91 40.26
C HIS A 829 -12.88 -3.85 38.74
N GLY A 830 -11.70 -4.07 38.16
CA GLY A 830 -11.56 -4.31 36.73
C GLY A 830 -12.07 -5.70 36.41
N PHE A 831 -12.97 -5.80 35.43
CA PHE A 831 -13.64 -7.06 35.10
C PHE A 831 -12.69 -8.12 34.50
N LEU A 832 -11.64 -7.64 33.83
CA LEU A 832 -10.71 -8.50 33.09
C LEU A 832 -9.43 -8.82 33.87
N ASP A 833 -9.47 -8.66 35.19
CA ASP A 833 -8.30 -8.74 36.05
C ASP A 833 -7.83 -10.19 36.14
N GLU A 834 -6.58 -10.42 35.71
CA GLU A 834 -5.93 -11.74 35.76
C GLU A 834 -4.97 -11.91 36.94
N ASN A 835 -4.76 -10.83 37.70
CA ASN A 835 -3.90 -10.81 38.87
C ASN A 835 -4.77 -11.04 40.11
N VAL A 836 -5.58 -10.04 40.46
CA VAL A 836 -6.60 -10.16 41.50
C VAL A 836 -7.92 -10.42 40.77
N HIS A 837 -8.23 -11.71 40.59
CA HIS A 837 -9.38 -12.15 39.81
C HIS A 837 -10.67 -11.50 40.31
N PHE A 838 -11.59 -11.19 39.40
CA PHE A 838 -12.88 -10.59 39.76
C PHE A 838 -13.71 -11.44 40.75
N ALA A 839 -13.37 -12.72 40.84
CA ALA A 839 -14.00 -13.67 41.75
C ALA A 839 -13.83 -13.29 43.22
N HIS A 840 -12.74 -12.59 43.55
CA HIS A 840 -12.57 -11.96 44.86
C HIS A 840 -13.79 -11.09 45.21
N THR A 841 -14.19 -10.24 44.27
CA THR A 841 -15.38 -9.42 44.45
C THR A 841 -16.65 -10.28 44.35
N SER A 842 -16.72 -11.14 43.33
CA SER A 842 -17.94 -11.93 43.11
C SER A 842 -18.26 -12.86 44.29
N ILE A 843 -17.24 -13.48 44.87
CA ILE A 843 -17.43 -14.34 46.04
C ILE A 843 -17.72 -13.54 47.32
N LEU A 844 -17.09 -12.38 47.48
CA LEU A 844 -17.42 -11.48 48.59
C LEU A 844 -18.89 -11.09 48.53
N LEU A 845 -19.33 -10.69 47.34
CA LEU A 845 -20.74 -10.34 47.12
C LEU A 845 -21.67 -11.50 47.43
N SER A 846 -21.28 -12.70 47.01
CA SER A 846 -22.04 -13.92 47.29
C SER A 846 -22.31 -14.08 48.79
N PHE A 847 -21.27 -13.91 49.61
CA PHE A 847 -21.39 -14.06 51.07
C PHE A 847 -22.07 -12.85 51.75
N LEU A 848 -21.90 -11.66 51.18
CA LEU A 848 -22.65 -10.47 51.64
C LEU A 848 -24.16 -10.64 51.41
N VAL A 849 -24.52 -11.18 50.25
CA VAL A 849 -25.92 -11.50 49.94
C VAL A 849 -26.48 -12.56 50.91
N ARG A 850 -25.71 -13.62 51.18
CA ARG A 850 -26.11 -14.63 52.16
C ARG A 850 -26.28 -14.06 53.58
N ALA A 851 -25.39 -13.13 53.95
CA ALA A 851 -25.44 -12.48 55.27
C ALA A 851 -26.41 -11.29 55.37
N GLY A 852 -27.14 -10.98 54.30
CA GLY A 852 -28.09 -9.87 54.29
C GLY A 852 -27.49 -8.46 54.36
N LYS A 853 -26.25 -8.32 53.90
CA LYS A 853 -25.51 -7.06 54.02
C LYS A 853 -25.57 -6.24 52.73
N PRO A 854 -25.65 -4.90 52.86
CA PRO A 854 -25.68 -4.04 51.68
C PRO A 854 -24.29 -3.76 51.12
N TYR A 855 -24.25 -3.43 49.83
CA TYR A 855 -23.01 -3.04 49.17
C TYR A 855 -23.31 -2.14 47.97
N ASP A 856 -22.32 -1.35 47.58
CA ASP A 856 -22.31 -0.68 46.28
C ASP A 856 -21.16 -1.26 45.45
N LEU A 857 -21.36 -1.26 44.13
CA LEU A 857 -20.41 -1.89 43.21
C LEU A 857 -20.25 -1.06 41.94
N GLN A 858 -19.02 -0.94 41.48
CA GLN A 858 -18.73 -0.41 40.15
C GLN A 858 -17.72 -1.31 39.47
N ILE A 859 -18.05 -1.75 38.27
CA ILE A 859 -17.16 -2.55 37.44
C ILE A 859 -16.57 -1.66 36.34
N TYR A 860 -15.31 -1.92 35.99
CA TYR A 860 -14.65 -1.31 34.82
C TYR A 860 -14.40 -2.44 33.81
N PRO A 861 -15.39 -2.70 32.89
CA PRO A 861 -15.35 -3.87 32.00
C PRO A 861 -14.18 -3.99 31.02
N GLN A 862 -13.47 -2.89 30.76
CA GLN A 862 -12.30 -2.91 29.86
C GLN A 862 -10.95 -2.98 30.57
N GLU A 863 -10.95 -3.13 31.89
CA GLU A 863 -9.74 -3.01 32.68
C GLU A 863 -9.31 -4.33 33.32
N ARG A 864 -8.00 -4.45 33.56
CA ARG A 864 -7.40 -5.60 34.25
C ARG A 864 -6.99 -5.03 35.62
N HIS A 865 -5.87 -5.45 36.19
CA HIS A 865 -5.38 -4.86 37.46
C HIS A 865 -4.66 -3.52 37.23
N SER A 866 -5.37 -2.61 36.58
CA SER A 866 -4.83 -1.33 36.11
C SER A 866 -5.95 -0.58 35.42
N ILE A 867 -5.81 0.74 35.31
CA ILE A 867 -6.74 1.58 34.54
C ILE A 867 -5.96 2.25 33.42
N ARG A 868 -6.18 1.78 32.19
CA ARG A 868 -5.47 2.25 30.99
C ARG A 868 -6.32 3.08 30.02
N VAL A 869 -7.59 2.71 29.85
CA VAL A 869 -8.50 3.49 29.00
C VAL A 869 -8.89 4.78 29.74
N PRO A 870 -8.63 5.96 29.14
CA PRO A 870 -8.91 7.26 29.77
C PRO A 870 -10.32 7.40 30.36
N GLU A 871 -11.32 6.92 29.64
CA GLU A 871 -12.73 7.01 30.07
C GLU A 871 -12.99 6.25 31.39
N SER A 872 -12.28 5.15 31.61
CA SER A 872 -12.42 4.38 32.85
C SER A 872 -11.95 5.19 34.04
N GLY A 873 -10.74 5.75 33.93
CA GLY A 873 -10.16 6.62 34.96
C GLY A 873 -11.00 7.85 35.26
N GLU A 874 -11.52 8.49 34.23
CA GLU A 874 -12.41 9.65 34.37
C GLU A 874 -13.70 9.31 35.12
N HIS A 875 -14.29 8.17 34.78
CA HIS A 875 -15.50 7.67 35.45
C HIS A 875 -15.24 7.29 36.91
N TYR A 876 -14.12 6.62 37.15
CA TYR A 876 -13.68 6.25 38.49
C TYR A 876 -13.52 7.46 39.41
N GLU A 877 -12.79 8.47 38.93
CA GLU A 877 -12.57 9.70 39.68
C GLU A 877 -13.87 10.44 39.94
N LEU A 878 -14.71 10.51 38.91
CA LEU A 878 -16.02 11.15 39.00
C LEU A 878 -16.94 10.46 40.00
N HIS A 879 -17.04 9.14 39.89
CA HIS A 879 -17.89 8.36 40.78
C HIS A 879 -17.42 8.39 42.22
N LEU A 880 -16.11 8.27 42.42
CA LEU A 880 -15.51 8.32 43.75
C LEU A 880 -15.77 9.66 44.43
N LEU A 881 -15.51 10.74 43.71
CA LEU A 881 -15.71 12.09 44.22
C LEU A 881 -17.18 12.35 44.57
N HIS A 882 -18.07 11.89 43.71
CA HIS A 882 -19.51 11.96 43.95
C HIS A 882 -19.98 11.09 45.11
N TYR A 883 -19.38 9.91 45.25
CA TYR A 883 -19.70 9.00 46.36
C TYR A 883 -19.32 9.63 47.70
N LEU A 884 -18.10 10.15 47.78
CA LEU A 884 -17.61 10.84 48.98
C LEU A 884 -18.48 12.04 49.36
N GLN A 885 -18.92 12.78 48.34
CA GLN A 885 -19.81 13.91 48.54
C GLN A 885 -21.12 13.47 49.19
N GLU A 886 -21.80 12.52 48.56
CA GLU A 886 -23.12 12.08 48.97
C GLU A 886 -23.16 11.26 50.26
N ASN A 887 -22.06 10.60 50.61
CA ASN A 887 -22.04 9.66 51.73
C ASN A 887 -21.02 9.95 52.85
N LEU A 888 -20.26 11.05 52.72
CA LEU A 888 -19.32 11.47 53.75
C LEU A 888 -19.29 12.99 53.93
N GLY A 889 -18.93 13.70 52.87
CA GLY A 889 -18.62 15.13 52.93
C GLY A 889 -19.80 16.08 53.10
N SER A 890 -20.78 15.96 52.20
CA SER A 890 -21.82 16.98 52.06
C SER A 890 -22.82 17.05 53.22
N ARG A 891 -23.67 18.07 53.15
CA ARG A 891 -24.74 18.30 54.13
C ARG A 891 -25.82 17.20 54.07
N ILE A 892 -26.19 16.80 52.85
CA ILE A 892 -27.14 15.69 52.65
C ILE A 892 -26.59 14.36 53.21
N ALA A 893 -25.28 14.17 53.14
CA ALA A 893 -24.63 12.98 53.75
C ALA A 893 -24.84 12.88 55.27
N ALA A 894 -24.85 14.02 55.96
CA ALA A 894 -25.10 14.07 57.40
C ALA A 894 -26.56 13.72 57.73
N LEU A 895 -27.49 14.26 56.95
CA LEU A 895 -28.93 13.95 57.08
C LEU A 895 -29.28 12.48 56.83
N LYS A 896 -28.52 11.83 55.95
CA LYS A 896 -28.81 10.48 55.47
C LYS A 896 -28.81 9.38 56.55
N VAL A 897 -28.06 9.57 57.63
CA VAL A 897 -27.98 8.57 58.71
C VAL A 897 -29.32 8.45 59.46
N LEU B 48 38.53 27.37 -12.97
CA LEU B 48 37.78 26.58 -14.00
C LEU B 48 36.38 27.17 -14.26
N GLU B 49 36.11 27.51 -15.53
CA GLU B 49 34.83 28.13 -15.93
C GLU B 49 33.90 27.10 -16.58
N PRO B 50 32.57 27.28 -16.45
CA PRO B 50 31.67 26.27 -17.02
C PRO B 50 31.55 26.34 -18.54
N PHE B 51 31.77 25.20 -19.21
CA PHE B 51 31.43 25.06 -20.63
C PHE B 51 29.92 24.86 -20.74
N TYR B 52 29.31 25.62 -21.66
CA TYR B 52 27.88 25.50 -21.96
C TYR B 52 27.72 24.96 -23.38
N VAL B 53 26.84 23.98 -23.54
CA VAL B 53 26.60 23.34 -24.84
C VAL B 53 25.86 24.30 -25.78
N GLU B 54 26.07 24.12 -27.08
CA GLU B 54 25.42 24.95 -28.09
C GLU B 54 23.91 24.75 -28.03
N ARG B 55 23.19 25.83 -27.79
CA ARG B 55 21.73 25.79 -27.66
C ARG B 55 21.07 25.76 -29.04
N TYR B 56 20.87 24.55 -29.55
CA TYR B 56 20.16 24.34 -30.82
C TYR B 56 18.65 24.31 -30.57
N SER B 57 17.88 24.57 -31.62
CA SER B 57 16.43 24.44 -31.59
C SER B 57 16.03 22.98 -31.75
N TRP B 58 14.75 22.68 -31.50
CA TRP B 58 14.18 21.35 -31.68
C TRP B 58 14.40 20.84 -33.09
N SER B 59 14.09 21.68 -34.08
CA SER B 59 14.27 21.35 -35.50
C SER B 59 15.74 21.16 -35.90
N GLN B 60 16.63 21.93 -35.30
CA GLN B 60 18.07 21.81 -35.55
C GLN B 60 18.65 20.52 -34.97
N LEU B 61 18.22 20.17 -33.75
CA LEU B 61 18.60 18.91 -33.12
C LEU B 61 18.04 17.70 -33.88
N LYS B 62 16.84 17.83 -34.42
CA LYS B 62 16.24 16.79 -35.27
C LYS B 62 17.12 16.49 -36.49
N LYS B 63 17.57 17.55 -37.16
CA LYS B 63 18.43 17.43 -38.33
C LYS B 63 19.81 16.85 -37.96
N LEU B 64 20.41 17.37 -36.90
CA LEU B 64 21.70 16.90 -36.39
C LEU B 64 21.67 15.39 -36.14
N LEU B 65 20.61 14.93 -35.49
CA LEU B 65 20.40 13.50 -35.22
C LEU B 65 20.12 12.72 -36.51
N ALA B 66 19.29 13.28 -37.38
CA ALA B 66 18.94 12.64 -38.66
C ALA B 66 20.14 12.44 -39.60
N ASP B 67 21.05 13.42 -39.63
CA ASP B 67 22.27 13.33 -40.43
C ASP B 67 23.22 12.26 -39.90
N THR B 68 23.48 12.31 -38.60
CA THR B 68 24.36 11.35 -37.92
C THR B 68 23.81 9.91 -37.88
N ARG B 69 22.49 9.77 -37.98
CA ARG B 69 21.84 8.44 -38.10
C ARG B 69 21.90 7.87 -39.52
N LYS B 70 21.80 8.74 -40.52
CA LYS B 70 21.70 8.34 -41.93
C LYS B 70 22.94 7.60 -42.44
N TYR B 71 24.11 8.24 -42.29
CA TYR B 71 25.39 7.65 -42.75
C TYR B 71 25.95 6.55 -41.84
N HIS B 72 25.28 6.30 -40.72
CA HIS B 72 25.59 5.20 -39.79
C HIS B 72 24.45 4.14 -39.75
N GLY B 73 23.43 4.32 -40.59
CA GLY B 73 22.19 3.53 -40.52
C GLY B 73 22.35 2.03 -40.71
N TYR B 74 23.16 1.62 -41.69
CA TYR B 74 23.45 0.21 -41.95
C TYR B 74 24.83 -0.26 -41.43
N MET B 75 25.13 0.13 -40.19
CA MET B 75 26.10 -0.56 -39.33
C MET B 75 25.40 -1.62 -38.46
N MET B 76 24.06 -1.59 -38.43
CA MET B 76 23.24 -2.49 -37.63
C MET B 76 22.74 -3.70 -38.41
N ALA B 77 23.50 -4.14 -39.43
CA ALA B 77 23.21 -5.35 -40.16
C ALA B 77 23.52 -6.55 -39.26
N LYS B 78 22.46 -7.25 -38.84
CA LYS B 78 22.56 -8.42 -37.95
C LYS B 78 23.61 -9.40 -38.49
N ALA B 79 24.69 -9.55 -37.73
CA ALA B 79 25.79 -10.44 -38.09
C ALA B 79 25.30 -11.89 -38.16
N PRO B 80 25.94 -12.71 -39.01
CA PRO B 80 25.48 -14.10 -39.15
C PRO B 80 25.56 -14.90 -37.84
N HIS B 81 24.59 -15.79 -37.66
CA HIS B 81 24.40 -16.55 -36.41
C HIS B 81 23.66 -17.86 -36.65
N ASP B 82 23.59 -18.69 -35.61
CA ASP B 82 23.03 -20.05 -35.67
C ASP B 82 23.76 -20.85 -36.73
N PHE B 83 25.06 -21.01 -36.54
CA PHE B 83 25.90 -21.74 -37.48
C PHE B 83 25.72 -23.24 -37.33
N MET B 84 25.85 -23.95 -38.44
CA MET B 84 25.76 -25.41 -38.46
C MET B 84 26.67 -25.93 -39.58
N PHE B 85 27.51 -26.90 -39.23
CA PHE B 85 28.50 -27.47 -40.15
C PHE B 85 28.01 -28.81 -40.67
N VAL B 86 27.90 -28.93 -41.99
CA VAL B 86 27.54 -30.20 -42.64
C VAL B 86 28.67 -30.60 -43.57
N LYS B 87 29.21 -31.80 -43.37
CA LYS B 87 30.30 -32.32 -44.19
C LYS B 87 29.81 -32.66 -45.61
N ARG B 88 30.65 -32.35 -46.60
CA ARG B 88 30.37 -32.69 -48.00
C ARG B 88 30.53 -34.19 -48.29
N ASN B 89 31.57 -34.79 -47.72
CA ASN B 89 31.90 -36.21 -47.95
C ASN B 89 32.04 -36.53 -49.45
N ASP B 90 32.93 -35.78 -50.10
CA ASP B 90 33.15 -35.86 -51.55
C ASP B 90 34.66 -35.73 -51.82
N PRO B 91 35.39 -36.88 -51.79
CA PRO B 91 36.86 -36.90 -51.96
C PRO B 91 37.47 -36.12 -53.14
N ASP B 92 36.72 -35.96 -54.23
CA ASP B 92 37.21 -35.26 -55.44
C ASP B 92 36.95 -33.74 -55.45
N GLY B 93 35.89 -33.29 -54.77
CA GLY B 93 35.52 -31.87 -54.74
C GLY B 93 36.42 -31.04 -53.82
N PRO B 94 36.42 -29.71 -54.00
CA PRO B 94 37.33 -28.86 -53.23
C PRO B 94 36.92 -28.55 -51.77
N HIS B 95 35.66 -28.81 -51.41
CA HIS B 95 35.11 -28.39 -50.12
C HIS B 95 34.96 -29.53 -49.12
N SER B 96 35.31 -29.25 -47.86
CA SER B 96 35.14 -30.18 -46.75
C SER B 96 33.76 -30.05 -46.09
N ASP B 97 33.33 -28.82 -45.89
CA ASP B 97 32.08 -28.50 -45.18
C ASP B 97 31.28 -27.44 -45.92
N ARG B 98 29.98 -27.52 -45.77
CA ARG B 98 29.09 -26.39 -46.02
C ARG B 98 28.60 -25.91 -44.65
N ILE B 99 28.70 -24.60 -44.42
CA ILE B 99 28.13 -23.98 -43.23
C ILE B 99 26.82 -23.29 -43.62
N TYR B 100 25.81 -23.42 -42.77
CA TYR B 100 24.52 -22.73 -42.92
C TYR B 100 24.34 -21.78 -41.75
N TYR B 101 23.66 -20.66 -41.99
CA TYR B 101 23.47 -19.64 -40.97
C TYR B 101 22.34 -18.68 -41.33
N LEU B 102 21.81 -18.00 -40.31
CA LEU B 102 20.82 -16.93 -40.46
C LEU B 102 21.56 -15.59 -40.47
N ALA B 103 21.17 -14.69 -41.39
CA ALA B 103 21.83 -13.38 -41.51
C ALA B 103 21.02 -12.37 -42.33
N MET B 104 21.50 -11.12 -42.32
CA MET B 104 21.06 -10.06 -43.23
C MET B 104 22.25 -9.61 -44.10
N SER B 105 22.07 -9.60 -45.42
CA SER B 105 23.09 -9.12 -46.36
C SER B 105 23.47 -7.65 -46.16
N ARG B 109 17.03 -5.47 -44.05
CA ARG B 109 16.26 -6.42 -44.85
C ARG B 109 15.74 -7.61 -44.01
N GLU B 110 15.16 -8.60 -44.70
CA GLU B 110 14.67 -9.82 -44.06
C GLU B 110 15.84 -10.73 -43.62
N ASN B 111 15.74 -11.23 -42.40
CA ASN B 111 16.67 -12.21 -41.85
C ASN B 111 16.34 -13.58 -42.49
N THR B 112 17.34 -14.22 -43.11
CA THR B 112 17.12 -15.47 -43.85
C THR B 112 18.33 -16.42 -43.80
N LEU B 113 18.10 -17.65 -44.28
CA LEU B 113 19.13 -18.68 -44.34
C LEU B 113 20.09 -18.45 -45.50
N PHE B 114 21.39 -18.46 -45.18
CA PHE B 114 22.47 -18.42 -46.16
C PHE B 114 23.35 -19.66 -45.99
N TYR B 115 24.21 -19.90 -46.97
CA TYR B 115 25.27 -20.89 -46.84
C TYR B 115 26.57 -20.41 -47.48
N SER B 116 27.68 -20.99 -47.02
CA SER B 116 29.03 -20.72 -47.54
C SER B 116 29.82 -22.02 -47.58
N GLU B 117 30.80 -22.07 -48.48
CA GLU B 117 31.57 -23.29 -48.75
C GLU B 117 32.95 -23.21 -48.10
N ILE B 118 33.29 -24.21 -47.30
CA ILE B 118 34.58 -24.27 -46.59
C ILE B 118 35.53 -25.16 -47.41
N PRO B 119 36.59 -24.57 -47.99
CA PRO B 119 37.51 -25.37 -48.80
C PRO B 119 38.47 -26.23 -47.97
N LYS B 120 38.88 -27.36 -48.54
CA LYS B 120 39.82 -28.30 -47.90
C LYS B 120 41.21 -27.70 -47.68
N THR B 121 41.61 -26.79 -48.57
CA THR B 121 42.88 -26.07 -48.49
C THR B 121 42.64 -24.60 -48.82
N ILE B 122 43.60 -23.75 -48.46
CA ILE B 122 43.52 -22.31 -48.71
C ILE B 122 44.87 -21.76 -49.17
N ASN B 123 44.82 -20.63 -49.87
CA ASN B 123 46.03 -19.86 -50.21
C ASN B 123 46.38 -19.03 -48.97
N ARG B 124 47.37 -19.51 -48.22
CA ARG B 124 47.78 -18.86 -46.97
C ARG B 124 48.48 -17.50 -47.16
N ALA B 125 48.88 -17.19 -48.40
CA ALA B 125 49.37 -15.85 -48.76
C ALA B 125 48.26 -14.77 -48.81
N ALA B 126 47.00 -15.20 -48.99
CA ALA B 126 45.85 -14.30 -49.10
C ALA B 126 44.80 -14.55 -48.02
N VAL B 127 43.83 -13.65 -47.95
CA VAL B 127 42.69 -13.74 -47.04
C VAL B 127 41.44 -14.12 -47.84
N LEU B 128 40.87 -15.28 -47.55
CA LEU B 128 39.65 -15.75 -48.22
C LEU B 128 38.39 -15.11 -47.61
N MET B 129 37.64 -14.38 -48.43
CA MET B 129 36.30 -13.89 -48.09
C MET B 129 35.27 -14.91 -48.58
N LEU B 130 34.58 -15.58 -47.66
CA LEU B 130 33.51 -16.52 -48.04
C LEU B 130 32.31 -15.75 -48.57
N SER B 131 31.81 -16.15 -49.73
CA SER B 131 30.63 -15.53 -50.32
C SER B 131 29.35 -16.12 -49.69
N TRP B 132 28.35 -15.26 -49.53
CA TRP B 132 27.08 -15.63 -48.91
C TRP B 132 26.10 -16.10 -50.01
N LYS B 133 25.85 -17.40 -50.06
CA LYS B 133 24.93 -17.99 -51.04
C LYS B 133 23.54 -18.12 -50.41
N PRO B 134 22.50 -17.49 -51.02
CA PRO B 134 21.16 -17.67 -50.47
C PRO B 134 20.64 -19.11 -50.61
N LEU B 135 20.15 -19.67 -49.52
CA LEU B 135 19.58 -21.03 -49.51
C LEU B 135 18.14 -21.04 -50.01
N LEU B 136 17.38 -19.99 -49.70
CA LEU B 136 15.94 -19.92 -49.98
C LEU B 136 15.59 -18.92 -51.09
N ASP B 137 14.47 -19.18 -51.76
CA ASP B 137 13.90 -18.26 -52.76
C ASP B 137 12.87 -17.35 -52.07
N LEU B 138 11.75 -17.94 -51.64
CA LEU B 138 10.61 -17.20 -51.07
C LEU B 138 10.19 -15.97 -51.89
N TYR B 148 1.98 -9.33 -37.96
CA TYR B 148 2.34 -10.18 -36.83
C TYR B 148 1.11 -10.58 -36.00
N SER B 149 1.02 -11.87 -35.69
CA SER B 149 0.08 -12.36 -34.68
C SER B 149 0.53 -11.92 -33.29
N ARG B 150 -0.39 -11.94 -32.33
CA ARG B 150 -0.10 -11.53 -30.95
C ARG B 150 0.96 -12.43 -30.30
N GLU B 151 0.79 -13.74 -30.44
CA GLU B 151 1.75 -14.71 -29.90
C GLU B 151 3.16 -14.63 -30.53
N GLU B 152 3.24 -14.16 -31.78
CA GLU B 152 4.53 -13.87 -32.43
C GLU B 152 5.23 -12.64 -31.85
N GLU B 153 4.48 -11.54 -31.73
CA GLU B 153 5.05 -10.28 -31.24
C GLU B 153 5.37 -10.33 -29.74
N LEU B 154 4.58 -11.08 -28.98
CA LEU B 154 4.90 -11.36 -27.57
C LEU B 154 6.16 -12.21 -27.43
N LEU B 155 6.27 -13.27 -28.23
CA LEU B 155 7.48 -14.10 -28.27
C LEU B 155 8.73 -13.28 -28.57
N ARG B 156 8.62 -12.35 -29.51
CA ARG B 156 9.72 -11.44 -29.88
C ARG B 156 10.13 -10.49 -28.76
N GLU B 157 9.16 -10.10 -27.92
CA GLU B 157 9.47 -9.37 -26.68
C GLU B 157 10.19 -10.26 -25.67
N ARG B 158 9.67 -11.46 -25.45
CA ARG B 158 10.24 -12.39 -24.46
C ARG B 158 11.65 -12.84 -24.81
N LYS B 159 11.90 -13.06 -26.10
CA LYS B 159 13.20 -13.53 -26.60
C LYS B 159 14.15 -12.38 -26.99
N ARG B 160 13.64 -11.15 -26.97
CA ARG B 160 14.40 -9.94 -27.31
C ARG B 160 14.94 -10.01 -28.74
N ILE B 161 14.03 -10.27 -29.68
CA ILE B 161 14.35 -10.35 -31.10
C ILE B 161 14.01 -9.00 -31.71
N GLY B 162 15.05 -8.20 -31.95
CA GLY B 162 14.90 -6.90 -32.62
C GLY B 162 14.65 -7.02 -34.12
N THR B 163 15.26 -8.03 -34.74
CA THR B 163 15.24 -8.21 -36.20
C THR B 163 13.99 -8.92 -36.72
N VAL B 164 13.74 -8.74 -38.01
CA VAL B 164 12.58 -9.29 -38.72
C VAL B 164 13.04 -10.39 -39.66
N GLY B 165 12.27 -11.47 -39.74
CA GLY B 165 12.50 -12.57 -40.69
C GLY B 165 12.47 -13.93 -40.04
N ILE B 166 13.25 -14.88 -40.57
CA ILE B 166 13.38 -16.20 -39.97
C ILE B 166 14.27 -16.08 -38.73
N ALA B 167 13.73 -16.47 -37.57
CA ALA B 167 14.40 -16.31 -36.28
C ALA B 167 15.18 -17.54 -35.83
N SER B 168 14.76 -18.72 -36.27
CA SER B 168 15.45 -19.98 -35.96
C SER B 168 15.14 -21.04 -37.01
N TYR B 169 15.79 -22.20 -36.89
CA TYR B 169 15.51 -23.34 -37.75
C TYR B 169 15.89 -24.67 -37.11
N ASP B 170 15.20 -25.72 -37.54
CA ASP B 170 15.46 -27.09 -37.12
C ASP B 170 16.11 -27.80 -38.30
N TYR B 171 16.82 -28.90 -38.02
CA TYR B 171 17.51 -29.66 -39.06
C TYR B 171 17.72 -31.10 -38.62
N HIS B 172 17.43 -32.02 -39.54
CA HIS B 172 17.66 -33.45 -39.33
C HIS B 172 18.83 -33.88 -40.24
N GLN B 173 19.96 -34.24 -39.62
CA GLN B 173 21.20 -34.59 -40.33
C GLN B 173 21.00 -35.72 -41.35
N GLY B 174 20.34 -36.79 -40.91
CA GLY B 174 20.16 -38.01 -41.73
C GLY B 174 19.43 -37.84 -43.05
N SER B 175 18.54 -36.84 -43.12
CA SER B 175 17.73 -36.55 -44.32
C SER B 175 18.06 -35.21 -44.98
N GLY B 176 18.72 -34.31 -44.26
CA GLY B 176 19.01 -32.96 -44.76
C GLY B 176 17.82 -32.03 -44.77
N THR B 177 16.81 -32.32 -43.95
CA THR B 177 15.55 -31.57 -43.94
C THR B 177 15.64 -30.37 -43.01
N PHE B 178 15.44 -29.17 -43.56
CA PHE B 178 15.24 -27.95 -42.78
C PHE B 178 13.75 -27.76 -42.45
N LEU B 179 13.47 -27.26 -41.25
CA LEU B 179 12.11 -26.86 -40.85
C LEU B 179 12.19 -25.51 -40.17
N PHE B 180 11.32 -24.58 -40.56
CA PHE B 180 11.34 -23.22 -40.05
C PHE B 180 10.04 -22.47 -40.30
N GLN B 181 9.73 -21.52 -39.42
CA GLN B 181 8.66 -20.54 -39.66
C GLN B 181 9.20 -19.39 -40.50
N ALA B 182 8.40 -18.96 -41.47
CA ALA B 182 8.63 -17.71 -42.19
C ALA B 182 7.30 -16.99 -42.29
N GLY B 183 7.03 -16.13 -41.30
CA GLY B 183 5.73 -15.49 -41.16
C GLY B 183 4.68 -16.48 -40.70
N SER B 184 3.51 -16.44 -41.34
CA SER B 184 2.38 -17.29 -40.96
C SER B 184 2.52 -18.78 -41.34
N GLY B 185 3.47 -19.10 -42.21
CA GLY B 185 3.68 -20.47 -42.68
C GLY B 185 4.85 -21.20 -42.04
N ILE B 186 4.70 -22.52 -41.91
CA ILE B 186 5.80 -23.42 -41.56
C ILE B 186 6.27 -24.08 -42.87
N TYR B 187 7.54 -23.88 -43.20
CA TYR B 187 8.12 -24.36 -44.47
C TYR B 187 9.19 -25.43 -44.25
N HIS B 188 9.47 -26.18 -45.32
CA HIS B 188 10.58 -27.14 -45.30
C HIS B 188 11.27 -27.29 -46.66
N VAL B 189 12.60 -27.44 -46.61
CA VAL B 189 13.44 -27.76 -47.76
C VAL B 189 14.45 -28.82 -47.35
N LYS B 190 15.06 -29.47 -48.34
CA LYS B 190 16.16 -30.40 -48.09
C LYS B 190 17.44 -29.86 -48.70
N ASP B 191 18.55 -30.04 -47.96
CA ASP B 191 19.88 -29.75 -48.46
C ASP B 191 20.94 -30.42 -47.58
N GLY B 192 21.91 -31.06 -48.23
CA GLY B 192 23.06 -31.66 -47.54
C GLY B 192 22.90 -33.03 -46.92
N GLY B 193 21.85 -33.75 -47.31
CA GLY B 193 21.66 -35.15 -46.93
C GLY B 193 22.03 -36.06 -48.10
N PRO B 194 21.41 -37.26 -48.17
CA PRO B 194 21.46 -38.10 -49.37
C PRO B 194 21.05 -37.39 -50.67
N GLN B 195 20.08 -36.46 -50.57
CA GLN B 195 19.59 -35.68 -51.72
C GLN B 195 20.67 -34.85 -52.41
N GLY B 196 21.69 -34.44 -51.65
CA GLY B 196 22.83 -33.70 -52.19
C GLY B 196 22.81 -32.23 -51.80
N PHE B 197 23.64 -31.44 -52.49
CA PHE B 197 23.87 -30.04 -52.18
C PHE B 197 23.46 -29.17 -53.36
N THR B 198 22.52 -28.26 -53.13
CA THR B 198 22.11 -27.29 -54.16
C THR B 198 23.23 -26.31 -54.49
N GLN B 199 23.20 -25.80 -55.72
CA GLN B 199 24.06 -24.70 -56.15
C GLN B 199 23.28 -23.42 -56.47
N GLN B 200 22.02 -23.37 -56.03
CA GLN B 200 21.16 -22.19 -56.22
C GLN B 200 20.04 -22.16 -55.15
N PRO B 201 19.38 -21.00 -54.98
CA PRO B 201 18.32 -20.92 -53.97
C PRO B 201 17.19 -21.93 -54.19
N LEU B 202 16.77 -22.57 -53.10
CA LEU B 202 15.67 -23.52 -53.10
C LEU B 202 14.34 -22.81 -52.82
N ARG B 203 13.28 -23.22 -53.50
CA ARG B 203 11.92 -22.79 -53.17
C ARG B 203 11.39 -23.72 -52.09
N PRO B 204 10.94 -23.14 -50.95
CA PRO B 204 10.43 -24.00 -49.88
C PRO B 204 9.02 -24.52 -50.11
N ASN B 205 8.72 -25.64 -49.46
CA ASN B 205 7.42 -26.29 -49.50
C ASN B 205 6.61 -25.91 -48.26
N LEU B 206 5.42 -25.35 -48.47
CA LEU B 206 4.51 -25.00 -47.37
C LEU B 206 3.89 -26.26 -46.78
N VAL B 207 4.03 -26.44 -45.46
CA VAL B 207 3.36 -27.53 -44.75
C VAL B 207 1.91 -27.13 -44.62
N GLU B 208 1.01 -27.95 -45.16
CA GLU B 208 -0.42 -27.62 -45.13
C GLU B 208 -1.05 -27.96 -43.77
N THR B 209 -2.16 -27.29 -43.50
CA THR B 209 -2.88 -27.43 -42.24
C THR B 209 -4.35 -27.06 -42.43
N SER B 210 -5.20 -27.68 -41.61
CA SER B 210 -6.59 -27.26 -41.44
C SER B 210 -6.77 -26.29 -40.27
N CYS B 211 -5.68 -26.01 -39.53
CA CYS B 211 -5.73 -25.13 -38.37
C CYS B 211 -5.97 -23.66 -38.78
N PRO B 212 -6.93 -22.99 -38.12
CA PRO B 212 -7.27 -21.60 -38.50
C PRO B 212 -6.26 -20.53 -38.09
N ASN B 213 -5.69 -20.70 -36.90
CA ASN B 213 -4.76 -19.72 -36.30
C ASN B 213 -3.29 -20.04 -36.53
N ILE B 214 -2.45 -19.07 -36.16
CA ILE B 214 -0.99 -19.17 -36.25
C ILE B 214 -0.47 -20.44 -35.56
N ARG B 215 0.44 -21.13 -36.24
CA ARG B 215 1.14 -22.27 -35.67
C ARG B 215 2.50 -21.79 -35.19
N MET B 216 2.88 -22.22 -33.98
CA MET B 216 4.10 -21.75 -33.32
C MET B 216 5.00 -22.90 -32.89
N ASP B 217 6.29 -22.60 -32.79
CA ASP B 217 7.30 -23.52 -32.27
C ASP B 217 7.33 -24.89 -32.99
N PRO B 218 7.56 -24.88 -34.31
CA PRO B 218 7.67 -26.14 -35.03
C PRO B 218 9.02 -26.81 -34.78
N LYS B 219 8.98 -28.13 -34.56
CA LYS B 219 10.19 -28.95 -34.42
C LYS B 219 10.03 -30.26 -35.21
N LEU B 220 11.09 -30.65 -35.93
CA LEU B 220 11.17 -31.98 -36.55
C LEU B 220 11.34 -33.03 -35.47
N CYS B 221 10.69 -34.18 -35.66
CA CYS B 221 10.95 -35.36 -34.84
C CYS B 221 12.34 -35.85 -35.23
N PRO B 222 13.30 -35.91 -34.27
CA PRO B 222 14.63 -36.42 -34.62
C PRO B 222 14.64 -37.90 -35.05
N ALA B 223 13.70 -38.69 -34.54
CA ALA B 223 13.58 -40.12 -34.89
C ALA B 223 12.90 -40.40 -36.24
N ASP B 224 12.23 -39.39 -36.82
CA ASP B 224 11.55 -39.53 -38.11
C ASP B 224 11.29 -38.13 -38.73
N PRO B 225 12.07 -37.73 -39.74
CA PRO B 225 11.91 -36.38 -40.33
C PRO B 225 10.62 -36.12 -41.15
N ASP B 226 9.80 -37.14 -41.36
CA ASP B 226 8.46 -36.94 -41.95
C ASP B 226 7.51 -36.24 -40.97
N TRP B 227 7.69 -36.47 -39.68
CA TRP B 227 6.83 -35.90 -38.64
C TRP B 227 7.37 -34.59 -38.08
N ILE B 228 6.50 -33.58 -38.00
CA ILE B 228 6.75 -32.37 -37.22
C ILE B 228 5.72 -32.24 -36.11
N ALA B 229 6.05 -31.44 -35.12
CA ALA B 229 5.10 -31.02 -34.09
C ALA B 229 5.04 -29.51 -34.10
N PHE B 230 3.96 -28.98 -33.54
CA PHE B 230 3.83 -27.54 -33.35
C PHE B 230 2.75 -27.23 -32.32
N ILE B 231 2.71 -25.97 -31.90
CA ILE B 231 1.68 -25.47 -31.01
C ILE B 231 0.66 -24.70 -31.83
N HIS B 232 -0.61 -24.91 -31.50
CA HIS B 232 -1.72 -24.16 -32.07
C HIS B 232 -2.77 -23.97 -30.98
N SER B 233 -3.05 -22.70 -30.66
CA SER B 233 -3.98 -22.34 -29.59
C SER B 233 -3.69 -23.11 -28.29
N ASN B 234 -2.44 -23.07 -27.87
CA ASN B 234 -1.97 -23.67 -26.61
C ASN B 234 -2.20 -25.19 -26.48
N ASP B 235 -2.19 -25.89 -27.60
CA ASP B 235 -2.25 -27.36 -27.62
C ASP B 235 -1.27 -27.88 -28.64
N ILE B 236 -0.77 -29.09 -28.41
CA ILE B 236 0.24 -29.69 -29.28
C ILE B 236 -0.47 -30.42 -30.42
N TRP B 237 -0.04 -30.14 -31.63
CA TRP B 237 -0.45 -30.88 -32.83
C TRP B 237 0.79 -31.52 -33.45
N ILE B 238 0.58 -32.60 -34.19
CA ILE B 238 1.60 -33.17 -35.07
C ILE B 238 1.08 -33.20 -36.51
N SER B 239 2.02 -33.25 -37.44
CA SER B 239 1.73 -33.18 -38.87
C SER B 239 2.82 -33.93 -39.63
N ASN B 240 2.40 -34.74 -40.60
CA ASN B 240 3.33 -35.51 -41.45
C ASN B 240 3.53 -34.76 -42.76
N ILE B 241 4.78 -34.41 -43.06
CA ILE B 241 5.09 -33.56 -44.23
C ILE B 241 5.05 -34.29 -45.58
N VAL B 242 4.99 -35.64 -45.57
CA VAL B 242 4.78 -36.41 -46.83
C VAL B 242 3.33 -36.91 -46.99
N THR B 243 2.79 -37.56 -45.96
CA THR B 243 1.41 -38.12 -46.02
C THR B 243 0.31 -37.09 -45.77
N ARG B 244 0.67 -35.91 -45.25
CA ARG B 244 -0.27 -34.80 -44.96
C ARG B 244 -1.22 -35.02 -43.78
N GLU B 245 -1.04 -36.12 -43.03
CA GLU B 245 -1.91 -36.41 -41.90
C GLU B 245 -1.63 -35.40 -40.77
N GLU B 246 -2.70 -34.85 -40.20
CA GLU B 246 -2.61 -33.84 -39.14
C GLU B 246 -3.49 -34.28 -37.97
N ARG B 247 -2.90 -34.39 -36.77
CA ARG B 247 -3.57 -34.87 -35.57
C ARG B 247 -3.26 -33.98 -34.37
N ARG B 248 -4.31 -33.53 -33.69
CA ARG B 248 -4.20 -32.81 -32.42
C ARG B 248 -3.89 -33.83 -31.32
N LEU B 249 -2.86 -33.56 -30.52
CA LEU B 249 -2.42 -34.46 -29.44
C LEU B 249 -2.96 -34.11 -28.06
N THR B 250 -3.25 -32.84 -27.82
CA THR B 250 -3.75 -32.38 -26.52
C THR B 250 -5.05 -31.61 -26.70
N TYR B 251 -5.95 -31.77 -25.74
CA TYR B 251 -7.30 -31.16 -25.76
C TYR B 251 -7.53 -30.41 -24.45
N VAL B 252 -6.57 -29.55 -24.13
CA VAL B 252 -6.49 -28.82 -22.86
C VAL B 252 -7.12 -27.42 -22.95
N HIS B 253 -6.94 -26.77 -24.10
CA HIS B 253 -7.37 -25.38 -24.32
C HIS B 253 -8.48 -25.33 -25.36
N ASN B 254 -9.37 -24.35 -25.21
CA ASN B 254 -10.48 -24.10 -26.14
C ASN B 254 -10.31 -22.70 -26.73
N GLU B 255 -9.93 -22.67 -28.01
CA GLU B 255 -9.82 -21.45 -28.83
C GLU B 255 -10.98 -20.47 -28.67
N LEU B 256 -12.20 -21.00 -28.72
CA LEU B 256 -13.43 -20.18 -28.74
C LEU B 256 -13.76 -19.52 -27.39
N ALA B 257 -13.44 -20.19 -26.29
CA ALA B 257 -13.70 -19.67 -24.94
C ALA B 257 -12.76 -18.53 -24.56
N ASN B 258 -13.17 -17.76 -23.55
CA ASN B 258 -12.34 -16.67 -23.01
C ASN B 258 -11.23 -17.22 -22.12
N MET B 259 -10.12 -16.47 -22.07
CA MET B 259 -8.96 -16.84 -21.24
C MET B 259 -9.27 -16.85 -19.73
N GLU B 260 -10.25 -16.05 -19.31
CA GLU B 260 -10.69 -15.99 -17.90
C GLU B 260 -11.24 -17.33 -17.38
N GLU B 261 -11.88 -18.11 -18.26
CA GLU B 261 -12.39 -19.45 -17.93
C GLU B 261 -11.37 -20.55 -18.25
N ASP B 262 -10.84 -20.52 -19.47
CA ASP B 262 -9.88 -21.53 -19.95
C ASP B 262 -8.43 -21.03 -19.82
N ALA B 263 -7.79 -21.41 -18.72
CA ALA B 263 -6.43 -20.97 -18.40
C ALA B 263 -5.37 -22.06 -18.56
N ARG B 264 -5.72 -23.18 -19.16
CA ARG B 264 -4.80 -24.31 -19.29
C ARG B 264 -4.13 -24.36 -20.67
N SER B 265 -2.87 -24.80 -20.68
CA SER B 265 -2.08 -24.92 -21.90
C SER B 265 -1.19 -26.16 -21.86
N ALA B 266 -0.77 -26.60 -23.04
CA ALA B 266 0.10 -27.76 -23.18
C ALA B 266 1.20 -27.48 -24.21
N GLY B 267 2.44 -27.83 -23.86
CA GLY B 267 3.58 -27.64 -24.77
C GLY B 267 4.11 -26.23 -24.89
N VAL B 268 3.68 -25.32 -24.01
CA VAL B 268 4.03 -23.90 -24.08
C VAL B 268 4.69 -23.46 -22.77
N ALA B 269 5.70 -22.62 -22.89
CA ALA B 269 6.32 -21.97 -21.73
C ALA B 269 5.49 -20.75 -21.36
N THR B 270 5.11 -20.64 -20.09
CA THR B 270 4.32 -19.49 -19.62
C THR B 270 5.20 -18.25 -19.52
N PHE B 271 4.56 -17.11 -19.27
CA PHE B 271 5.22 -15.80 -19.26
C PHE B 271 6.52 -15.72 -18.47
N VAL B 272 6.47 -16.12 -17.20
CA VAL B 272 7.63 -16.00 -16.30
C VAL B 272 8.82 -16.81 -16.82
N LEU B 273 8.57 -17.98 -17.39
CA LEU B 273 9.66 -18.81 -17.91
C LEU B 273 10.25 -18.31 -19.22
N GLN B 274 9.45 -17.65 -20.06
CA GLN B 274 9.96 -16.98 -21.25
C GLN B 274 10.71 -15.69 -20.90
N GLU B 275 10.14 -14.92 -19.97
CA GLU B 275 10.68 -13.62 -19.57
C GLU B 275 11.85 -13.71 -18.59
N GLU B 276 11.79 -14.64 -17.63
CA GLU B 276 12.76 -14.73 -16.53
C GLU B 276 13.70 -15.93 -16.51
N PHE B 277 13.36 -16.98 -17.25
CA PHE B 277 14.24 -18.16 -17.35
C PHE B 277 14.75 -18.47 -18.77
N ASP B 278 14.37 -17.64 -19.75
CA ASP B 278 14.77 -17.80 -21.15
C ASP B 278 14.50 -19.22 -21.70
N ARG B 279 13.35 -19.76 -21.32
CA ARG B 279 12.86 -21.04 -21.84
C ARG B 279 11.58 -20.73 -22.60
N TYR B 280 11.58 -21.04 -23.90
CA TYR B 280 10.49 -20.64 -24.82
C TYR B 280 9.64 -21.80 -25.37
N SER B 281 10.14 -23.03 -25.26
CA SER B 281 9.38 -24.22 -25.65
C SER B 281 8.92 -24.98 -24.41
N GLY B 282 7.78 -25.65 -24.54
CA GLY B 282 7.23 -26.51 -23.48
C GLY B 282 7.03 -27.97 -23.84
N TYR B 283 7.52 -28.40 -25.00
CA TYR B 283 7.49 -29.81 -25.42
C TYR B 283 8.83 -30.24 -26.03
N TRP B 284 9.16 -31.52 -25.88
CA TRP B 284 10.43 -32.08 -26.34
C TRP B 284 10.24 -33.48 -26.92
N TRP B 285 10.53 -33.62 -28.21
CA TRP B 285 10.51 -34.92 -28.89
C TRP B 285 11.50 -35.87 -28.25
N CYS B 286 11.09 -37.13 -28.09
CA CYS B 286 12.03 -38.20 -27.76
C CYS B 286 12.90 -38.43 -29.00
N PRO B 287 14.23 -38.44 -28.84
CA PRO B 287 15.11 -38.52 -30.02
C PRO B 287 15.09 -39.87 -30.77
N LYS B 288 14.66 -40.95 -30.11
CA LYS B 288 14.58 -42.28 -30.72
C LYS B 288 13.16 -42.81 -30.74
N ALA B 289 12.85 -43.62 -31.76
CA ALA B 289 11.56 -44.30 -31.90
C ALA B 289 11.68 -45.75 -31.44
N GLU B 290 10.75 -46.18 -30.59
CA GLU B 290 10.67 -47.57 -30.14
C GLU B 290 9.84 -48.38 -31.14
N THR B 291 10.49 -49.29 -31.87
CA THR B 291 9.80 -50.11 -32.87
C THR B 291 8.92 -51.18 -32.23
N THR B 292 7.76 -51.44 -32.85
CA THR B 292 6.78 -52.41 -32.38
C THR B 292 6.95 -53.77 -33.08
N PRO B 293 6.33 -54.84 -32.54
CA PRO B 293 6.33 -56.14 -33.25
C PRO B 293 5.67 -56.13 -34.63
N SER B 294 4.70 -55.25 -34.84
CA SER B 294 3.97 -55.14 -36.12
C SER B 294 4.76 -54.56 -37.30
N GLY B 295 5.94 -53.99 -37.05
CA GLY B 295 6.72 -53.29 -38.06
C GLY B 295 6.48 -51.78 -38.10
N GLY B 296 5.87 -51.25 -37.04
CA GLY B 296 5.64 -49.81 -36.87
C GLY B 296 6.52 -49.26 -35.77
N LYS B 297 6.06 -48.20 -35.09
CA LYS B 297 6.84 -47.54 -34.04
C LYS B 297 6.05 -46.61 -33.11
N ILE B 298 6.65 -46.35 -31.95
CA ILE B 298 6.14 -45.39 -30.98
C ILE B 298 7.06 -44.16 -30.97
N LEU B 299 6.49 -43.01 -31.34
CA LEU B 299 7.15 -41.71 -31.16
C LEU B 299 6.59 -41.09 -29.88
N ARG B 300 7.47 -40.52 -29.05
CA ARG B 300 7.07 -39.92 -27.78
C ARG B 300 7.36 -38.41 -27.76
N ILE B 301 6.49 -37.66 -27.08
CA ILE B 301 6.72 -36.24 -26.80
C ILE B 301 6.52 -35.98 -25.31
N LEU B 302 7.59 -35.61 -24.61
CA LEU B 302 7.48 -35.04 -23.28
C LEU B 302 6.95 -33.62 -23.44
N TYR B 303 6.06 -33.21 -22.55
CA TYR B 303 5.61 -31.83 -22.50
C TYR B 303 5.15 -31.42 -21.12
N GLU B 304 5.22 -30.11 -20.84
CA GLU B 304 4.67 -29.58 -19.60
C GLU B 304 3.22 -29.12 -19.86
N GLU B 305 2.36 -29.38 -18.89
CA GLU B 305 0.98 -28.92 -18.91
C GLU B 305 0.85 -27.89 -17.79
N ASN B 306 0.37 -26.70 -18.16
CA ASN B 306 0.21 -25.58 -17.22
C ASN B 306 -1.26 -25.27 -16.99
N ASP B 307 -1.59 -24.94 -15.75
CA ASP B 307 -2.91 -24.43 -15.38
C ASP B 307 -2.69 -23.08 -14.70
N GLU B 308 -3.06 -22.01 -15.41
CA GLU B 308 -2.90 -20.64 -14.92
C GLU B 308 -4.20 -20.07 -14.28
N SER B 309 -5.12 -20.94 -13.84
CA SER B 309 -6.41 -20.51 -13.28
C SER B 309 -6.28 -19.59 -12.06
N GLU B 310 -5.43 -19.99 -11.12
CA GLU B 310 -5.17 -19.22 -9.90
C GLU B 310 -4.21 -18.04 -10.08
N VAL B 311 -3.56 -17.95 -11.24
CA VAL B 311 -2.64 -16.85 -11.53
C VAL B 311 -3.46 -15.58 -11.75
N GLU B 312 -2.98 -14.46 -11.24
CA GLU B 312 -3.69 -13.19 -11.34
C GLU B 312 -3.77 -12.73 -12.79
N ILE B 313 -4.86 -12.01 -13.10
CA ILE B 313 -5.11 -11.49 -14.43
C ILE B 313 -4.95 -9.98 -14.37
N ILE B 314 -4.08 -9.45 -15.24
CA ILE B 314 -3.90 -8.01 -15.39
C ILE B 314 -4.39 -7.59 -16.78
N HIS B 315 -4.64 -6.30 -16.95
CA HIS B 315 -5.07 -5.75 -18.23
C HIS B 315 -4.04 -4.77 -18.75
N VAL B 316 -3.63 -4.95 -20.00
CA VAL B 316 -2.63 -4.12 -20.68
C VAL B 316 -3.32 -3.49 -21.87
N THR B 317 -3.05 -2.20 -22.10
CA THR B 317 -3.65 -1.47 -23.23
C THR B 317 -3.35 -2.18 -24.55
N SER B 318 -4.39 -2.38 -25.35
CA SER B 318 -4.27 -3.04 -26.65
C SER B 318 -3.56 -2.09 -27.62
N PRO B 319 -2.62 -2.61 -28.43
CA PRO B 319 -1.89 -1.71 -29.38
C PRO B 319 -2.79 -0.95 -30.35
N MET B 320 -3.92 -1.54 -30.71
CA MET B 320 -4.90 -0.85 -31.56
C MET B 320 -5.66 0.17 -30.70
N LEU B 321 -5.05 1.34 -30.54
CA LEU B 321 -5.55 2.39 -29.63
C LEU B 321 -6.95 2.92 -29.94
N GLU B 322 -7.39 2.79 -31.19
CA GLU B 322 -8.75 3.20 -31.59
C GLU B 322 -9.85 2.35 -30.95
N THR B 323 -9.54 1.10 -30.61
CA THR B 323 -10.49 0.21 -29.94
C THR B 323 -10.81 0.66 -28.50
N ARG B 324 -9.86 1.36 -27.87
CA ARG B 324 -9.95 1.76 -26.45
C ARG B 324 -10.21 0.54 -25.56
N ARG B 325 -9.44 -0.52 -25.84
CA ARG B 325 -9.55 -1.81 -25.17
C ARG B 325 -8.22 -2.21 -24.53
N ALA B 326 -8.27 -3.27 -23.74
CA ALA B 326 -7.13 -3.82 -23.05
C ALA B 326 -7.17 -5.34 -23.16
N ASP B 327 -6.00 -5.95 -23.25
CA ASP B 327 -5.86 -7.41 -23.35
C ASP B 327 -5.58 -8.00 -21.98
N SER B 328 -6.13 -9.17 -21.72
CA SER B 328 -5.86 -9.89 -20.47
C SER B 328 -4.53 -10.67 -20.55
N PHE B 329 -3.73 -10.57 -19.49
CA PHE B 329 -2.50 -11.35 -19.33
C PHE B 329 -2.50 -12.04 -17.97
N ARG B 330 -2.17 -13.33 -17.96
CA ARG B 330 -1.81 -14.03 -16.72
C ARG B 330 -0.41 -13.56 -16.32
N TYR B 331 -0.35 -12.76 -15.26
CA TYR B 331 0.90 -12.18 -14.74
C TYR B 331 1.05 -12.54 -13.26
N PRO B 332 1.94 -13.50 -12.94
CA PRO B 332 2.17 -13.83 -11.53
C PRO B 332 3.06 -12.79 -10.84
N LYS B 333 2.43 -11.83 -10.16
CA LYS B 333 3.19 -10.83 -9.39
C LYS B 333 3.83 -11.47 -8.17
N THR B 334 4.92 -10.87 -7.71
CA THR B 334 5.69 -11.39 -6.57
C THR B 334 4.79 -11.69 -5.37
N GLY B 335 5.00 -12.86 -4.76
CA GLY B 335 4.19 -13.31 -3.61
C GLY B 335 2.83 -13.91 -3.92
N THR B 336 2.50 -14.07 -5.21
CA THR B 336 1.22 -14.67 -5.62
C THR B 336 1.50 -15.93 -6.45
N ALA B 337 0.45 -16.65 -6.80
CA ALA B 337 0.58 -17.99 -7.33
C ALA B 337 1.20 -18.00 -8.73
N ASN B 338 2.19 -18.87 -8.91
CA ASN B 338 2.68 -19.26 -10.22
C ASN B 338 1.72 -20.32 -10.77
N PRO B 339 1.83 -20.66 -12.07
CA PRO B 339 0.96 -21.69 -12.62
C PRO B 339 1.17 -23.07 -11.97
N LYS B 340 0.10 -23.85 -11.90
CA LYS B 340 0.17 -25.23 -11.47
C LYS B 340 0.76 -26.03 -12.63
N VAL B 341 1.91 -26.67 -12.39
CA VAL B 341 2.66 -27.35 -13.45
C VAL B 341 2.68 -28.87 -13.25
N THR B 342 2.84 -29.59 -14.36
CA THR B 342 3.13 -31.02 -14.32
C THR B 342 3.76 -31.46 -15.64
N PHE B 343 4.31 -32.68 -15.64
CA PHE B 343 4.82 -33.31 -16.85
C PHE B 343 3.79 -34.27 -17.41
N LYS B 344 3.74 -34.35 -18.74
CA LYS B 344 2.89 -35.30 -19.45
C LYS B 344 3.71 -35.95 -20.56
N MET B 345 3.23 -37.08 -21.06
CA MET B 345 3.86 -37.81 -22.15
C MET B 345 2.80 -38.21 -23.17
N SER B 346 3.06 -37.92 -24.44
CA SER B 346 2.18 -38.30 -25.54
C SER B 346 2.84 -39.42 -26.34
N GLU B 347 2.33 -40.65 -26.17
CA GLU B 347 2.76 -41.80 -26.98
C GLU B 347 1.97 -41.83 -28.28
N ILE B 348 2.69 -41.81 -29.40
CA ILE B 348 2.10 -41.74 -30.73
C ILE B 348 2.49 -43.03 -31.46
N MET B 349 1.52 -43.94 -31.63
CA MET B 349 1.76 -45.22 -32.33
C MET B 349 1.55 -45.05 -33.83
N ILE B 350 2.61 -45.31 -34.60
CA ILE B 350 2.60 -45.23 -36.08
C ILE B 350 2.81 -46.63 -36.63
N ASP B 351 2.19 -46.93 -37.78
CA ASP B 351 2.41 -48.21 -38.49
C ASP B 351 3.42 -48.07 -39.64
N ALA B 352 3.75 -49.20 -40.27
CA ALA B 352 4.81 -49.29 -41.30
C ALA B 352 4.72 -48.29 -42.46
N GLU B 353 3.51 -47.86 -42.81
CA GLU B 353 3.28 -46.87 -43.88
C GLU B 353 3.51 -45.40 -43.47
N GLY B 354 3.57 -45.13 -42.17
CA GLY B 354 3.77 -43.77 -41.64
C GLY B 354 2.46 -43.06 -41.37
N ARG B 355 1.54 -43.75 -40.71
CA ARG B 355 0.21 -43.23 -40.40
C ARG B 355 -0.22 -43.71 -39.01
N ILE B 356 -1.02 -42.89 -38.34
CA ILE B 356 -1.28 -43.05 -36.91
C ILE B 356 -2.33 -44.13 -36.67
N ILE B 357 -1.98 -45.09 -35.81
CA ILE B 357 -2.93 -46.06 -35.29
C ILE B 357 -3.71 -45.40 -34.15
N ASP B 358 -2.96 -44.96 -33.13
CA ASP B 358 -3.52 -44.48 -31.88
C ASP B 358 -2.64 -43.38 -31.28
N VAL B 359 -3.22 -42.59 -30.37
CA VAL B 359 -2.47 -41.63 -29.55
C VAL B 359 -2.91 -41.83 -28.11
N ILE B 360 -1.98 -42.24 -27.24
CA ILE B 360 -2.24 -42.41 -25.81
C ILE B 360 -1.59 -41.26 -25.04
N ASP B 361 -2.42 -40.38 -24.49
CA ASP B 361 -1.97 -39.30 -23.61
C ASP B 361 -1.73 -39.90 -22.22
N LYS B 362 -0.57 -39.60 -21.64
CA LYS B 362 -0.17 -40.18 -20.36
C LYS B 362 0.22 -39.13 -19.33
N GLU B 363 0.05 -39.47 -18.05
CA GLU B 363 0.28 -38.57 -16.92
C GLU B 363 1.17 -39.27 -15.89
N LEU B 364 1.80 -38.47 -15.02
CA LEU B 364 2.67 -39.02 -13.97
C LEU B 364 1.87 -39.91 -13.01
N ILE B 365 2.47 -41.03 -12.62
CA ILE B 365 1.79 -42.04 -11.80
C ILE B 365 1.31 -41.50 -10.45
N GLN B 366 2.12 -40.65 -9.83
CA GLN B 366 1.71 -39.85 -8.67
C GLN B 366 1.80 -38.38 -9.10
N PRO B 367 1.13 -37.46 -8.36
CA PRO B 367 1.18 -36.05 -8.77
C PRO B 367 2.57 -35.41 -8.69
N PHE B 368 2.75 -34.33 -9.45
CA PHE B 368 4.01 -33.59 -9.55
C PHE B 368 4.52 -33.12 -8.18
N GLU B 369 3.62 -32.60 -7.35
CA GLU B 369 3.98 -32.11 -6.00
C GLU B 369 4.50 -33.20 -5.05
N ILE B 370 4.07 -34.45 -5.27
CA ILE B 370 4.51 -35.59 -4.47
C ILE B 370 5.88 -36.08 -4.96
N LEU B 371 5.98 -36.34 -6.26
CA LEU B 371 7.22 -36.83 -6.87
C LEU B 371 8.38 -35.82 -6.85
N PHE B 372 8.05 -34.54 -6.97
CA PHE B 372 9.06 -33.47 -7.04
C PHE B 372 8.77 -32.45 -5.94
N GLU B 373 9.06 -32.85 -4.71
CA GLU B 373 8.78 -32.05 -3.51
C GLU B 373 9.51 -30.71 -3.59
N GLY B 374 8.78 -29.63 -3.32
CA GLY B 374 9.35 -28.28 -3.22
C GLY B 374 9.58 -27.55 -4.54
N VAL B 375 9.33 -28.22 -5.66
CA VAL B 375 9.64 -27.68 -6.98
C VAL B 375 8.55 -26.71 -7.42
N GLU B 376 8.97 -25.50 -7.77
CA GLU B 376 8.10 -24.45 -8.30
C GLU B 376 8.21 -24.32 -9.83
N TYR B 377 9.44 -24.38 -10.36
CA TYR B 377 9.73 -24.09 -11.77
C TYR B 377 10.44 -25.25 -12.48
N ILE B 378 9.95 -25.59 -13.67
CA ILE B 378 10.66 -26.47 -14.59
C ILE B 378 11.57 -25.58 -15.44
N ALA B 379 12.83 -25.44 -15.04
CA ALA B 379 13.74 -24.50 -15.70
C ALA B 379 14.13 -24.96 -17.10
N ARG B 380 14.54 -26.21 -17.20
CA ARG B 380 14.94 -26.82 -18.47
C ARG B 380 14.42 -28.25 -18.52
N ALA B 381 14.32 -28.80 -19.72
CA ALA B 381 13.96 -30.20 -19.92
C ALA B 381 14.37 -30.71 -21.30
N GLY B 382 14.46 -32.03 -21.39
CA GLY B 382 14.84 -32.70 -22.64
C GLY B 382 14.95 -34.19 -22.45
N TRP B 383 15.78 -34.83 -23.28
CA TRP B 383 16.01 -36.27 -23.23
C TRP B 383 17.49 -36.59 -23.23
N THR B 384 17.84 -37.75 -22.65
CA THR B 384 19.19 -38.31 -22.80
C THR B 384 19.37 -38.73 -24.27
N PRO B 385 20.61 -38.78 -24.76
CA PRO B 385 20.83 -39.04 -26.20
C PRO B 385 20.14 -40.29 -26.77
N GLU B 386 20.03 -41.35 -25.95
CA GLU B 386 19.39 -42.61 -26.35
C GLU B 386 17.86 -42.61 -26.20
N GLY B 387 17.31 -41.62 -25.50
CA GLY B 387 15.86 -41.54 -25.24
C GLY B 387 15.37 -42.42 -24.11
N LYS B 388 16.29 -42.94 -23.30
CA LYS B 388 15.94 -43.85 -22.20
C LYS B 388 15.24 -43.10 -21.06
N TYR B 389 15.75 -41.90 -20.75
CA TYR B 389 15.14 -41.02 -19.75
C TYR B 389 14.86 -39.64 -20.34
N ALA B 390 13.77 -39.03 -19.90
CA ALA B 390 13.60 -37.59 -19.98
C ALA B 390 14.35 -37.02 -18.79
N TRP B 391 14.97 -35.85 -18.97
CA TRP B 391 15.61 -35.14 -17.86
C TRP B 391 14.95 -33.79 -17.65
N SER B 392 15.22 -33.20 -16.50
CA SER B 392 14.72 -31.88 -16.16
C SER B 392 15.57 -31.21 -15.09
N ILE B 393 15.76 -29.90 -15.23
CA ILE B 393 16.42 -29.08 -14.22
C ILE B 393 15.32 -28.30 -13.51
N LEU B 394 15.16 -28.57 -12.22
CA LEU B 394 14.03 -28.11 -11.42
C LEU B 394 14.46 -27.16 -10.30
N LEU B 395 13.71 -26.07 -10.11
CA LEU B 395 14.00 -25.09 -9.06
C LEU B 395 12.88 -25.00 -8.03
N ASP B 396 13.26 -24.75 -6.78
CA ASP B 396 12.31 -24.39 -5.72
C ASP B 396 11.89 -22.93 -5.88
N ARG B 397 10.88 -22.52 -5.12
CA ARG B 397 10.34 -21.16 -5.26
C ARG B 397 11.35 -20.06 -4.97
N SER B 398 12.18 -20.24 -3.95
CA SER B 398 13.22 -19.26 -3.59
C SER B 398 14.40 -19.22 -4.58
N GLN B 399 14.51 -20.26 -5.42
CA GLN B 399 15.55 -20.38 -6.46
C GLN B 399 16.95 -20.50 -5.84
N THR B 400 17.00 -21.15 -4.69
CA THR B 400 18.21 -21.46 -3.96
C THR B 400 18.51 -22.97 -3.98
N ARG B 401 17.62 -23.77 -4.54
CA ARG B 401 17.83 -25.20 -4.71
C ARG B 401 17.61 -25.57 -6.18
N LEU B 402 18.57 -26.27 -6.77
CA LEU B 402 18.45 -26.81 -8.12
C LEU B 402 18.55 -28.32 -8.04
N GLN B 403 17.72 -29.01 -8.83
CA GLN B 403 17.78 -30.46 -8.96
C GLN B 403 17.79 -30.85 -10.42
N ILE B 404 18.70 -31.74 -10.80
CA ILE B 404 18.67 -32.40 -12.11
C ILE B 404 18.06 -33.78 -11.86
N VAL B 405 16.98 -34.08 -12.55
CA VAL B 405 16.20 -35.29 -12.31
C VAL B 405 15.95 -36.05 -13.61
N LEU B 406 16.16 -37.37 -13.57
CA LEU B 406 15.80 -38.25 -14.68
C LEU B 406 14.42 -38.80 -14.44
N ILE B 407 13.62 -38.81 -15.50
CA ILE B 407 12.23 -39.24 -15.47
C ILE B 407 12.07 -40.30 -16.56
N SER B 408 11.94 -41.56 -16.14
CA SER B 408 11.72 -42.66 -17.07
C SER B 408 10.30 -42.57 -17.66
N PRO B 409 10.13 -42.93 -18.95
CA PRO B 409 8.77 -43.04 -19.53
C PRO B 409 7.81 -43.99 -18.80
N GLU B 410 8.34 -44.99 -18.12
CA GLU B 410 7.53 -45.92 -17.30
C GLU B 410 6.83 -45.26 -16.09
N LEU B 411 7.27 -44.07 -15.67
CA LEU B 411 6.56 -43.26 -14.66
C LEU B 411 5.22 -42.68 -15.17
N PHE B 412 5.05 -42.63 -16.49
CA PHE B 412 3.81 -42.14 -17.09
C PHE B 412 2.85 -43.28 -17.43
N ILE B 413 1.64 -43.21 -16.86
CA ILE B 413 0.54 -44.13 -17.17
C ILE B 413 -0.54 -43.39 -17.96
N PRO B 414 -1.44 -44.13 -18.65
CA PRO B 414 -2.51 -43.45 -19.39
C PRO B 414 -3.50 -42.69 -18.48
N VAL B 415 -4.16 -41.70 -19.06
CA VAL B 415 -5.19 -40.93 -18.36
C VAL B 415 -6.47 -41.76 -18.45
N GLU B 416 -7.03 -42.11 -17.29
CA GLU B 416 -8.25 -42.92 -17.20
C GLU B 416 -9.23 -42.35 -16.16
N ASP B 417 -10.48 -42.18 -16.58
CA ASP B 417 -11.56 -41.73 -15.69
C ASP B 417 -11.99 -42.87 -14.77
N ASP B 418 -12.15 -44.06 -15.37
CA ASP B 418 -12.48 -45.29 -14.63
C ASP B 418 -11.44 -45.57 -13.54
N VAL B 419 -11.81 -45.29 -12.30
CA VAL B 419 -10.90 -45.37 -11.14
C VAL B 419 -10.40 -46.79 -10.84
N MET B 420 -11.20 -47.80 -11.17
CA MET B 420 -10.84 -49.21 -10.96
C MET B 420 -9.77 -49.63 -11.99
N GLU B 421 -9.96 -49.22 -13.24
CA GLU B 421 -8.95 -49.40 -14.30
C GLU B 421 -7.68 -48.57 -14.05
N ARG B 422 -7.84 -47.38 -13.47
CA ARG B 422 -6.71 -46.53 -13.09
C ARG B 422 -5.83 -47.17 -12.02
N GLN B 423 -6.45 -47.83 -11.06
CA GLN B 423 -5.73 -48.57 -10.02
C GLN B 423 -4.99 -49.81 -10.55
N ARG B 424 -5.50 -50.40 -11.63
CA ARG B 424 -4.79 -51.49 -12.33
C ARG B 424 -3.51 -50.99 -13.00
N LEU B 425 -3.58 -49.79 -13.59
CA LEU B 425 -2.44 -49.16 -14.24
C LEU B 425 -1.37 -48.71 -13.23
N ILE B 426 -1.82 -48.20 -12.09
CA ILE B 426 -0.92 -47.87 -10.98
C ILE B 426 -0.22 -49.12 -10.42
N GLU B 427 -0.96 -50.24 -10.39
CA GLU B 427 -0.42 -51.53 -9.92
C GLU B 427 0.70 -52.03 -10.83
N SER B 428 0.48 -51.91 -12.15
CA SER B 428 1.38 -52.48 -13.17
C SER B 428 2.78 -51.85 -13.24
N VAL B 429 2.89 -50.59 -12.83
CA VAL B 429 4.18 -49.89 -12.76
C VAL B 429 4.92 -50.34 -11.50
N PRO B 430 6.14 -50.92 -11.63
CA PRO B 430 6.89 -51.36 -10.45
C PRO B 430 7.28 -50.24 -9.48
N ASP B 431 7.61 -50.64 -8.25
CA ASP B 431 8.15 -49.70 -7.25
C ASP B 431 9.59 -49.28 -7.56
N SER B 432 10.32 -50.10 -8.32
CA SER B 432 11.69 -49.77 -8.76
C SER B 432 11.75 -48.54 -9.66
N VAL B 433 10.75 -48.39 -10.54
CA VAL B 433 10.63 -47.23 -11.42
C VAL B 433 10.29 -46.00 -10.58
N THR B 434 11.20 -45.03 -10.58
CA THR B 434 11.16 -43.91 -9.66
C THR B 434 11.86 -42.69 -10.28
N PRO B 435 11.51 -41.46 -9.84
CA PRO B 435 12.33 -40.31 -10.24
C PRO B 435 13.74 -40.43 -9.65
N LEU B 436 14.73 -40.06 -10.44
CA LEU B 436 16.14 -40.18 -10.05
C LEU B 436 16.80 -38.80 -10.03
N ILE B 437 16.92 -38.23 -8.83
CA ILE B 437 17.62 -36.95 -8.64
C ILE B 437 19.14 -37.22 -8.75
N ILE B 438 19.66 -37.07 -9.97
CA ILE B 438 21.08 -37.32 -10.26
C ILE B 438 22.03 -36.21 -9.79
N TYR B 439 21.48 -35.04 -9.44
CA TYR B 439 22.29 -33.93 -8.97
C TYR B 439 21.43 -32.93 -8.21
N GLU B 440 21.92 -32.49 -7.06
CA GLU B 440 21.27 -31.45 -6.25
C GLU B 440 22.30 -30.51 -5.65
N GLU B 441 21.95 -29.22 -5.58
CA GLU B 441 22.84 -28.19 -5.06
C GLU B 441 22.03 -27.07 -4.42
N THR B 442 22.68 -26.31 -3.53
CA THR B 442 22.07 -25.17 -2.85
C THR B 442 22.99 -23.96 -2.84
N THR B 443 22.43 -22.81 -2.49
CA THR B 443 23.17 -21.55 -2.40
C THR B 443 22.44 -20.54 -1.52
N ASP B 444 23.21 -19.71 -0.81
CA ASP B 444 22.67 -18.61 -0.02
C ASP B 444 22.39 -17.34 -0.84
N ILE B 445 22.74 -17.37 -2.13
CA ILE B 445 22.60 -16.19 -3.01
C ILE B 445 21.45 -16.45 -4.01
N TRP B 446 21.73 -17.19 -5.09
CA TRP B 446 20.69 -17.64 -6.04
C TRP B 446 21.28 -18.52 -7.12
N ILE B 447 20.42 -19.37 -7.68
CA ILE B 447 20.79 -20.21 -8.80
C ILE B 447 20.59 -19.40 -10.08
N ASN B 448 21.68 -19.22 -10.83
CA ASN B 448 21.61 -18.68 -12.19
C ASN B 448 21.49 -19.85 -13.16
N ILE B 449 20.32 -19.97 -13.79
CA ILE B 449 20.07 -21.03 -14.78
C ILE B 449 20.84 -20.71 -16.06
N HIS B 450 21.33 -21.76 -16.72
CA HIS B 450 22.16 -21.66 -17.92
C HIS B 450 21.85 -22.84 -18.86
N ASP B 451 22.47 -22.85 -20.03
CA ASP B 451 22.14 -23.83 -21.08
C ASP B 451 23.16 -24.98 -21.26
N ILE B 452 23.91 -25.26 -20.20
CA ILE B 452 25.00 -26.24 -20.19
C ILE B 452 24.53 -27.48 -19.45
N PHE B 453 24.34 -28.56 -20.21
CA PHE B 453 24.08 -29.87 -19.65
C PHE B 453 24.37 -30.87 -20.76
N HIS B 454 25.39 -31.70 -20.57
CA HIS B 454 25.79 -32.68 -21.57
C HIS B 454 25.80 -34.05 -20.92
N VAL B 455 25.00 -34.96 -21.48
CA VAL B 455 24.89 -36.33 -20.99
C VAL B 455 25.69 -37.23 -21.94
N PHE B 456 26.66 -37.95 -21.39
CA PHE B 456 27.42 -38.94 -22.16
C PHE B 456 26.58 -40.20 -22.40
N PRO B 457 26.96 -41.03 -23.40
CA PRO B 457 26.26 -42.31 -23.57
C PRO B 457 26.42 -43.24 -22.37
N GLN B 458 25.39 -44.04 -22.11
CA GLN B 458 25.43 -44.98 -20.98
C GLN B 458 26.26 -46.20 -21.30
N SER B 459 27.42 -46.31 -20.65
CA SER B 459 28.23 -47.52 -20.70
C SER B 459 27.67 -48.58 -19.74
N HIS B 460 27.22 -48.12 -18.56
CA HIS B 460 26.61 -48.98 -17.54
C HIS B 460 25.17 -48.55 -17.24
N GLU B 461 24.29 -49.52 -17.04
CA GLU B 461 22.84 -49.25 -16.83
C GLU B 461 22.50 -48.65 -15.46
N GLU B 462 23.38 -48.83 -14.46
CA GLU B 462 23.18 -48.25 -13.12
C GLU B 462 24.03 -46.97 -12.87
N GLU B 463 24.55 -46.38 -13.95
CA GLU B 463 25.33 -45.14 -13.87
C GLU B 463 24.94 -44.15 -14.96
N ILE B 464 25.11 -42.87 -14.67
CA ILE B 464 24.94 -41.80 -15.64
C ILE B 464 26.13 -40.83 -15.48
N GLU B 465 26.75 -40.49 -16.60
CA GLU B 465 27.87 -39.53 -16.65
C GLU B 465 27.42 -38.26 -17.37
N PHE B 466 27.78 -37.10 -16.82
CA PHE B 466 27.39 -35.83 -17.41
C PHE B 466 28.29 -34.67 -17.00
N ILE B 467 28.36 -33.66 -17.87
CA ILE B 467 28.98 -32.38 -17.55
C ILE B 467 27.86 -31.39 -17.20
N PHE B 468 28.04 -30.69 -16.10
CA PHE B 468 27.15 -29.60 -15.68
C PHE B 468 28.05 -28.46 -15.23
N ALA B 469 27.51 -27.24 -15.20
CA ALA B 469 28.22 -26.07 -14.69
C ALA B 469 27.52 -25.52 -13.46
N SER B 470 28.30 -24.99 -12.52
CA SER B 470 27.73 -24.44 -11.30
C SER B 470 28.63 -23.42 -10.61
N GLU B 471 27.98 -22.46 -9.95
CA GLU B 471 28.62 -21.46 -9.09
C GLU B 471 28.54 -21.83 -7.62
N CYS B 472 27.85 -22.92 -7.28
CA CYS B 472 27.52 -23.24 -5.90
C CYS B 472 28.69 -23.73 -5.03
N LYS B 473 29.74 -24.27 -5.66
CA LYS B 473 30.90 -24.79 -4.93
C LYS B 473 31.80 -23.64 -4.50
N THR B 474 32.26 -22.85 -5.48
CA THR B 474 33.32 -21.85 -5.28
C THR B 474 32.90 -20.37 -5.41
N GLY B 475 31.68 -20.12 -5.90
CA GLY B 475 31.20 -18.75 -6.16
C GLY B 475 31.47 -18.24 -7.57
N PHE B 476 32.11 -19.06 -8.39
CA PHE B 476 32.30 -18.79 -9.81
C PHE B 476 31.85 -20.00 -10.61
N ARG B 477 31.24 -19.76 -11.77
CA ARG B 477 30.70 -20.84 -12.60
C ARG B 477 31.82 -21.65 -13.28
N HIS B 478 31.86 -22.94 -12.96
CA HIS B 478 32.84 -23.86 -13.52
C HIS B 478 32.18 -25.16 -13.94
N LEU B 479 32.86 -25.88 -14.83
CA LEU B 479 32.37 -27.14 -15.36
C LEU B 479 32.77 -28.26 -14.42
N TYR B 480 31.86 -29.22 -14.24
CA TYR B 480 32.08 -30.37 -13.37
C TYR B 480 31.61 -31.64 -14.09
N LYS B 481 32.50 -32.64 -14.19
CA LYS B 481 32.13 -33.97 -14.67
C LYS B 481 31.67 -34.77 -13.48
N ILE B 482 30.45 -35.29 -13.56
CA ILE B 482 29.77 -35.94 -12.45
C ILE B 482 29.29 -37.32 -12.90
N THR B 483 29.40 -38.29 -12.01
CA THR B 483 28.83 -39.62 -12.23
C THR B 483 27.93 -39.96 -11.04
N SER B 484 26.70 -40.36 -11.34
CA SER B 484 25.67 -40.62 -10.32
C SER B 484 25.21 -42.07 -10.41
N ILE B 485 24.95 -42.67 -9.25
CA ILE B 485 24.51 -44.06 -9.16
C ILE B 485 22.98 -44.10 -9.21
N LEU B 486 22.45 -44.74 -10.24
CA LEU B 486 21.00 -44.91 -10.42
C LEU B 486 20.49 -46.09 -9.58
N LYS B 487 20.35 -45.81 -8.28
CA LYS B 487 19.96 -46.82 -7.29
C LYS B 487 18.45 -46.98 -7.26
N GLU B 488 17.99 -48.14 -6.79
CA GLU B 488 16.57 -48.33 -6.44
C GLU B 488 16.25 -47.48 -5.21
N SER B 489 15.11 -46.79 -5.25
CA SER B 489 14.68 -45.98 -4.12
C SER B 489 14.16 -46.90 -3.00
N LYS B 490 14.47 -46.54 -1.76
CA LYS B 490 13.90 -47.23 -0.60
C LYS B 490 12.40 -46.93 -0.39
N TYR B 491 11.89 -45.87 -1.05
CA TYR B 491 10.45 -45.61 -1.14
C TYR B 491 9.76 -46.61 -2.07
N LYS B 492 8.70 -47.24 -1.56
CA LYS B 492 7.84 -48.12 -2.36
C LYS B 492 6.42 -47.53 -2.40
N ARG B 493 5.86 -47.44 -3.60
CA ARG B 493 4.52 -46.88 -3.82
C ARG B 493 3.40 -47.72 -3.21
N SER B 494 3.47 -49.04 -3.44
CA SER B 494 2.43 -49.99 -3.00
C SER B 494 2.12 -49.94 -1.50
N SER B 495 3.13 -49.63 -0.69
CA SER B 495 2.98 -49.44 0.76
C SER B 495 1.95 -48.37 1.15
N GLY B 496 1.72 -47.40 0.26
CA GLY B 496 0.65 -46.41 0.43
C GLY B 496 1.07 -45.10 1.10
N GLY B 497 2.34 -44.98 1.46
CA GLY B 497 2.88 -43.76 2.07
C GLY B 497 3.31 -42.74 1.04
N LEU B 498 3.78 -41.58 1.54
CA LEU B 498 4.36 -40.52 0.71
C LEU B 498 5.89 -40.52 0.87
N PRO B 499 6.63 -40.17 -0.20
CA PRO B 499 8.10 -40.22 -0.13
C PRO B 499 8.72 -39.07 0.68
N ALA B 500 9.77 -39.40 1.44
CA ALA B 500 10.55 -38.40 2.17
C ALA B 500 11.43 -37.58 1.20
N PRO B 501 11.92 -36.38 1.64
CA PRO B 501 12.71 -35.51 0.75
C PRO B 501 13.92 -36.14 0.06
N SER B 502 14.66 -36.99 0.76
CA SER B 502 15.90 -37.58 0.23
C SER B 502 15.74 -38.97 -0.42
N ASP B 503 14.51 -39.45 -0.56
CA ASP B 503 14.26 -40.82 -1.08
C ASP B 503 14.67 -41.04 -2.53
N PHE B 504 14.45 -40.04 -3.38
CA PHE B 504 14.82 -40.12 -4.79
C PHE B 504 16.27 -39.68 -5.11
N LYS B 505 17.01 -39.23 -4.10
CA LYS B 505 18.39 -38.75 -4.31
C LYS B 505 19.36 -39.87 -4.63
N CYS B 506 20.09 -39.71 -5.73
CA CYS B 506 21.14 -40.65 -6.14
C CYS B 506 22.44 -40.32 -5.42
N PRO B 507 23.23 -41.35 -5.04
CA PRO B 507 24.59 -41.07 -4.60
C PRO B 507 25.50 -40.60 -5.73
N ILE B 508 26.41 -39.67 -5.42
CA ILE B 508 27.40 -39.18 -6.37
C ILE B 508 28.65 -40.06 -6.27
N LYS B 509 28.99 -40.77 -7.35
CA LYS B 509 30.18 -41.62 -7.38
C LYS B 509 31.46 -40.78 -7.46
N GLU B 510 31.49 -39.84 -8.39
CA GLU B 510 32.58 -38.87 -8.51
C GLU B 510 32.06 -37.49 -8.93
N GLU B 511 32.76 -36.45 -8.48
CA GLU B 511 32.48 -35.06 -8.86
C GLU B 511 33.81 -34.35 -9.09
N ILE B 512 34.27 -34.38 -10.33
CA ILE B 512 35.58 -33.85 -10.72
C ILE B 512 35.42 -32.45 -11.31
N ALA B 513 36.13 -31.48 -10.74
CA ALA B 513 36.20 -30.12 -11.30
C ALA B 513 37.07 -30.09 -12.57
N ILE B 514 36.45 -29.72 -13.69
CA ILE B 514 37.14 -29.58 -14.98
C ILE B 514 37.84 -28.23 -15.09
N THR B 515 37.21 -27.20 -14.51
CA THR B 515 37.80 -25.85 -14.47
C THR B 515 37.71 -25.29 -13.06
N SER B 516 38.55 -24.28 -12.77
CA SER B 516 38.57 -23.61 -11.47
C SER B 516 39.30 -22.27 -11.56
N GLY B 517 39.13 -21.45 -10.52
CA GLY B 517 39.78 -20.14 -10.43
C GLY B 517 38.81 -18.99 -10.23
N GLU B 518 39.35 -17.77 -10.15
CA GLU B 518 38.56 -16.56 -9.89
C GLU B 518 38.06 -15.93 -11.20
N TRP B 519 37.28 -16.71 -11.91
CA TRP B 519 36.78 -16.38 -13.25
C TRP B 519 35.68 -17.37 -13.59
N GLU B 520 34.80 -17.01 -14.51
CA GLU B 520 33.61 -17.85 -14.82
C GLU B 520 33.57 -18.42 -16.22
N VAL B 521 32.96 -19.60 -16.32
CA VAL B 521 32.52 -20.19 -17.59
C VAL B 521 31.15 -19.59 -17.92
N LEU B 522 30.94 -19.28 -19.19
CA LEU B 522 29.69 -18.66 -19.67
C LEU B 522 28.72 -19.72 -20.18
N GLY B 523 27.45 -19.60 -19.79
CA GLY B 523 26.39 -20.53 -20.23
C GLY B 523 25.06 -19.89 -20.61
N ARG B 524 25.07 -18.57 -20.84
CA ARG B 524 23.84 -17.81 -21.13
C ARG B 524 24.00 -17.02 -22.44
N HIS B 525 22.87 -16.74 -23.08
CA HIS B 525 22.79 -15.93 -24.33
C HIS B 525 23.50 -16.54 -25.54
N GLY B 526 23.46 -17.88 -25.64
CA GLY B 526 24.14 -18.59 -26.73
C GLY B 526 25.51 -19.15 -26.38
N SER B 527 26.08 -18.72 -25.25
CA SER B 527 27.31 -19.33 -24.71
C SER B 527 26.97 -20.73 -24.22
N ASN B 528 27.76 -21.70 -24.67
CA ASN B 528 27.54 -23.09 -24.32
C ASN B 528 28.86 -23.84 -24.45
N ILE B 529 28.84 -25.13 -24.11
CA ILE B 529 29.98 -26.00 -24.31
C ILE B 529 29.80 -26.83 -25.59
N GLN B 530 30.90 -27.42 -26.04
CA GLN B 530 30.89 -28.42 -27.11
C GLN B 530 31.87 -29.50 -26.66
N VAL B 531 31.36 -30.72 -26.49
CA VAL B 531 32.15 -31.83 -25.99
C VAL B 531 32.64 -32.67 -27.16
N ASP B 532 33.96 -32.87 -27.22
CA ASP B 532 34.59 -33.79 -28.18
C ASP B 532 34.78 -35.13 -27.48
N GLU B 533 33.90 -36.08 -27.77
CA GLU B 533 33.91 -37.40 -27.10
C GLU B 533 35.05 -38.33 -27.56
N VAL B 534 35.63 -38.06 -28.73
CA VAL B 534 36.76 -38.87 -29.23
C VAL B 534 38.05 -38.48 -28.50
N ARG B 535 38.39 -37.20 -28.58
CA ARG B 535 39.58 -36.65 -27.92
C ARG B 535 39.37 -36.41 -26.41
N ARG B 536 38.12 -36.48 -25.96
CA ARG B 536 37.75 -36.33 -24.55
C ARG B 536 38.08 -34.93 -24.03
N LEU B 537 37.62 -33.94 -24.81
CA LEU B 537 37.83 -32.52 -24.54
C LEU B 537 36.49 -31.80 -24.45
N VAL B 538 36.51 -30.61 -23.85
CA VAL B 538 35.34 -29.73 -23.79
C VAL B 538 35.76 -28.31 -24.16
N TYR B 539 35.11 -27.75 -25.17
CA TYR B 539 35.28 -26.36 -25.57
C TYR B 539 34.29 -25.49 -24.80
N PHE B 540 34.75 -24.32 -24.35
CA PHE B 540 33.90 -23.40 -23.58
C PHE B 540 34.36 -21.94 -23.68
N GLU B 541 33.44 -21.03 -23.35
CA GLU B 541 33.73 -19.59 -23.29
C GLU B 541 33.92 -19.17 -21.82
N GLY B 542 34.82 -18.22 -21.59
CA GLY B 542 35.15 -17.83 -20.22
C GLY B 542 35.77 -16.46 -20.05
N THR B 543 35.89 -16.05 -18.78
CA THR B 543 36.49 -14.76 -18.38
C THR B 543 37.88 -14.92 -17.74
N LYS B 544 38.59 -15.99 -18.10
CA LYS B 544 39.86 -16.36 -17.46
C LYS B 544 40.94 -15.31 -17.68
N ASP B 545 41.06 -14.83 -18.91
CA ASP B 545 42.05 -13.81 -19.26
C ASP B 545 41.69 -12.41 -18.76
N SER B 546 40.39 -12.10 -18.77
CA SER B 546 39.91 -10.80 -18.29
C SER B 546 38.40 -10.83 -18.07
N PRO B 547 37.91 -10.09 -17.06
CA PRO B 547 36.45 -9.87 -16.98
C PRO B 547 35.89 -8.95 -18.07
N LEU B 548 36.76 -8.25 -18.80
CA LEU B 548 36.37 -7.38 -19.91
C LEU B 548 36.35 -8.05 -21.29
N GLU B 549 36.77 -9.31 -21.38
CA GLU B 549 36.80 -10.04 -22.65
C GLU B 549 36.32 -11.47 -22.45
N HIS B 550 35.46 -11.94 -23.36
CA HIS B 550 35.10 -13.34 -23.45
C HIS B 550 36.07 -14.02 -24.42
N HIS B 551 36.49 -15.24 -24.08
CA HIS B 551 37.41 -16.01 -24.93
C HIS B 551 37.00 -17.47 -24.97
N LEU B 552 37.35 -18.13 -26.06
CA LEU B 552 37.13 -19.56 -26.22
C LEU B 552 38.32 -20.30 -25.64
N TYR B 553 38.05 -21.40 -24.92
CA TYR B 553 39.06 -22.21 -24.28
C TYR B 553 38.79 -23.68 -24.59
N VAL B 554 39.78 -24.52 -24.34
CA VAL B 554 39.61 -25.97 -24.43
C VAL B 554 40.38 -26.66 -23.30
N VAL B 555 39.84 -27.77 -22.83
CA VAL B 555 40.38 -28.49 -21.67
C VAL B 555 39.90 -29.94 -21.73
N SER B 556 40.69 -30.85 -21.17
CA SER B 556 40.30 -32.25 -21.04
C SER B 556 39.30 -32.41 -19.90
N TYR B 557 38.31 -33.27 -20.09
CA TYR B 557 37.36 -33.62 -19.02
C TYR B 557 37.74 -34.92 -18.28
N VAL B 558 38.81 -35.58 -18.71
CA VAL B 558 39.27 -36.84 -18.10
C VAL B 558 40.35 -36.57 -17.06
N ASN B 559 41.45 -35.96 -17.51
CA ASN B 559 42.53 -35.54 -16.62
C ASN B 559 42.70 -34.03 -16.81
N PRO B 560 41.88 -33.22 -16.09
CA PRO B 560 41.81 -31.78 -16.37
C PRO B 560 42.94 -30.94 -15.77
N GLY B 561 43.84 -30.47 -16.64
CA GLY B 561 44.86 -29.49 -16.22
C GLY B 561 44.85 -28.20 -17.02
N GLU B 562 45.64 -28.17 -18.08
CA GLU B 562 45.83 -26.96 -18.87
C GLU B 562 44.55 -26.51 -19.57
N VAL B 563 44.24 -25.23 -19.40
CA VAL B 563 43.15 -24.56 -20.11
C VAL B 563 43.81 -23.76 -21.24
N THR B 564 43.70 -24.27 -22.46
CA THR B 564 44.27 -23.62 -23.64
C THR B 564 43.28 -22.60 -24.20
N ARG B 565 43.66 -21.32 -24.21
CA ARG B 565 42.88 -20.27 -24.86
C ARG B 565 43.06 -20.38 -26.37
N LEU B 566 41.93 -20.37 -27.09
CA LEU B 566 41.91 -20.51 -28.54
C LEU B 566 41.68 -19.21 -29.32
N THR B 567 41.20 -18.17 -28.65
CA THR B 567 40.97 -16.88 -29.30
C THR B 567 42.07 -15.87 -28.94
N ASP B 568 42.25 -14.87 -29.79
CA ASP B 568 43.34 -13.90 -29.62
C ASP B 568 42.94 -12.78 -28.67
N ARG B 569 43.82 -12.44 -27.73
CA ARG B 569 43.63 -11.33 -26.80
C ARG B 569 43.49 -9.99 -27.51
N GLY B 570 42.91 -9.02 -26.82
CA GLY B 570 42.60 -7.70 -27.37
C GLY B 570 41.22 -7.56 -27.99
N TYR B 571 40.46 -8.65 -28.06
CA TYR B 571 39.08 -8.66 -28.52
C TYR B 571 38.23 -9.46 -27.53
N SER B 572 36.94 -9.16 -27.49
CA SER B 572 35.96 -10.04 -26.84
C SER B 572 35.30 -10.88 -27.92
N HIS B 573 35.16 -12.18 -27.66
CA HIS B 573 34.71 -13.14 -28.68
C HIS B 573 33.41 -13.82 -28.27
N SER B 574 32.53 -13.98 -29.25
CA SER B 574 31.34 -14.81 -29.14
C SER B 574 31.48 -15.90 -30.18
N CYS B 575 31.49 -17.15 -29.73
CA CYS B 575 31.96 -18.27 -30.55
C CYS B 575 30.95 -19.39 -30.72
N CYS B 576 31.07 -20.07 -31.86
CA CYS B 576 30.33 -21.27 -32.17
C CYS B 576 31.35 -22.33 -32.61
N ILE B 577 31.28 -23.51 -32.00
CA ILE B 577 32.16 -24.62 -32.37
C ILE B 577 31.34 -25.60 -33.21
N SER B 578 31.93 -26.05 -34.31
CA SER B 578 31.32 -27.07 -35.17
C SER B 578 31.01 -28.34 -34.39
N GLN B 579 29.91 -29.00 -34.74
CA GLN B 579 29.56 -30.31 -34.18
C GLN B 579 30.65 -31.37 -34.38
N HIS B 580 31.43 -31.24 -35.45
CA HIS B 580 32.55 -32.14 -35.75
C HIS B 580 33.87 -31.81 -35.03
N CYS B 581 33.88 -30.71 -34.27
CA CYS B 581 35.00 -30.32 -33.38
C CYS B 581 36.33 -30.06 -34.10
N ASP B 582 36.25 -29.65 -35.37
CA ASP B 582 37.42 -29.31 -36.18
C ASP B 582 37.40 -27.90 -36.78
N PHE B 583 36.44 -27.09 -36.36
CA PHE B 583 36.31 -25.70 -36.79
C PHE B 583 35.61 -24.90 -35.70
N PHE B 584 35.91 -23.61 -35.60
CA PHE B 584 35.09 -22.71 -34.80
C PHE B 584 34.99 -21.35 -35.48
N ILE B 585 33.91 -20.66 -35.17
CA ILE B 585 33.63 -19.33 -35.69
C ILE B 585 33.61 -18.39 -34.51
N SER B 586 34.18 -17.19 -34.71
CA SER B 586 34.17 -16.15 -33.69
C SER B 586 33.59 -14.89 -34.27
N LYS B 587 32.56 -14.36 -33.61
CA LYS B 587 32.14 -12.99 -33.77
C LYS B 587 32.88 -12.20 -32.68
N TYR B 588 33.77 -11.30 -33.10
CA TYR B 588 34.63 -10.56 -32.17
C TYR B 588 34.69 -9.07 -32.47
N SER B 589 34.99 -8.30 -31.44
CA SER B 589 35.20 -6.86 -31.57
C SER B 589 35.99 -6.32 -30.39
N ASN B 590 36.31 -5.04 -30.45
CA ASN B 590 36.83 -4.29 -29.30
C ASN B 590 36.34 -2.85 -29.38
N GLN B 591 36.74 -2.02 -28.41
CA GLN B 591 36.31 -0.62 -28.37
C GLN B 591 36.60 0.15 -29.67
N LYS B 592 37.77 -0.10 -30.26
CA LYS B 592 38.19 0.58 -31.49
C LYS B 592 37.51 0.05 -32.77
N ASN B 593 37.39 -1.27 -32.87
CA ASN B 593 36.98 -1.94 -34.12
C ASN B 593 35.57 -2.52 -34.07
N PRO B 594 34.72 -2.21 -35.08
CA PRO B 594 33.43 -2.91 -35.26
C PRO B 594 33.58 -4.42 -35.43
N HIS B 595 32.48 -5.14 -35.26
CA HIS B 595 32.54 -6.60 -35.19
C HIS B 595 32.83 -7.27 -36.54
N CYS B 596 33.69 -8.29 -36.47
CA CYS B 596 33.99 -9.18 -37.59
C CYS B 596 33.54 -10.58 -37.21
N VAL B 597 33.31 -11.41 -38.23
CA VAL B 597 33.08 -12.84 -38.04
C VAL B 597 34.11 -13.58 -38.90
N SER B 598 34.83 -14.50 -38.28
CA SER B 598 35.88 -15.25 -38.95
C SER B 598 35.78 -16.74 -38.59
N LEU B 599 36.28 -17.58 -39.49
CA LEU B 599 36.31 -19.02 -39.34
C LEU B 599 37.74 -19.44 -39.03
N TYR B 600 37.89 -20.38 -38.10
CA TYR B 600 39.20 -20.87 -37.69
C TYR B 600 39.18 -22.39 -37.68
N LYS B 601 40.19 -23.00 -38.30
CA LYS B 601 40.33 -24.46 -38.33
C LYS B 601 41.12 -24.94 -37.12
N LEU B 602 40.64 -26.03 -36.51
CA LEU B 602 41.27 -26.63 -35.34
C LEU B 602 42.06 -27.88 -35.75
N SER B 603 43.28 -28.01 -35.22
CA SER B 603 44.13 -29.17 -35.48
C SER B 603 44.75 -29.69 -34.19
N SER B 604 45.22 -30.93 -34.24
CA SER B 604 46.04 -31.52 -33.20
C SER B 604 47.43 -31.84 -33.77
N PRO B 605 48.49 -31.66 -32.96
CA PRO B 605 49.78 -32.22 -33.39
C PRO B 605 49.77 -33.76 -33.31
N GLU B 606 50.58 -34.40 -34.16
CA GLU B 606 50.64 -35.86 -34.25
C GLU B 606 50.95 -36.55 -32.92
N ASP B 607 51.86 -35.97 -32.15
CA ASP B 607 52.31 -36.56 -30.88
C ASP B 607 51.27 -36.54 -29.75
N ASP B 608 50.30 -35.62 -29.82
CA ASP B 608 49.29 -35.47 -28.76
C ASP B 608 47.93 -35.01 -29.33
N PRO B 609 46.94 -35.93 -29.42
CA PRO B 609 45.58 -35.53 -29.79
C PRO B 609 44.86 -34.59 -28.81
N THR B 610 45.25 -34.62 -27.54
CA THR B 610 44.69 -33.72 -26.50
C THR B 610 44.93 -32.24 -26.78
N CYS B 611 46.11 -31.90 -27.29
CA CYS B 611 46.48 -30.49 -27.51
C CYS B 611 45.84 -29.93 -28.77
N LYS B 612 45.50 -28.64 -28.71
CA LYS B 612 44.78 -27.96 -29.77
C LYS B 612 45.46 -26.67 -30.22
N THR B 613 45.46 -26.46 -31.53
CA THR B 613 45.93 -25.23 -32.16
C THR B 613 44.87 -24.75 -33.13
N LYS B 614 44.82 -23.43 -33.34
CA LYS B 614 43.93 -22.84 -34.33
C LYS B 614 44.73 -22.28 -35.50
N GLU B 615 44.05 -22.13 -36.63
CA GLU B 615 44.58 -21.39 -37.78
C GLU B 615 43.44 -20.62 -38.43
N PHE B 616 43.67 -19.36 -38.77
CA PHE B 616 42.70 -18.57 -39.53
C PHE B 616 42.46 -19.23 -40.88
N TRP B 617 41.18 -19.41 -41.22
CA TRP B 617 40.78 -20.10 -42.44
C TRP B 617 40.12 -19.14 -43.44
N ALA B 618 39.10 -18.42 -42.98
CA ALA B 618 38.38 -17.46 -43.83
C ALA B 618 37.56 -16.46 -43.02
N THR B 619 37.28 -15.32 -43.64
CA THR B 619 36.37 -14.32 -43.08
C THR B 619 34.95 -14.59 -43.59
N ILE B 620 33.99 -14.60 -42.67
CA ILE B 620 32.56 -14.67 -43.01
C ILE B 620 31.99 -13.26 -43.15
N LEU B 621 32.34 -12.38 -42.21
CA LEU B 621 31.92 -10.98 -42.24
C LEU B 621 33.08 -10.07 -41.88
N ASP B 622 33.39 -9.14 -42.77
CA ASP B 622 34.47 -8.16 -42.57
C ASP B 622 33.94 -6.94 -41.81
N SER B 623 34.81 -6.28 -41.06
CA SER B 623 34.46 -5.05 -40.35
C SER B 623 34.21 -3.90 -41.33
N ALA B 624 33.32 -2.99 -40.96
CA ALA B 624 33.11 -1.73 -41.68
C ALA B 624 34.32 -0.80 -41.54
N GLY B 625 35.02 -0.89 -40.41
CA GLY B 625 36.17 -0.04 -40.09
C GLY B 625 35.72 1.08 -39.16
N PRO B 626 36.66 1.65 -38.36
CA PRO B 626 36.27 2.75 -37.47
C PRO B 626 35.77 3.98 -38.24
N LEU B 627 34.58 4.47 -37.90
CA LEU B 627 34.01 5.65 -38.55
C LEU B 627 34.69 6.93 -38.05
N PRO B 628 34.74 7.99 -38.88
CA PRO B 628 35.26 9.29 -38.40
C PRO B 628 34.31 10.03 -37.45
N ASP B 629 33.02 9.66 -37.44
CA ASP B 629 32.06 10.13 -36.43
C ASP B 629 32.49 9.65 -35.05
N TYR B 630 32.60 8.32 -34.93
CA TYR B 630 32.73 7.65 -33.65
C TYR B 630 34.13 7.74 -33.03
N THR B 631 34.20 8.39 -31.86
CA THR B 631 35.35 8.30 -30.96
C THR B 631 34.94 7.38 -29.82
N PRO B 632 35.66 6.25 -29.64
CA PRO B 632 35.28 5.32 -28.59
C PRO B 632 35.59 5.85 -27.18
N PRO B 633 34.95 5.28 -26.16
CA PRO B 633 35.31 5.61 -24.79
C PRO B 633 36.58 4.88 -24.38
N GLU B 634 37.17 5.28 -23.27
CA GLU B 634 38.28 4.56 -22.69
C GLU B 634 37.84 3.89 -21.39
N ILE B 635 38.28 2.65 -21.21
CA ILE B 635 37.95 1.85 -20.04
C ILE B 635 38.85 2.29 -18.89
N PHE B 636 38.23 2.58 -17.75
CA PHE B 636 38.95 2.86 -16.51
C PHE B 636 38.52 1.89 -15.41
N SER B 637 39.30 1.87 -14.34
CA SER B 637 38.96 1.11 -13.13
C SER B 637 39.37 1.89 -11.89
N PHE B 638 38.70 1.60 -10.78
CA PHE B 638 39.06 2.16 -9.48
C PHE B 638 38.87 1.12 -8.39
N GLU B 639 39.71 1.18 -7.36
CA GLU B 639 39.63 0.27 -6.22
C GLU B 639 38.63 0.84 -5.23
N SER B 640 37.49 0.16 -5.12
CA SER B 640 36.38 0.62 -4.27
C SER B 640 36.67 0.35 -2.80
N THR B 641 36.07 1.16 -1.94
CA THR B 641 36.09 0.94 -0.49
C THR B 641 35.34 -0.34 -0.08
N THR B 642 34.50 -0.85 -0.98
CA THR B 642 33.78 -2.10 -0.81
C THR B 642 34.62 -3.37 -1.00
N GLY B 643 35.85 -3.22 -1.49
CA GLY B 643 36.80 -4.33 -1.63
C GLY B 643 37.00 -4.85 -3.05
N PHE B 644 36.19 -4.36 -3.99
CA PHE B 644 36.22 -4.81 -5.38
C PHE B 644 36.83 -3.75 -6.29
N THR B 645 37.52 -4.21 -7.33
CA THR B 645 37.82 -3.37 -8.49
C THR B 645 36.51 -3.19 -9.26
N LEU B 646 36.13 -1.93 -9.51
CA LEU B 646 34.96 -1.61 -10.32
C LEU B 646 35.41 -0.97 -11.62
N TYR B 647 34.84 -1.42 -12.73
CA TYR B 647 35.21 -0.93 -14.07
C TYR B 647 34.20 0.07 -14.59
N GLY B 648 34.67 0.95 -15.48
CA GLY B 648 33.84 2.01 -16.06
C GLY B 648 34.32 2.42 -17.45
N MET B 649 33.47 3.14 -18.16
CA MET B 649 33.79 3.73 -19.46
C MET B 649 33.61 5.23 -19.37
N LEU B 650 34.64 5.96 -19.81
CA LEU B 650 34.62 7.43 -19.85
C LEU B 650 34.64 7.88 -21.31
N TYR B 651 33.67 8.71 -21.67
CA TYR B 651 33.66 9.41 -22.95
C TYR B 651 34.09 10.84 -22.63
N LYS B 652 35.30 11.20 -23.03
CA LYS B 652 35.77 12.58 -22.88
C LYS B 652 35.02 13.45 -23.90
N PRO B 653 34.72 14.72 -23.54
CA PRO B 653 34.10 15.59 -24.53
C PRO B 653 34.99 15.77 -25.76
N HIS B 654 34.37 15.84 -26.93
CA HIS B 654 35.09 16.07 -28.18
C HIS B 654 35.60 17.51 -28.16
N ASP B 655 36.86 17.71 -28.56
CA ASP B 655 37.48 19.03 -28.61
C ASP B 655 37.53 19.69 -27.22
N LEU B 656 38.32 19.12 -26.32
CA LEU B 656 38.51 19.68 -24.97
C LEU B 656 39.22 21.02 -25.05
N GLN B 657 38.86 21.91 -24.13
CA GLN B 657 39.51 23.21 -23.98
C GLN B 657 40.02 23.33 -22.55
N PRO B 658 41.31 23.67 -22.35
CA PRO B 658 41.82 23.84 -20.98
C PRO B 658 41.12 24.98 -20.22
N GLY B 659 41.06 24.82 -18.90
CA GLY B 659 40.39 25.79 -18.04
C GLY B 659 38.87 25.82 -18.19
N LYS B 660 38.28 24.70 -18.58
CA LYS B 660 36.83 24.57 -18.72
C LYS B 660 36.34 23.22 -18.18
N LYS B 661 35.19 23.26 -17.52
CA LYS B 661 34.55 22.07 -16.92
C LYS B 661 33.18 21.86 -17.57
N TYR B 662 32.86 20.59 -17.83
CA TYR B 662 31.75 20.20 -18.72
C TYR B 662 30.63 19.48 -17.96
N PRO B 663 29.38 19.60 -18.45
CA PRO B 663 28.27 18.85 -17.85
C PRO B 663 28.42 17.35 -18.10
N THR B 664 28.06 16.55 -17.10
CA THR B 664 28.31 15.12 -17.11
C THR B 664 27.00 14.34 -17.13
N VAL B 665 26.92 13.36 -18.02
CA VAL B 665 25.76 12.47 -18.13
C VAL B 665 26.20 11.06 -17.74
N LEU B 666 25.66 10.56 -16.63
CA LEU B 666 25.90 9.20 -16.20
C LEU B 666 24.85 8.30 -16.85
N PHE B 667 25.26 7.49 -17.83
CA PHE B 667 24.38 6.44 -18.36
C PHE B 667 24.53 5.20 -17.48
N ILE B 668 23.41 4.60 -17.12
CA ILE B 668 23.38 3.52 -16.12
C ILE B 668 22.45 2.38 -16.51
N TYR B 669 22.90 1.15 -16.25
CA TYR B 669 22.00 0.01 -16.12
C TYR B 669 22.02 -0.45 -14.66
N GLY B 670 23.10 -1.12 -14.26
CA GLY B 670 23.34 -1.42 -12.84
C GLY B 670 22.61 -2.60 -12.20
N GLY B 671 21.74 -3.25 -12.95
CA GLY B 671 21.00 -4.42 -12.47
C GLY B 671 21.71 -5.73 -12.76
N PRO B 672 21.11 -6.85 -12.35
CA PRO B 672 21.72 -8.16 -12.55
C PRO B 672 21.63 -8.64 -14.00
N GLN B 673 22.43 -9.66 -14.31
CA GLN B 673 22.46 -10.35 -15.62
C GLN B 673 22.98 -9.48 -16.79
N VAL B 674 23.67 -8.39 -16.48
CA VAL B 674 24.18 -7.46 -17.50
C VAL B 674 25.54 -6.89 -17.08
N GLN B 675 26.40 -6.68 -18.08
CA GLN B 675 27.65 -5.95 -17.93
C GLN B 675 27.73 -4.99 -19.11
N LEU B 676 27.79 -3.68 -18.81
CA LEU B 676 27.96 -2.65 -19.84
C LEU B 676 29.42 -2.39 -20.22
N VAL B 677 30.31 -2.50 -19.24
CA VAL B 677 31.71 -2.12 -19.40
C VAL B 677 32.53 -3.36 -19.75
N ASN B 678 32.97 -3.41 -21.00
CA ASN B 678 33.86 -4.47 -21.48
C ASN B 678 34.50 -4.06 -22.80
N ASN B 679 35.45 -4.86 -23.26
CA ASN B 679 36.19 -4.57 -24.47
C ASN B 679 35.42 -5.05 -25.71
N ARG B 680 34.33 -4.35 -26.01
CA ARG B 680 33.50 -4.59 -27.18
C ARG B 680 33.20 -3.26 -27.85
N PHE B 681 32.81 -3.32 -29.11
CA PHE B 681 32.45 -2.14 -29.87
C PHE B 681 31.11 -1.59 -29.41
N LYS B 682 31.13 -0.38 -28.83
CA LYS B 682 29.92 0.29 -28.35
C LYS B 682 29.36 1.31 -29.34
N GLY B 683 29.93 1.37 -30.55
CA GLY B 683 29.50 2.34 -31.56
C GLY B 683 28.25 2.02 -32.36
N VAL B 684 27.64 0.86 -32.11
CA VAL B 684 26.33 0.54 -32.71
C VAL B 684 25.21 0.94 -31.74
N LYS B 685 25.04 0.15 -30.66
CA LYS B 685 23.94 0.34 -29.73
C LYS B 685 24.05 1.64 -28.94
N TYR B 686 25.26 1.93 -28.45
CA TYR B 686 25.52 3.13 -27.64
C TYR B 686 26.22 4.26 -28.43
N PHE B 687 25.87 4.37 -29.72
CA PHE B 687 26.38 5.45 -30.58
C PHE B 687 26.02 6.84 -30.06
N ARG B 688 24.84 6.98 -29.47
CA ARG B 688 24.39 8.28 -28.95
C ARG B 688 25.09 8.76 -27.68
N LEU B 689 25.83 7.89 -27.01
CA LEU B 689 26.77 8.32 -25.97
C LEU B 689 27.94 9.10 -26.57
N ASN B 690 28.39 8.68 -27.75
CA ASN B 690 29.37 9.43 -28.54
C ASN B 690 28.79 10.77 -29.04
N THR B 691 27.53 10.75 -29.48
CA THR B 691 26.81 11.98 -29.89
C THR B 691 26.73 12.99 -28.73
N LEU B 692 26.49 12.51 -27.51
CA LEU B 692 26.52 13.37 -26.33
C LEU B 692 27.90 13.96 -26.12
N ALA B 693 28.93 13.14 -26.27
CA ALA B 693 30.32 13.60 -26.21
C ALA B 693 30.65 14.66 -27.28
N SER B 694 30.11 14.51 -28.49
CA SER B 694 30.31 15.49 -29.58
C SER B 694 29.68 16.86 -29.34
N LEU B 695 28.63 16.93 -28.53
CA LEU B 695 27.99 18.20 -28.13
C LEU B 695 28.55 18.81 -26.84
N GLY B 696 29.53 18.16 -26.23
CA GLY B 696 30.23 18.68 -25.05
C GLY B 696 29.68 18.19 -23.72
N TYR B 697 29.31 16.91 -23.65
CA TYR B 697 28.98 16.26 -22.38
C TYR B 697 30.07 15.25 -22.04
N VAL B 698 30.43 15.17 -20.76
CA VAL B 698 31.18 14.02 -20.27
C VAL B 698 30.14 12.92 -20.18
N VAL B 699 30.47 11.71 -20.63
CA VAL B 699 29.58 10.56 -20.45
C VAL B 699 30.32 9.49 -19.66
N VAL B 700 29.65 9.01 -18.60
CA VAL B 700 30.21 8.00 -17.71
C VAL B 700 29.27 6.79 -17.68
N VAL B 701 29.86 5.61 -17.65
CA VAL B 701 29.16 4.35 -17.44
C VAL B 701 30.00 3.56 -16.45
N ILE B 702 29.36 3.09 -15.37
CA ILE B 702 30.03 2.30 -14.34
C ILE B 702 29.23 1.03 -14.10
N ASP B 703 29.93 -0.11 -14.06
CA ASP B 703 29.34 -1.39 -13.64
C ASP B 703 29.47 -1.54 -12.13
N ASN B 704 28.42 -1.14 -11.41
CA ASN B 704 28.34 -1.31 -9.96
C ASN B 704 28.21 -2.76 -9.54
N ARG B 705 28.35 -3.02 -8.24
CA ARG B 705 28.12 -4.34 -7.68
C ARG B 705 26.70 -4.81 -7.99
N GLY B 706 26.58 -6.10 -8.30
CA GLY B 706 25.32 -6.66 -8.78
C GLY B 706 25.35 -7.01 -10.26
N SER B 707 26.14 -6.25 -11.02
CA SER B 707 26.40 -6.57 -12.42
C SER B 707 27.11 -7.92 -12.56
N CME B 708 27.22 -8.40 -13.78
CA CME B 708 27.60 -9.78 -14.03
CB CME B 708 26.45 -10.35 -14.85
SG CME B 708 26.76 -10.61 -16.55
SD CME B 708 26.36 -12.58 -16.49
CE CME B 708 24.86 -12.65 -17.41
CZ CME B 708 25.11 -13.46 -18.66
OH CME B 708 25.55 -12.56 -19.69
C CME B 708 29.00 -9.92 -14.58
O CME B 708 29.68 -8.93 -14.85
N HIS B 709 29.45 -11.17 -14.72
CA HIS B 709 30.81 -11.55 -15.15
C HIS B 709 31.90 -11.30 -14.11
N ARG B 710 31.50 -11.22 -12.83
CA ARG B 710 32.43 -11.03 -11.72
C ARG B 710 32.23 -12.02 -10.56
N GLY B 711 31.45 -13.08 -10.80
CA GLY B 711 31.18 -14.12 -9.80
C GLY B 711 29.90 -13.87 -9.02
N LEU B 712 29.49 -14.91 -8.28
CA LEU B 712 28.23 -14.88 -7.55
C LEU B 712 28.23 -13.97 -6.32
N LYS B 713 29.37 -13.88 -5.63
CA LYS B 713 29.51 -13.00 -4.45
C LYS B 713 29.37 -11.53 -4.81
N PHE B 714 30.04 -11.12 -5.90
CA PHE B 714 29.93 -9.78 -6.47
C PHE B 714 28.47 -9.48 -6.84
N GLU B 715 27.85 -10.44 -7.50
CA GLU B 715 26.46 -10.34 -7.94
C GLU B 715 25.48 -10.30 -6.76
N GLY B 716 25.77 -11.08 -5.73
CA GLY B 716 24.92 -11.18 -4.54
C GLY B 716 24.95 -10.00 -3.58
N ALA B 717 25.81 -9.01 -3.83
CA ALA B 717 25.91 -7.81 -2.99
C ALA B 717 24.58 -7.12 -2.70
N PHE B 718 23.69 -7.05 -3.70
CA PHE B 718 22.36 -6.43 -3.53
C PHE B 718 21.17 -7.37 -3.23
N LYS B 719 21.44 -8.60 -2.79
CA LYS B 719 20.35 -9.50 -2.40
C LYS B 719 19.54 -8.90 -1.25
N TYR B 720 18.22 -8.87 -1.42
CA TYR B 720 17.28 -8.19 -0.50
C TYR B 720 17.39 -6.65 -0.43
N LYS B 721 18.33 -6.05 -1.17
CA LYS B 721 18.69 -4.64 -1.00
C LYS B 721 18.74 -3.89 -2.32
N MET B 722 17.97 -4.32 -3.32
CA MET B 722 17.98 -3.67 -4.62
C MET B 722 17.62 -2.18 -4.50
N GLY B 723 18.39 -1.33 -5.17
CA GLY B 723 18.29 0.11 -5.06
C GLY B 723 19.12 0.80 -3.98
N GLN B 724 19.58 0.04 -2.98
CA GLN B 724 20.24 0.62 -1.80
C GLN B 724 21.76 0.84 -1.95
N ILE B 725 22.43 -0.06 -2.67
CA ILE B 725 23.91 -0.02 -2.78
C ILE B 725 24.46 0.53 -4.11
N GLU B 726 23.64 0.57 -5.15
CA GLU B 726 24.13 0.78 -6.52
C GLU B 726 24.66 2.18 -6.76
N ILE B 727 23.96 3.19 -6.24
CA ILE B 727 24.35 4.59 -6.45
C ILE B 727 25.64 4.96 -5.69
N ASP B 728 25.88 4.36 -4.52
CA ASP B 728 27.16 4.53 -3.81
C ASP B 728 28.34 4.24 -4.74
N ASP B 729 28.26 3.11 -5.44
CA ASP B 729 29.29 2.70 -6.41
C ASP B 729 29.39 3.67 -7.58
N GLN B 730 28.24 4.11 -8.09
CA GLN B 730 28.19 5.08 -9.19
C GLN B 730 28.81 6.42 -8.81
N VAL B 731 28.45 6.93 -7.63
CA VAL B 731 29.01 8.18 -7.11
C VAL B 731 30.51 8.06 -6.79
N GLU B 732 30.91 6.94 -6.19
CA GLU B 732 32.33 6.68 -5.90
C GLU B 732 33.20 6.77 -7.14
N GLY B 733 32.77 6.08 -8.20
CA GLY B 733 33.44 6.14 -9.51
C GLY B 733 33.40 7.51 -10.15
N LEU B 734 32.29 8.22 -9.93
CA LEU B 734 32.12 9.60 -10.41
C LEU B 734 33.12 10.54 -9.73
N GLN B 735 33.25 10.40 -8.40
CA GLN B 735 34.22 11.18 -7.61
C GLN B 735 35.68 10.78 -7.89
N TYR B 736 35.92 9.49 -8.15
CA TYR B 736 37.24 9.02 -8.61
C TYR B 736 37.65 9.74 -9.90
N LEU B 737 36.74 9.82 -10.86
CA LEU B 737 36.97 10.54 -12.11
C LEU B 737 37.12 12.04 -11.91
N ALA B 738 36.31 12.62 -11.01
CA ALA B 738 36.31 14.07 -10.76
C ALA B 738 37.63 14.59 -10.20
N SER B 739 38.19 13.87 -9.23
CA SER B 739 39.49 14.24 -8.64
C SER B 739 40.65 14.04 -9.62
N ARG B 740 40.53 13.05 -10.51
CA ARG B 740 41.55 12.75 -11.53
C ARG B 740 41.45 13.63 -12.78
N TYR B 741 40.23 14.02 -13.14
CA TYR B 741 39.98 14.86 -14.33
C TYR B 741 39.19 16.11 -13.93
N ASP B 742 39.85 17.26 -13.99
CA ASP B 742 39.22 18.55 -13.62
C ASP B 742 38.10 19.03 -14.57
N PHE B 743 38.06 18.49 -15.80
CA PHE B 743 36.99 18.83 -16.76
C PHE B 743 35.58 18.32 -16.43
N ILE B 744 35.44 17.46 -15.41
CA ILE B 744 34.13 17.03 -14.93
C ILE B 744 33.56 18.08 -13.97
N ASP B 745 32.39 18.62 -14.33
CA ASP B 745 31.66 19.58 -13.50
C ASP B 745 30.61 18.83 -12.66
N LEU B 746 30.95 18.58 -11.40
CA LEU B 746 30.05 17.85 -10.49
C LEU B 746 28.77 18.62 -10.10
N ASP B 747 28.76 19.94 -10.31
CA ASP B 747 27.55 20.74 -10.09
C ASP B 747 26.44 20.46 -11.11
N ARG B 748 26.81 19.99 -12.31
CA ARG B 748 25.86 19.71 -13.38
C ARG B 748 25.98 18.26 -13.88
N VAL B 749 25.50 17.34 -13.05
CA VAL B 749 25.51 15.91 -13.39
C VAL B 749 24.08 15.42 -13.64
N GLY B 750 23.90 14.74 -14.76
CA GLY B 750 22.65 14.06 -15.10
C GLY B 750 22.80 12.55 -15.05
N ILE B 751 21.69 11.85 -14.84
CA ILE B 751 21.67 10.37 -14.87
C ILE B 751 20.52 9.89 -15.75
N HIS B 752 20.76 8.79 -16.48
CA HIS B 752 19.76 8.24 -17.40
C HIS B 752 19.96 6.75 -17.63
N GLY B 753 18.85 6.02 -17.64
CA GLY B 753 18.84 4.58 -17.90
C GLY B 753 17.45 4.07 -18.20
N TRP B 754 17.40 2.86 -18.75
CA TRP B 754 16.13 2.18 -19.05
C TRP B 754 15.96 0.96 -18.16
N SER B 755 14.69 0.67 -17.83
CA SER B 755 14.32 -0.51 -17.05
C SER B 755 14.99 -0.47 -15.67
N TYR B 756 15.87 -1.42 -15.34
CA TYR B 756 16.69 -1.30 -14.11
C TYR B 756 17.47 0.02 -14.05
N GLY B 757 17.99 0.47 -15.20
CA GLY B 757 18.60 1.79 -15.32
C GLY B 757 17.69 2.96 -15.00
N GLY B 758 16.41 2.83 -15.33
CA GLY B 758 15.41 3.84 -15.02
C GLY B 758 15.09 3.84 -13.54
N TYR B 759 14.89 2.64 -13.00
CA TYR B 759 14.78 2.41 -11.56
C TYR B 759 15.90 3.12 -10.79
N LEU B 760 17.15 2.83 -11.17
CA LEU B 760 18.30 3.45 -10.52
C LEU B 760 18.44 4.95 -10.75
N SER B 761 17.95 5.45 -11.88
CA SER B 761 17.91 6.89 -12.13
C SER B 761 16.99 7.59 -11.14
N LEU B 762 15.89 6.93 -10.77
CA LEU B 762 14.96 7.45 -9.76
C LEU B 762 15.56 7.38 -8.36
N MET B 763 16.18 6.24 -8.03
CA MET B 763 16.87 6.08 -6.74
C MET B 763 17.95 7.13 -6.56
N ALA B 764 18.72 7.38 -7.62
CA ALA B 764 19.80 8.38 -7.61
C ALA B 764 19.30 9.79 -7.28
N LEU B 765 18.23 10.22 -7.92
CA LEU B 765 17.61 11.52 -7.64
C LEU B 765 17.00 11.57 -6.24
N MET B 766 16.36 10.48 -5.83
CA MET B 766 15.72 10.39 -4.52
C MET B 766 16.74 10.41 -3.38
N GLN B 767 17.76 9.57 -3.50
CA GLN B 767 18.78 9.40 -2.48
C GLN B 767 19.83 10.52 -2.50
N ARG B 768 20.30 10.87 -3.70
CA ARG B 768 21.46 11.76 -3.89
C ARG B 768 21.17 12.95 -4.80
N SER B 769 20.18 13.75 -4.43
CA SER B 769 19.88 15.02 -5.13
C SER B 769 21.00 16.07 -5.00
N ASP B 770 21.88 15.91 -4.01
CA ASP B 770 23.11 16.69 -3.92
C ASP B 770 24.08 16.44 -5.09
N ILE B 771 24.15 15.19 -5.57
CA ILE B 771 25.01 14.82 -6.70
C ILE B 771 24.32 15.01 -8.05
N PHE B 772 23.06 14.60 -8.16
CA PHE B 772 22.36 14.50 -9.45
C PHE B 772 21.35 15.62 -9.69
N ARG B 773 21.65 16.47 -10.68
CA ARG B 773 20.76 17.58 -11.06
C ARG B 773 19.49 17.07 -11.75
N VAL B 774 19.67 16.21 -12.76
CA VAL B 774 18.55 15.68 -13.53
C VAL B 774 18.59 14.15 -13.62
N ALA B 775 17.40 13.54 -13.59
CA ALA B 775 17.23 12.11 -13.78
C ALA B 775 16.18 11.88 -14.85
N ILE B 776 16.54 11.09 -15.88
CA ILE B 776 15.61 10.66 -16.91
C ILE B 776 15.42 9.15 -16.78
N ALA B 777 14.29 8.74 -16.19
CA ALA B 777 13.99 7.33 -15.93
C ALA B 777 13.12 6.74 -17.03
N GLY B 778 13.63 5.70 -17.70
CA GLY B 778 12.92 5.00 -18.77
C GLY B 778 12.36 3.66 -18.28
N ALA B 779 11.06 3.46 -18.48
CA ALA B 779 10.33 2.24 -18.05
C ALA B 779 10.77 1.73 -16.67
N PRO B 780 10.71 2.60 -15.66
CA PRO B 780 11.26 2.24 -14.35
C PRO B 780 10.32 1.35 -13.55
N VAL B 781 10.92 0.48 -12.73
CA VAL B 781 10.20 -0.16 -11.64
C VAL B 781 10.13 0.86 -10.51
N THR B 782 8.90 1.30 -10.20
CA THR B 782 8.60 2.17 -9.05
C THR B 782 8.00 1.45 -7.84
N LEU B 783 7.69 0.17 -7.98
CA LEU B 783 6.96 -0.58 -6.95
C LEU B 783 7.22 -2.07 -7.18
N TRP B 784 7.97 -2.70 -6.27
CA TRP B 784 8.39 -4.08 -6.46
C TRP B 784 7.26 -5.11 -6.41
N ILE B 785 6.16 -4.79 -5.71
CA ILE B 785 4.99 -5.69 -5.66
C ILE B 785 4.27 -5.85 -7.02
N PHE B 786 4.49 -4.92 -7.94
CA PHE B 786 3.96 -5.05 -9.31
C PHE B 786 4.73 -6.04 -10.18
N TYR B 787 5.99 -6.30 -9.86
CA TYR B 787 6.83 -7.14 -10.72
C TYR B 787 6.65 -8.63 -10.41
N ASP B 788 7.12 -9.48 -11.33
CA ASP B 788 6.81 -10.91 -11.31
C ASP B 788 7.58 -11.76 -10.29
N THR B 789 7.11 -12.99 -10.12
CA THR B 789 7.66 -13.94 -9.18
C THR B 789 9.11 -14.31 -9.49
N GLY B 790 9.32 -14.81 -10.71
CA GLY B 790 10.62 -15.32 -11.14
C GLY B 790 11.80 -14.40 -10.87
N TYR B 791 11.65 -13.13 -11.22
CA TYR B 791 12.71 -12.14 -11.04
C TYR B 791 12.79 -11.65 -9.58
N THR B 792 11.68 -11.09 -9.11
CA THR B 792 11.65 -10.38 -7.83
C THR B 792 11.99 -11.28 -6.64
N GLU B 793 11.42 -12.47 -6.59
CA GLU B 793 11.69 -13.39 -5.48
C GLU B 793 13.11 -13.95 -5.48
N ARG B 794 13.74 -14.04 -6.65
CA ARG B 794 15.14 -14.45 -6.78
C ARG B 794 16.09 -13.49 -6.06
N TYR B 795 15.95 -12.21 -6.38
CA TYR B 795 16.84 -11.15 -5.86
C TYR B 795 16.37 -10.50 -4.55
N MET B 796 15.05 -10.48 -4.31
CA MET B 796 14.47 -9.77 -3.17
C MET B 796 13.63 -10.60 -2.19
N GLY B 797 13.42 -11.88 -2.49
CA GLY B 797 12.61 -12.77 -1.64
C GLY B 797 11.13 -12.46 -1.68
N HIS B 798 10.38 -13.14 -0.80
CA HIS B 798 8.94 -12.93 -0.64
C HIS B 798 8.74 -11.57 0.07
N PRO B 799 7.71 -10.78 -0.34
CA PRO B 799 7.46 -9.47 0.28
C PRO B 799 7.41 -9.43 1.81
N ASP B 800 6.83 -10.45 2.42
CA ASP B 800 6.71 -10.54 3.89
C ASP B 800 8.05 -10.81 4.59
N GLN B 801 8.96 -11.48 3.89
CA GLN B 801 10.32 -11.79 4.38
C GLN B 801 11.33 -10.67 4.09
N ASN B 802 10.86 -9.57 3.50
CA ASN B 802 11.74 -8.44 3.17
C ASN B 802 10.90 -7.16 3.09
N GLU B 803 10.17 -6.88 4.16
CA GLU B 803 9.29 -5.71 4.22
C GLU B 803 10.04 -4.39 4.01
N GLN B 804 11.23 -4.26 4.59
CA GLN B 804 12.01 -3.03 4.47
C GLN B 804 12.69 -2.90 3.10
N GLY B 805 13.22 -4.00 2.57
CA GLY B 805 13.81 -4.00 1.23
C GLY B 805 12.80 -3.61 0.14
N TYR B 806 11.61 -4.20 0.21
CA TYR B 806 10.50 -3.83 -0.70
C TYR B 806 10.09 -2.37 -0.57
N TYR B 807 9.98 -1.87 0.67
CA TYR B 807 9.65 -0.46 0.89
C TYR B 807 10.75 0.47 0.38
N LEU B 808 11.97 0.28 0.86
CA LEU B 808 13.12 1.15 0.48
C LEU B 808 13.42 1.10 -1.02
N GLY B 809 13.20 -0.06 -1.64
CA GLY B 809 13.39 -0.24 -3.08
C GLY B 809 12.23 0.19 -3.97
N SER B 810 11.13 0.64 -3.37
CA SER B 810 9.95 1.10 -4.11
C SER B 810 9.80 2.62 -4.01
N VAL B 811 10.27 3.33 -5.04
CA VAL B 811 10.22 4.80 -5.05
C VAL B 811 8.82 5.40 -4.98
N ALA B 812 7.80 4.67 -5.46
CA ALA B 812 6.41 5.12 -5.38
C ALA B 812 5.87 5.17 -3.93
N MET B 813 6.45 4.36 -3.04
CA MET B 813 6.18 4.46 -1.60
C MET B 813 6.91 5.63 -0.92
N GLN B 814 7.89 6.23 -1.62
CA GLN B 814 8.72 7.31 -1.09
C GLN B 814 8.66 8.59 -1.95
N ALA B 815 7.46 8.92 -2.45
CA ALA B 815 7.26 10.09 -3.31
C ALA B 815 7.67 11.42 -2.66
N GLU B 816 7.44 11.53 -1.34
CA GLU B 816 7.86 12.71 -0.56
C GLU B 816 9.37 13.02 -0.59
N LYS B 817 10.20 12.02 -0.85
CA LYS B 817 11.65 12.19 -0.93
C LYS B 817 12.16 12.81 -2.25
N PHE B 818 11.30 12.97 -3.24
CA PHE B 818 11.70 13.58 -4.52
C PHE B 818 11.80 15.11 -4.38
N PRO B 819 12.55 15.77 -5.29
CA PRO B 819 12.73 17.22 -5.14
C PRO B 819 11.46 18.03 -5.37
N SER B 820 11.35 19.15 -4.67
CA SER B 820 10.28 20.13 -4.88
C SER B 820 10.57 21.10 -6.04
N GLU B 821 11.77 21.03 -6.61
CA GLU B 821 12.12 21.81 -7.80
C GLU B 821 11.74 21.05 -9.08
N PRO B 822 11.18 21.74 -10.08
CA PRO B 822 10.92 21.11 -11.37
C PRO B 822 12.17 21.06 -12.25
N ASN B 823 12.04 20.48 -13.44
CA ASN B 823 13.13 20.34 -14.42
C ASN B 823 14.27 19.41 -13.96
N ARG B 824 13.94 18.48 -13.08
CA ARG B 824 14.90 17.49 -12.55
C ARG B 824 14.48 16.04 -12.79
N LEU B 825 13.18 15.76 -12.78
CA LEU B 825 12.64 14.41 -12.97
C LEU B 825 11.94 14.30 -14.33
N LEU B 826 12.37 13.35 -15.15
CA LEU B 826 11.70 13.04 -16.43
C LEU B 826 11.40 11.53 -16.49
N LEU B 827 10.12 11.21 -16.68
CA LEU B 827 9.68 9.82 -16.81
C LEU B 827 9.38 9.48 -18.27
N LEU B 828 9.91 8.36 -18.74
CA LEU B 828 9.68 7.83 -20.08
C LEU B 828 9.09 6.43 -19.94
N HIS B 829 8.04 6.11 -20.70
CA HIS B 829 7.44 4.77 -20.64
C HIS B 829 6.71 4.41 -21.94
N GLY B 830 6.81 3.14 -22.32
CA GLY B 830 5.99 2.57 -23.38
C GLY B 830 4.60 2.28 -22.81
N PHE B 831 3.57 2.81 -23.47
CA PHE B 831 2.20 2.71 -22.96
C PHE B 831 1.67 1.29 -22.97
N LEU B 832 2.17 0.46 -23.89
CA LEU B 832 1.71 -0.92 -24.07
C LEU B 832 2.56 -1.96 -23.33
N ASP B 833 3.40 -1.50 -22.42
CA ASP B 833 4.37 -2.35 -21.72
C ASP B 833 3.68 -3.42 -20.87
N GLU B 834 3.94 -4.68 -21.20
CA GLU B 834 3.37 -5.85 -20.47
C GLU B 834 4.38 -6.48 -19.50
N ASN B 835 5.63 -6.01 -19.53
CA ASN B 835 6.71 -6.48 -18.67
C ASN B 835 6.77 -5.59 -17.42
N VAL B 836 7.14 -4.32 -17.63
CA VAL B 836 7.07 -3.28 -16.62
C VAL B 836 5.81 -2.47 -16.92
N HIS B 837 4.69 -2.86 -16.32
CA HIS B 837 3.38 -2.24 -16.59
C HIS B 837 3.50 -0.72 -16.49
N PHE B 838 2.72 -0.01 -17.33
CA PHE B 838 2.65 1.46 -17.24
C PHE B 838 2.21 1.98 -15.87
N ALA B 839 1.60 1.10 -15.07
CA ALA B 839 1.09 1.44 -13.75
C ALA B 839 2.21 1.82 -12.78
N HIS B 840 3.42 1.31 -13.00
CA HIS B 840 4.61 1.76 -12.26
C HIS B 840 4.73 3.28 -12.35
N THR B 841 4.66 3.79 -13.59
CA THR B 841 4.68 5.23 -13.83
C THR B 841 3.39 5.90 -13.34
N SER B 842 2.23 5.33 -13.66
CA SER B 842 0.96 5.94 -13.25
C SER B 842 0.77 6.02 -11.72
N ILE B 843 1.22 4.99 -10.99
CA ILE B 843 1.16 4.98 -9.52
C ILE B 843 2.20 5.95 -8.93
N LEU B 844 3.38 6.04 -9.53
CA LEU B 844 4.38 7.01 -9.08
C LEU B 844 3.83 8.43 -9.20
N LEU B 845 3.28 8.75 -10.36
CA LEU B 845 2.64 10.05 -10.60
C LEU B 845 1.48 10.33 -9.65
N SER B 846 0.70 9.29 -9.34
CA SER B 846 -0.39 9.39 -8.37
C SER B 846 0.12 9.92 -7.03
N PHE B 847 1.22 9.35 -6.54
CA PHE B 847 1.82 9.73 -5.27
C PHE B 847 2.60 11.04 -5.36
N LEU B 848 3.22 11.32 -6.51
CA LEU B 848 3.88 12.60 -6.74
C LEU B 848 2.89 13.76 -6.71
N VAL B 849 1.72 13.55 -7.32
CA VAL B 849 0.62 14.52 -7.26
C VAL B 849 0.13 14.72 -5.83
N ARG B 850 -0.04 13.61 -5.10
CA ARG B 850 -0.44 13.63 -3.69
C ARG B 850 0.56 14.40 -2.80
N ALA B 851 1.85 14.28 -3.11
CA ALA B 851 2.93 14.97 -2.38
C ALA B 851 3.27 16.38 -2.89
N GLY B 852 2.58 16.84 -3.92
CA GLY B 852 2.82 18.17 -4.51
C GLY B 852 4.14 18.32 -5.25
N LYS B 853 4.65 17.23 -5.80
CA LYS B 853 5.98 17.20 -6.41
C LYS B 853 5.88 17.36 -7.93
N PRO B 854 6.81 18.11 -8.55
CA PRO B 854 6.78 18.27 -10.00
C PRO B 854 7.43 17.09 -10.74
N TYR B 855 7.00 16.89 -11.99
CA TYR B 855 7.54 15.86 -12.87
C TYR B 855 7.31 16.24 -14.32
N ASP B 856 8.14 15.69 -15.21
CA ASP B 856 7.90 15.73 -16.66
C ASP B 856 7.66 14.30 -17.15
N LEU B 857 6.89 14.18 -18.22
CA LEU B 857 6.46 12.88 -18.73
C LEU B 857 6.43 12.82 -20.25
N GLN B 858 6.98 11.74 -20.80
CA GLN B 858 6.82 11.39 -22.20
C GLN B 858 6.34 9.95 -22.28
N ILE B 859 5.31 9.72 -23.09
CA ILE B 859 4.77 8.40 -23.36
C ILE B 859 5.08 8.04 -24.81
N TYR B 860 5.26 6.74 -25.05
CA TYR B 860 5.44 6.19 -26.39
C TYR B 860 4.26 5.23 -26.62
N PRO B 861 3.14 5.74 -27.17
CA PRO B 861 1.87 5.00 -27.20
C PRO B 861 1.82 3.71 -28.00
N GLN B 862 2.72 3.54 -28.96
CA GLN B 862 2.80 2.31 -29.75
C GLN B 862 3.83 1.29 -29.25
N GLU B 863 4.48 1.59 -28.12
CA GLU B 863 5.61 0.78 -27.64
C GLU B 863 5.28 -0.05 -26.41
N ARG B 864 6.06 -1.12 -26.24
CA ARG B 864 5.96 -2.04 -25.10
C ARG B 864 7.26 -1.81 -24.31
N HIS B 865 7.83 -2.84 -23.70
CA HIS B 865 9.14 -2.73 -23.04
C HIS B 865 10.31 -2.76 -24.05
N SER B 866 10.22 -1.87 -25.03
CA SER B 866 11.14 -1.80 -26.16
C SER B 866 10.73 -0.64 -27.06
N ILE B 867 11.62 -0.26 -27.97
CA ILE B 867 11.31 0.74 -29.00
C ILE B 867 11.58 0.11 -30.37
N ARG B 868 10.51 -0.27 -31.05
CA ARG B 868 10.56 -0.96 -32.34
C ARG B 868 10.20 -0.07 -33.53
N VAL B 869 9.24 0.84 -33.35
CA VAL B 869 8.87 1.79 -34.40
C VAL B 869 9.95 2.89 -34.44
N PRO B 870 10.56 3.14 -35.62
CA PRO B 870 11.69 4.09 -35.68
C PRO B 870 11.34 5.54 -35.29
N GLU B 871 10.11 5.96 -35.57
CA GLU B 871 9.64 7.31 -35.19
C GLU B 871 9.66 7.53 -33.67
N SER B 872 9.34 6.48 -32.91
CA SER B 872 9.38 6.52 -31.45
C SER B 872 10.79 6.75 -30.92
N GLY B 873 11.77 6.08 -31.54
CA GLY B 873 13.17 6.22 -31.18
C GLY B 873 13.77 7.57 -31.56
N GLU B 874 13.38 8.07 -32.74
CA GLU B 874 13.78 9.41 -33.18
C GLU B 874 13.26 10.51 -32.24
N HIS B 875 12.02 10.35 -31.78
CA HIS B 875 11.39 11.28 -30.85
C HIS B 875 12.03 11.21 -29.45
N TYR B 876 12.27 9.99 -28.98
CA TYR B 876 12.96 9.75 -27.70
C TYR B 876 14.32 10.43 -27.65
N GLU B 877 15.16 10.16 -28.66
CA GLU B 877 16.51 10.72 -28.74
C GLU B 877 16.51 12.25 -28.86
N LEU B 878 15.64 12.77 -29.72
CA LEU B 878 15.48 14.22 -29.89
C LEU B 878 15.06 14.89 -28.59
N HIS B 879 14.01 14.37 -27.96
CA HIS B 879 13.53 14.91 -26.70
C HIS B 879 14.57 14.86 -25.58
N LEU B 880 15.31 13.76 -25.50
CA LEU B 880 16.35 13.59 -24.48
C LEU B 880 17.50 14.60 -24.62
N LEU B 881 18.02 14.74 -25.84
CA LEU B 881 19.05 15.76 -26.14
C LEU B 881 18.57 17.15 -25.74
N HIS B 882 17.37 17.49 -26.19
CA HIS B 882 16.76 18.77 -25.91
C HIS B 882 16.49 18.98 -24.41
N TYR B 883 16.10 17.92 -23.71
CA TYR B 883 15.88 17.99 -22.26
C TYR B 883 17.21 18.26 -21.54
N LEU B 884 18.24 17.49 -21.89
CA LEU B 884 19.57 17.67 -21.29
C LEU B 884 20.14 19.06 -21.60
N GLN B 885 19.87 19.54 -22.82
CA GLN B 885 20.26 20.90 -23.25
C GLN B 885 19.63 21.97 -22.36
N GLU B 886 18.30 21.94 -22.27
CA GLU B 886 17.54 22.98 -21.56
C GLU B 886 17.66 22.97 -20.05
N ASN B 887 17.93 21.79 -19.47
CA ASN B 887 17.92 21.62 -18.01
C ASN B 887 19.24 21.17 -17.36
N LEU B 888 20.28 20.98 -18.17
CA LEU B 888 21.61 20.58 -17.66
C LEU B 888 22.77 21.29 -18.36
N GLY B 889 22.85 21.14 -19.67
CA GLY B 889 24.03 21.55 -20.44
C GLY B 889 24.21 23.03 -20.76
N SER B 890 23.15 23.66 -21.28
CA SER B 890 23.25 25.02 -21.86
C SER B 890 23.38 26.13 -20.84
N ARG B 891 23.62 27.35 -21.34
CA ARG B 891 23.69 28.55 -20.49
C ARG B 891 22.35 28.86 -19.83
N ILE B 892 21.26 28.77 -20.59
CA ILE B 892 19.91 29.03 -20.05
C ILE B 892 19.52 28.06 -18.92
N ALA B 893 20.06 26.84 -18.95
CA ALA B 893 19.88 25.85 -17.88
C ALA B 893 20.48 26.32 -16.55
N ALA B 894 21.65 26.95 -16.61
CA ALA B 894 22.30 27.54 -15.43
C ALA B 894 21.50 28.72 -14.87
N LEU B 895 20.88 29.50 -15.75
CA LEU B 895 20.01 30.61 -15.35
C LEU B 895 18.70 30.17 -14.67
N LYS B 896 18.14 29.07 -15.13
CA LYS B 896 16.86 28.53 -14.61
C LYS B 896 16.80 28.32 -13.09
N VAL B 897 17.89 27.88 -12.48
CA VAL B 897 17.89 27.50 -11.06
C VAL B 897 17.70 28.72 -10.14
N LEU C 48 6.29 51.06 -25.67
CA LEU C 48 5.57 50.07 -24.80
C LEU C 48 6.54 48.99 -24.27
N GLU C 49 6.78 49.01 -22.97
CA GLU C 49 7.73 48.09 -22.31
C GLU C 49 6.99 46.83 -21.84
N PRO C 50 7.62 45.63 -22.01
CA PRO C 50 6.95 44.41 -21.56
C PRO C 50 7.05 44.17 -20.05
N PHE C 51 5.89 43.95 -19.41
CA PHE C 51 5.86 43.57 -17.99
C PHE C 51 6.14 42.08 -17.84
N TYR C 52 7.13 41.75 -17.01
CA TYR C 52 7.48 40.36 -16.72
C TYR C 52 7.03 40.05 -15.29
N VAL C 53 6.34 38.92 -15.11
CA VAL C 53 5.80 38.54 -13.79
C VAL C 53 6.92 38.12 -12.86
N GLU C 54 6.66 38.21 -11.56
CA GLU C 54 7.61 37.76 -10.54
C GLU C 54 7.84 36.26 -10.70
N ARG C 55 9.11 35.87 -10.77
CA ARG C 55 9.51 34.49 -10.92
C ARG C 55 9.65 33.84 -9.54
N TYR C 56 8.59 33.16 -9.10
CA TYR C 56 8.58 32.39 -7.87
C TYR C 56 9.03 30.94 -8.10
N SER C 57 9.53 30.31 -7.05
CA SER C 57 9.81 28.87 -7.07
C SER C 57 8.51 28.08 -7.00
N TRP C 58 8.63 26.78 -7.23
CA TRP C 58 7.50 25.84 -7.14
C TRP C 58 6.90 25.84 -5.74
N SER C 59 7.75 25.70 -4.73
CA SER C 59 7.36 25.79 -3.31
C SER C 59 6.73 27.15 -2.93
N GLN C 60 7.24 28.23 -3.53
CA GLN C 60 6.70 29.58 -3.30
C GLN C 60 5.31 29.77 -3.92
N LEU C 61 5.12 29.25 -5.13
CA LEU C 61 3.81 29.25 -5.79
C LEU C 61 2.80 28.38 -5.05
N LYS C 62 3.25 27.24 -4.52
CA LYS C 62 2.40 26.36 -3.71
C LYS C 62 1.91 27.09 -2.46
N LYS C 63 2.79 27.84 -1.80
CA LYS C 63 2.46 28.63 -0.62
C LYS C 63 1.48 29.76 -0.96
N LEU C 64 1.79 30.49 -2.03
CA LEU C 64 0.92 31.57 -2.52
C LEU C 64 -0.48 31.08 -2.85
N LEU C 65 -0.59 29.93 -3.50
CA LEU C 65 -1.88 29.30 -3.81
C LEU C 65 -2.58 28.76 -2.56
N ALA C 66 -1.82 28.17 -1.64
CA ALA C 66 -2.38 27.65 -0.38
C ALA C 66 -2.92 28.75 0.55
N ASP C 67 -2.24 29.90 0.58
CA ASP C 67 -2.67 31.05 1.40
C ASP C 67 -3.94 31.71 0.86
N THR C 68 -4.03 31.88 -0.45
CA THR C 68 -5.24 32.43 -1.10
C THR C 68 -6.40 31.43 -1.10
N ARG C 69 -6.11 30.14 -1.14
CA ARG C 69 -7.12 29.08 -0.98
C ARG C 69 -7.65 28.97 0.45
N LYS C 70 -6.79 29.32 1.44
CA LYS C 70 -7.11 29.22 2.88
C LYS C 70 -8.47 29.82 3.26
N TYR C 71 -8.78 31.00 2.72
CA TYR C 71 -9.98 31.75 3.08
C TYR C 71 -11.10 31.57 2.01
N HIS C 72 -11.36 30.32 1.65
CA HIS C 72 -12.39 29.96 0.63
C HIS C 72 -13.26 28.72 0.91
N GLY C 73 -12.89 27.90 1.90
CA GLY C 73 -13.79 26.86 2.42
C GLY C 73 -15.06 27.44 3.02
N TYR C 74 -14.95 28.63 3.60
CA TYR C 74 -16.08 29.45 4.04
C TYR C 74 -17.04 29.80 2.90
N MET C 75 -16.48 30.29 1.79
CA MET C 75 -17.26 30.73 0.63
C MET C 75 -17.82 29.58 -0.22
N MET C 76 -17.02 28.53 -0.41
CA MET C 76 -17.43 27.35 -1.20
C MET C 76 -18.36 26.43 -0.39
N ALA C 77 -19.63 26.84 -0.31
CA ALA C 77 -20.69 26.09 0.39
C ALA C 77 -21.99 26.20 -0.41
N LYS C 78 -22.66 25.07 -0.62
CA LYS C 78 -23.78 24.98 -1.56
C LYS C 78 -25.04 25.68 -1.04
N ALA C 79 -25.62 26.54 -1.88
CA ALA C 79 -26.77 27.36 -1.49
C ALA C 79 -28.03 26.51 -1.37
N PRO C 80 -29.01 26.96 -0.56
CA PRO C 80 -30.34 26.33 -0.48
C PRO C 80 -30.98 26.10 -1.83
N HIS C 81 -31.62 24.94 -2.00
CA HIS C 81 -32.18 24.52 -3.28
C HIS C 81 -33.24 23.43 -3.08
N ASP C 82 -33.91 23.07 -4.17
CA ASP C 82 -35.02 22.09 -4.18
C ASP C 82 -36.10 22.50 -3.19
N PHE C 83 -36.55 23.74 -3.32
CA PHE C 83 -37.55 24.31 -2.41
C PHE C 83 -38.92 23.69 -2.63
N MET C 84 -39.73 23.73 -1.59
CA MET C 84 -41.09 23.20 -1.62
C MET C 84 -41.92 23.86 -0.53
N PHE C 85 -43.10 24.34 -0.90
CA PHE C 85 -43.98 25.07 0.02
C PHE C 85 -45.13 24.14 0.43
N VAL C 86 -45.41 24.10 1.73
CA VAL C 86 -46.55 23.34 2.27
C VAL C 86 -47.35 24.27 3.17
N LYS C 87 -48.65 24.33 2.95
CA LYS C 87 -49.53 25.22 3.73
C LYS C 87 -49.78 24.65 5.11
N ARG C 88 -49.79 25.53 6.11
CA ARG C 88 -50.06 25.13 7.50
C ARG C 88 -51.54 24.83 7.78
N ASN C 89 -52.44 25.53 7.09
CA ASN C 89 -53.90 25.36 7.26
C ASN C 89 -54.31 25.49 8.73
N ASP C 90 -53.80 26.55 9.36
CA ASP C 90 -53.89 26.77 10.81
C ASP C 90 -54.34 28.21 11.03
N PRO C 91 -55.68 28.43 11.13
CA PRO C 91 -56.24 29.79 11.29
C PRO C 91 -55.67 30.63 12.43
N ASP C 92 -55.55 30.03 13.62
CA ASP C 92 -54.99 30.72 14.81
C ASP C 92 -53.46 30.91 14.77
N GLY C 93 -52.76 30.06 14.03
CA GLY C 93 -51.30 30.09 13.97
C GLY C 93 -50.73 31.26 13.18
N PRO C 94 -49.47 31.65 13.44
CA PRO C 94 -48.87 32.82 12.80
C PRO C 94 -48.21 32.57 11.43
N HIS C 95 -48.12 31.31 11.00
CA HIS C 95 -47.41 30.95 9.76
C HIS C 95 -48.36 30.46 8.67
N SER C 96 -48.11 30.91 7.43
CA SER C 96 -48.88 30.48 6.26
C SER C 96 -48.30 29.19 5.67
N ASP C 97 -46.99 29.19 5.46
CA ASP C 97 -46.28 28.08 4.83
C ASP C 97 -45.08 27.62 5.65
N ARG C 98 -44.75 26.34 5.49
CA ARG C 98 -43.43 25.83 5.83
C ARG C 98 -42.73 25.49 4.52
N ILE C 99 -41.57 26.10 4.29
CA ILE C 99 -40.72 25.74 3.14
C ILE C 99 -39.74 24.64 3.57
N TYR C 100 -39.55 23.65 2.70
CA TYR C 100 -38.54 22.61 2.87
C TYR C 100 -37.49 22.73 1.76
N TYR C 101 -36.23 22.49 2.08
CA TYR C 101 -35.14 22.60 1.09
C TYR C 101 -33.91 21.79 1.50
N LEU C 102 -33.00 21.60 0.54
CA LEU C 102 -31.70 20.98 0.77
C LEU C 102 -30.63 22.07 0.87
N ALA C 103 -29.71 21.92 1.81
CA ALA C 103 -28.61 22.88 2.00
C ALA C 103 -27.50 22.30 2.89
N MET C 104 -26.40 23.03 2.98
CA MET C 104 -25.27 22.66 3.85
C MET C 104 -25.39 23.31 5.23
N ARG C 109 -19.20 20.08 5.69
CA ARG C 109 -20.61 19.84 6.01
C ARG C 109 -21.38 19.26 4.82
N GLU C 110 -22.28 18.33 5.10
CA GLU C 110 -23.03 17.60 4.07
C GLU C 110 -24.41 18.21 3.80
N ASN C 111 -24.93 17.98 2.58
CA ASN C 111 -26.28 18.42 2.22
C ASN C 111 -27.35 17.62 2.97
N THR C 112 -28.27 18.34 3.60
CA THR C 112 -29.38 17.71 4.31
C THR C 112 -30.64 18.58 4.25
N LEU C 113 -31.76 17.98 4.62
CA LEU C 113 -33.06 18.66 4.62
C LEU C 113 -33.20 19.66 5.77
N PHE C 114 -33.51 20.90 5.41
CA PHE C 114 -33.87 21.95 6.36
C PHE C 114 -35.31 22.41 6.11
N TYR C 115 -35.86 23.11 7.10
CA TYR C 115 -37.12 23.82 6.91
C TYR C 115 -37.07 25.21 7.55
N SER C 116 -37.94 26.09 7.04
CA SER C 116 -38.12 27.44 7.58
C SER C 116 -39.60 27.78 7.58
N GLU C 117 -39.96 28.73 8.44
CA GLU C 117 -41.36 29.12 8.65
C GLU C 117 -41.62 30.46 7.95
N ILE C 118 -42.64 30.48 7.09
CA ILE C 118 -43.05 31.69 6.37
C ILE C 118 -44.22 32.31 7.13
N PRO C 119 -44.01 33.51 7.71
CA PRO C 119 -45.10 34.12 8.50
C PRO C 119 -46.20 34.74 7.63
N LYS C 120 -47.42 34.74 8.18
CA LYS C 120 -48.60 35.34 7.52
C LYS C 120 -48.42 36.83 7.25
N THR C 121 -47.75 37.53 8.16
CA THR C 121 -47.42 38.95 8.02
C THR C 121 -45.99 39.22 8.44
N ILE C 122 -45.45 40.36 8.02
CA ILE C 122 -44.11 40.81 8.42
C ILE C 122 -44.13 42.26 8.91
N ASN C 123 -43.12 42.62 9.69
CA ASN C 123 -42.84 44.02 10.00
C ASN C 123 -42.09 44.60 8.80
N ARG C 124 -42.80 45.39 7.99
CA ARG C 124 -42.24 45.93 6.74
C ARG C 124 -41.14 46.99 6.93
N ALA C 125 -40.99 47.50 8.16
CA ALA C 125 -39.84 48.34 8.52
C ALA C 125 -38.53 47.54 8.61
N ALA C 126 -38.62 46.24 8.93
CA ALA C 126 -37.46 45.38 9.16
C ALA C 126 -37.24 44.34 8.04
N VAL C 127 -36.06 43.71 8.10
CA VAL C 127 -35.67 42.63 7.19
C VAL C 127 -35.68 41.31 7.97
N LEU C 128 -36.62 40.43 7.63
CA LEU C 128 -36.73 39.12 8.26
C LEU C 128 -35.67 38.14 7.73
N MET C 129 -34.76 37.71 8.59
CA MET C 129 -33.84 36.59 8.30
C MET C 129 -34.52 35.30 8.76
N LEU C 130 -34.80 34.40 7.81
CA LEU C 130 -35.39 33.10 8.14
C LEU C 130 -34.34 32.18 8.75
N SER C 131 -34.66 31.59 9.90
CA SER C 131 -33.79 30.62 10.55
C SER C 131 -33.95 29.25 9.89
N TRP C 132 -32.82 28.54 9.75
CA TRP C 132 -32.79 27.21 9.17
C TRP C 132 -32.95 26.21 10.31
N LYS C 133 -34.05 25.45 10.29
CA LYS C 133 -34.32 24.43 11.30
C LYS C 133 -34.05 23.04 10.70
N PRO C 134 -33.17 22.23 11.35
CA PRO C 134 -32.92 20.89 10.80
C PRO C 134 -34.13 19.98 10.84
N LEU C 135 -34.43 19.35 9.69
CA LEU C 135 -35.52 18.38 9.59
C LEU C 135 -35.13 17.01 10.12
N LEU C 136 -33.84 16.67 10.07
CA LEU C 136 -33.35 15.32 10.38
C LEU C 136 -32.41 15.26 11.59
N ASP C 137 -32.44 14.11 12.26
CA ASP C 137 -31.41 13.71 13.24
C ASP C 137 -30.24 13.04 12.50
N LEU C 138 -29.26 12.56 13.27
CA LEU C 138 -28.13 11.79 12.72
C LEU C 138 -28.30 10.30 13.02
N TYR C 148 -18.47 5.41 -1.59
CA TYR C 148 -19.36 5.30 -2.75
C TYR C 148 -19.20 3.97 -3.49
N SER C 149 -20.32 3.36 -3.87
CA SER C 149 -20.35 2.29 -4.85
C SER C 149 -20.05 2.84 -6.25
N ARG C 150 -19.76 1.95 -7.18
CA ARG C 150 -19.44 2.37 -8.56
C ARG C 150 -20.60 3.10 -9.25
N GLU C 151 -21.82 2.61 -9.07
CA GLU C 151 -23.00 3.20 -9.72
C GLU C 151 -23.34 4.59 -9.13
N GLU C 152 -23.10 4.79 -7.84
CA GLU C 152 -23.14 6.13 -7.23
C GLU C 152 -22.07 7.05 -7.81
N GLU C 153 -20.85 6.53 -7.87
CA GLU C 153 -19.68 7.25 -8.40
C GLU C 153 -19.92 7.74 -9.84
N LEU C 154 -20.44 6.84 -10.67
CA LEU C 154 -20.79 7.15 -12.06
C LEU C 154 -21.95 8.15 -12.17
N LEU C 155 -23.00 7.95 -11.38
CA LEU C 155 -24.15 8.87 -11.37
C LEU C 155 -23.72 10.30 -11.03
N ARG C 156 -22.82 10.44 -10.06
CA ARG C 156 -22.25 11.74 -9.67
C ARG C 156 -21.47 12.42 -10.80
N GLU C 157 -20.78 11.63 -11.63
CA GLU C 157 -20.15 12.16 -12.85
C GLU C 157 -21.22 12.58 -13.87
N ARG C 158 -22.19 11.70 -14.12
CA ARG C 158 -23.25 11.96 -15.11
C ARG C 158 -24.11 13.17 -14.75
N LYS C 159 -24.58 13.19 -13.49
CA LYS C 159 -25.42 14.27 -12.98
C LYS C 159 -24.64 15.53 -12.55
N ARG C 160 -23.30 15.48 -12.58
CA ARG C 160 -22.40 16.60 -12.25
C ARG C 160 -22.55 17.12 -10.81
N ILE C 161 -22.64 16.19 -9.86
CA ILE C 161 -22.74 16.50 -8.44
C ILE C 161 -21.33 16.59 -7.88
N GLY C 162 -20.96 17.79 -7.39
CA GLY C 162 -19.67 18.01 -6.72
C GLY C 162 -19.72 18.00 -5.20
N THR C 163 -20.93 17.87 -4.64
CA THR C 163 -21.15 17.93 -3.18
C THR C 163 -21.62 16.61 -2.59
N VAL C 164 -21.48 16.51 -1.27
CA VAL C 164 -21.79 15.30 -0.51
C VAL C 164 -23.12 15.46 0.21
N GLY C 165 -23.79 14.33 0.47
CA GLY C 165 -25.02 14.30 1.29
C GLY C 165 -26.25 13.87 0.52
N ILE C 166 -27.42 14.34 0.97
CA ILE C 166 -28.69 14.08 0.29
C ILE C 166 -28.74 14.95 -0.97
N ALA C 167 -28.78 14.30 -2.13
CA ALA C 167 -28.74 14.98 -3.43
C ALA C 167 -30.13 15.43 -3.91
N SER C 168 -31.16 14.66 -3.53
CA SER C 168 -32.54 14.96 -3.90
C SER C 168 -33.52 14.26 -2.96
N TYR C 169 -34.80 14.61 -3.09
CA TYR C 169 -35.86 13.99 -2.30
C TYR C 169 -37.21 14.02 -3.02
N ASP C 170 -38.02 12.98 -2.77
CA ASP C 170 -39.42 12.93 -3.19
C ASP C 170 -40.30 13.31 -2.02
N TYR C 171 -41.51 13.75 -2.34
CA TYR C 171 -42.50 14.14 -1.35
C TYR C 171 -43.92 13.81 -1.83
N HIS C 172 -44.72 13.28 -0.92
CA HIS C 172 -46.12 12.94 -1.18
C HIS C 172 -46.99 13.89 -0.36
N GLN C 173 -47.76 14.72 -1.07
CA GLN C 173 -48.50 15.84 -0.47
C GLN C 173 -49.57 15.41 0.53
N GLY C 174 -50.33 14.39 0.17
CA GLY C 174 -51.46 13.91 0.98
C GLY C 174 -51.12 13.25 2.31
N SER C 175 -49.89 12.76 2.45
CA SER C 175 -49.43 12.06 3.67
C SER C 175 -48.30 12.76 4.43
N GLY C 176 -47.54 13.61 3.75
CA GLY C 176 -46.35 14.25 4.33
C GLY C 176 -45.08 13.43 4.23
N THR C 177 -45.12 12.33 3.47
CA THR C 177 -44.01 11.39 3.41
C THR C 177 -42.87 11.90 2.52
N PHE C 178 -41.71 12.13 3.13
CA PHE C 178 -40.46 12.33 2.40
C PHE C 178 -39.81 10.99 2.12
N LEU C 179 -39.13 10.90 0.98
CA LEU C 179 -38.27 9.76 0.65
C LEU C 179 -36.97 10.32 0.09
N PHE C 180 -35.85 9.79 0.57
CA PHE C 180 -34.55 10.25 0.13
C PHE C 180 -33.47 9.21 0.41
N GLN C 181 -32.42 9.28 -0.39
CA GLN C 181 -31.25 8.42 -0.26
C GLN C 181 -30.14 9.19 0.46
N ALA C 182 -29.58 8.58 1.50
CA ALA C 182 -28.45 9.15 2.24
C ALA C 182 -27.37 8.07 2.35
N GLY C 183 -26.36 8.19 1.50
CA GLY C 183 -25.34 7.15 1.36
C GLY C 183 -25.95 5.92 0.71
N SER C 184 -25.68 4.74 1.28
CA SER C 184 -26.23 3.49 0.78
C SER C 184 -27.73 3.33 1.09
N GLY C 185 -28.15 3.92 2.22
CA GLY C 185 -29.52 3.75 2.70
C GLY C 185 -30.55 4.62 2.00
N ILE C 186 -31.78 4.10 1.96
CA ILE C 186 -32.97 4.84 1.55
C ILE C 186 -33.77 5.04 2.82
N TYR C 187 -34.16 6.29 3.08
CA TYR C 187 -34.84 6.68 4.31
C TYR C 187 -36.14 7.42 4.03
N HIS C 188 -36.99 7.50 5.05
CA HIS C 188 -38.23 8.30 5.00
C HIS C 188 -38.54 8.96 6.34
N VAL C 189 -39.24 10.09 6.25
CA VAL C 189 -39.84 10.77 7.42
C VAL C 189 -41.22 11.31 7.02
N LYS C 190 -42.00 11.72 8.01
CA LYS C 190 -43.31 12.34 7.79
C LYS C 190 -43.33 13.74 8.37
N ASP C 191 -43.71 14.71 7.54
CA ASP C 191 -43.98 16.07 8.03
C ASP C 191 -44.90 16.85 7.09
N GLY C 192 -45.80 17.63 7.70
CA GLY C 192 -46.70 18.53 6.96
C GLY C 192 -47.92 17.90 6.32
N GLY C 193 -48.22 16.65 6.67
CA GLY C 193 -49.42 15.95 6.20
C GLY C 193 -50.56 16.12 7.19
N PRO C 194 -51.51 15.16 7.19
CA PRO C 194 -52.56 15.06 8.21
C PRO C 194 -52.02 14.95 9.65
N GLN C 195 -50.88 14.28 9.81
CA GLN C 195 -50.27 14.06 11.13
C GLN C 195 -49.53 15.28 11.71
N GLY C 196 -49.40 16.35 10.92
CA GLY C 196 -49.02 17.67 11.45
C GLY C 196 -47.59 18.09 11.17
N PHE C 197 -47.14 19.11 11.91
CA PHE C 197 -45.84 19.77 11.71
C PHE C 197 -44.96 19.68 12.94
N THR C 198 -43.81 19.02 12.80
CA THR C 198 -42.84 18.87 13.90
C THR C 198 -42.20 20.20 14.30
N GLN C 199 -41.80 20.29 15.57
CA GLN C 199 -41.00 21.41 16.08
C GLN C 199 -39.55 20.99 16.43
N GLN C 200 -39.17 19.77 16.05
CA GLN C 200 -37.84 19.23 16.34
C GLN C 200 -37.38 18.30 15.20
N PRO C 201 -36.07 18.04 15.10
CA PRO C 201 -35.59 17.15 14.04
C PRO C 201 -36.15 15.73 14.18
N LEU C 202 -36.53 15.14 13.04
CA LEU C 202 -37.10 13.80 12.98
C LEU C 202 -36.01 12.75 12.75
N ARG C 203 -36.24 11.54 13.26
CA ARG C 203 -35.35 10.42 13.04
C ARG C 203 -35.58 9.84 11.64
N PRO C 204 -34.53 9.77 10.79
CA PRO C 204 -34.70 9.12 9.49
C PRO C 204 -34.95 7.62 9.65
N ASN C 205 -36.00 7.12 9.01
CA ASN C 205 -36.41 5.71 9.11
C ASN C 205 -35.92 4.92 7.91
N LEU C 206 -34.91 4.07 8.14
CA LEU C 206 -34.33 3.23 7.09
C LEU C 206 -35.36 2.30 6.46
N VAL C 207 -35.40 2.28 5.13
CA VAL C 207 -36.18 1.28 4.40
C VAL C 207 -35.33 0.03 4.38
N GLU C 208 -35.75 -0.97 5.14
CA GLU C 208 -34.99 -2.22 5.28
C GLU C 208 -35.04 -3.02 3.98
N THR C 209 -34.05 -3.90 3.79
CA THR C 209 -33.92 -4.68 2.56
C THR C 209 -33.18 -5.99 2.76
N SER C 210 -33.50 -6.98 1.91
CA SER C 210 -32.71 -8.20 1.75
C SER C 210 -31.77 -8.14 0.53
N CYS C 211 -31.81 -7.04 -0.21
CA CYS C 211 -30.94 -6.86 -1.39
C CYS C 211 -29.49 -6.64 -0.94
N PRO C 212 -28.54 -7.40 -1.51
CA PRO C 212 -27.14 -7.27 -1.08
C PRO C 212 -26.45 -5.99 -1.55
N ASN C 213 -26.77 -5.54 -2.76
CA ASN C 213 -26.09 -4.42 -3.41
C ASN C 213 -26.81 -3.09 -3.23
N ILE C 214 -26.13 -2.02 -3.66
CA ILE C 214 -26.64 -0.66 -3.60
C ILE C 214 -28.00 -0.50 -4.31
N ARG C 215 -28.95 0.11 -3.61
CA ARG C 215 -30.26 0.45 -4.17
C ARG C 215 -30.22 1.87 -4.70
N MET C 216 -30.57 2.05 -5.97
CA MET C 216 -30.47 3.33 -6.68
C MET C 216 -31.84 3.87 -7.06
N ASP C 217 -31.91 5.20 -7.21
CA ASP C 217 -33.07 5.88 -7.79
C ASP C 217 -34.41 5.54 -7.11
N PRO C 218 -34.50 5.79 -5.79
CA PRO C 218 -35.76 5.52 -5.08
C PRO C 218 -36.84 6.56 -5.41
N LYS C 219 -38.08 6.10 -5.57
CA LYS C 219 -39.21 6.98 -5.84
C LYS C 219 -40.49 6.53 -5.11
N LEU C 220 -41.15 7.48 -4.45
CA LEU C 220 -42.48 7.23 -3.87
C LEU C 220 -43.52 7.00 -4.96
N CYS C 221 -44.44 6.08 -4.71
CA CYS C 221 -45.62 5.91 -5.54
C CYS C 221 -46.62 7.02 -5.18
N PRO C 222 -46.99 7.89 -6.14
CA PRO C 222 -47.96 8.95 -5.80
C PRO C 222 -49.38 8.44 -5.47
N ALA C 223 -49.76 7.28 -6.00
CA ALA C 223 -51.03 6.63 -5.68
C ALA C 223 -51.10 6.02 -4.27
N ASP C 224 -49.95 5.67 -3.70
CA ASP C 224 -49.86 5.03 -2.38
C ASP C 224 -48.48 5.29 -1.75
N PRO C 225 -48.40 6.16 -0.73
CA PRO C 225 -47.10 6.49 -0.11
C PRO C 225 -46.49 5.40 0.81
N ASP C 226 -47.20 4.29 1.02
CA ASP C 226 -46.62 3.10 1.64
C ASP C 226 -45.62 2.40 0.71
N TRP C 227 -45.81 2.54 -0.60
CA TRP C 227 -44.98 1.84 -1.60
C TRP C 227 -43.92 2.74 -2.21
N ILE C 228 -42.70 2.19 -2.32
CA ILE C 228 -41.61 2.84 -3.06
C ILE C 228 -41.13 1.88 -4.13
N ALA C 229 -40.36 2.41 -5.06
CA ALA C 229 -39.63 1.59 -6.03
C ALA C 229 -38.18 2.00 -6.04
N PHE C 230 -37.30 1.06 -6.41
CA PHE C 230 -35.88 1.37 -6.61
C PHE C 230 -35.26 0.42 -7.62
N ILE C 231 -34.05 0.79 -8.06
CA ILE C 231 -33.25 -0.05 -8.95
C ILE C 231 -32.21 -0.79 -8.11
N HIS C 232 -32.05 -2.09 -8.39
CA HIS C 232 -31.01 -2.89 -7.78
C HIS C 232 -30.48 -3.84 -8.84
N SER C 233 -29.17 -3.75 -9.12
CA SER C 233 -28.51 -4.59 -10.12
C SER C 233 -29.25 -4.56 -11.46
N ASN C 234 -29.51 -3.34 -11.93
CA ASN C 234 -30.17 -3.06 -13.21
C ASN C 234 -31.57 -3.70 -13.40
N ASP C 235 -32.30 -3.88 -12.30
CA ASP C 235 -33.68 -4.36 -12.31
C ASP C 235 -34.53 -3.57 -11.33
N ILE C 236 -35.83 -3.51 -11.60
CA ILE C 236 -36.77 -2.74 -10.80
C ILE C 236 -37.28 -3.60 -9.64
N TRP C 237 -37.29 -3.00 -8.45
CA TRP C 237 -37.86 -3.60 -7.25
C TRP C 237 -38.87 -2.64 -6.65
N ILE C 238 -39.77 -3.17 -5.82
CA ILE C 238 -40.64 -2.35 -4.97
C ILE C 238 -40.61 -2.83 -3.52
N SER C 239 -40.87 -1.90 -2.61
CA SER C 239 -40.83 -2.17 -1.19
C SER C 239 -41.90 -1.36 -0.45
N ASN C 240 -42.65 -2.03 0.41
CA ASN C 240 -43.65 -1.39 1.25
C ASN C 240 -43.01 -0.96 2.56
N ILE C 241 -43.10 0.33 2.90
CA ILE C 241 -42.40 0.91 4.06
C ILE C 241 -43.11 0.78 5.43
N VAL C 242 -44.33 0.23 5.45
CA VAL C 242 -45.00 -0.10 6.74
C VAL C 242 -44.99 -1.61 7.02
N THR C 243 -45.27 -2.42 6.00
CA THR C 243 -45.28 -3.89 6.14
C THR C 243 -43.90 -4.53 5.97
N ARG C 244 -42.99 -3.81 5.32
CA ARG C 244 -41.62 -4.28 5.00
C ARG C 244 -41.57 -5.39 3.94
N GLU C 245 -42.65 -5.55 3.16
CA GLU C 245 -42.65 -6.50 2.05
C GLU C 245 -41.81 -5.93 0.94
N GLU C 246 -40.98 -6.78 0.36
CA GLU C 246 -40.06 -6.41 -0.71
C GLU C 246 -40.26 -7.37 -1.86
N ARG C 247 -40.26 -6.86 -3.08
CA ARG C 247 -40.51 -7.68 -4.27
C ARG C 247 -39.76 -7.18 -5.49
N ARG C 248 -39.17 -8.11 -6.23
CA ARG C 248 -38.52 -7.85 -7.50
C ARG C 248 -39.56 -7.89 -8.62
N LEU C 249 -39.57 -6.87 -9.48
CA LEU C 249 -40.53 -6.78 -10.59
C LEU C 249 -39.98 -7.26 -11.93
N THR C 250 -38.71 -6.96 -12.21
CA THR C 250 -38.07 -7.35 -13.46
C THR C 250 -36.91 -8.32 -13.21
N TYR C 251 -36.79 -9.31 -14.10
CA TYR C 251 -35.79 -10.37 -14.01
C TYR C 251 -34.92 -10.39 -15.27
N VAL C 252 -34.50 -9.19 -15.66
CA VAL C 252 -33.81 -8.94 -16.93
C VAL C 252 -32.28 -9.02 -16.81
N HIS C 253 -31.76 -8.83 -15.60
CA HIS C 253 -30.31 -8.77 -15.33
C HIS C 253 -29.91 -9.75 -14.24
N ASN C 254 -28.65 -10.16 -14.27
CA ASN C 254 -28.06 -11.12 -13.33
C ASN C 254 -26.79 -10.51 -12.72
N GLU C 255 -26.82 -10.24 -11.41
CA GLU C 255 -25.67 -9.68 -10.68
C GLU C 255 -24.39 -10.54 -10.75
N LEU C 256 -24.57 -11.86 -10.76
CA LEU C 256 -23.46 -12.82 -10.72
C LEU C 256 -22.69 -12.92 -12.06
N ALA C 257 -23.40 -12.74 -13.17
CA ALA C 257 -22.80 -12.83 -14.52
C ALA C 257 -21.96 -11.61 -14.88
N ASN C 258 -21.14 -11.77 -15.93
CA ASN C 258 -20.31 -10.69 -16.45
C ASN C 258 -21.12 -9.83 -17.43
N MET C 259 -20.76 -8.55 -17.50
CA MET C 259 -21.47 -7.58 -18.35
C MET C 259 -21.40 -7.91 -19.85
N GLU C 260 -20.30 -8.55 -20.28
CA GLU C 260 -20.10 -8.97 -21.67
C GLU C 260 -21.21 -9.91 -22.19
N GLU C 261 -21.71 -10.78 -21.31
CA GLU C 261 -22.82 -11.69 -21.64
C GLU C 261 -24.19 -11.06 -21.36
N ASP C 262 -24.35 -10.54 -20.14
CA ASP C 262 -25.62 -10.00 -19.66
C ASP C 262 -25.63 -8.46 -19.76
N ALA C 263 -26.30 -7.95 -20.79
CA ALA C 263 -26.28 -6.53 -21.13
C ALA C 263 -27.67 -5.91 -21.25
N ARG C 264 -28.63 -6.44 -20.49
CA ARG C 264 -30.00 -5.92 -20.48
C ARG C 264 -30.33 -5.32 -19.12
N SER C 265 -31.00 -4.18 -19.12
CA SER C 265 -31.39 -3.48 -17.90
C SER C 265 -32.84 -3.04 -17.99
N ALA C 266 -33.46 -2.86 -16.83
CA ALA C 266 -34.84 -2.39 -16.73
C ALA C 266 -34.95 -1.29 -15.68
N GLY C 267 -35.62 -0.21 -16.06
CA GLY C 267 -35.82 0.95 -15.17
C GLY C 267 -34.67 1.96 -15.13
N VAL C 268 -33.67 1.76 -15.98
CA VAL C 268 -32.39 2.49 -15.89
C VAL C 268 -32.13 3.29 -17.18
N ALA C 269 -31.61 4.50 -17.01
CA ALA C 269 -31.12 5.30 -18.11
C ALA C 269 -29.68 4.90 -18.42
N THR C 270 -29.41 4.57 -19.68
CA THR C 270 -28.07 4.16 -20.13
C THR C 270 -27.15 5.37 -20.24
N PHE C 271 -25.87 5.12 -20.48
CA PHE C 271 -24.84 6.16 -20.45
C PHE C 271 -25.22 7.44 -21.19
N VAL C 272 -25.54 7.31 -22.48
CA VAL C 272 -25.76 8.47 -23.36
C VAL C 272 -26.93 9.33 -22.89
N LEU C 273 -27.98 8.69 -22.39
CA LEU C 273 -29.14 9.40 -21.85
C LEU C 273 -28.79 10.22 -20.62
N GLN C 274 -28.00 9.63 -19.71
CA GLN C 274 -27.52 10.34 -18.53
C GLN C 274 -26.52 11.44 -18.90
N GLU C 275 -25.59 11.11 -19.79
CA GLU C 275 -24.49 12.01 -20.14
C GLU C 275 -24.86 13.11 -21.15
N GLU C 276 -25.76 12.80 -22.08
CA GLU C 276 -26.09 13.73 -23.20
C GLU C 276 -27.51 14.28 -23.24
N PHE C 277 -28.43 13.67 -22.50
CA PHE C 277 -29.83 14.12 -22.43
C PHE C 277 -30.34 14.45 -21.02
N ASP C 278 -29.47 14.34 -20.02
CA ASP C 278 -29.83 14.59 -18.61
C ASP C 278 -31.11 13.89 -18.16
N ARG C 279 -31.25 12.63 -18.57
CA ARG C 279 -32.28 11.74 -18.03
C ARG C 279 -31.56 10.66 -17.22
N TYR C 280 -31.92 10.54 -15.95
CA TYR C 280 -31.25 9.65 -15.00
C TYR C 280 -32.12 8.51 -14.48
N SER C 281 -33.42 8.56 -14.78
CA SER C 281 -34.36 7.50 -14.41
C SER C 281 -34.95 6.87 -15.66
N GLY C 282 -35.23 5.57 -15.59
CA GLY C 282 -35.86 4.82 -16.68
C GLY C 282 -37.17 4.15 -16.29
N TYR C 283 -37.79 4.62 -15.21
CA TYR C 283 -39.09 4.12 -14.77
C TYR C 283 -39.91 5.25 -14.15
N TRP C 284 -41.24 5.12 -14.23
CA TRP C 284 -42.17 6.17 -13.82
C TRP C 284 -43.44 5.56 -13.23
N TRP C 285 -43.74 5.91 -11.98
CA TRP C 285 -44.97 5.47 -11.32
C TRP C 285 -46.18 6.08 -12.01
N CYS C 286 -47.23 5.28 -12.17
CA CYS C 286 -48.55 5.79 -12.52
C CYS C 286 -49.10 6.53 -11.31
N PRO C 287 -49.53 7.80 -11.50
CA PRO C 287 -49.95 8.61 -10.35
C PRO C 287 -51.29 8.23 -9.69
N LYS C 288 -52.07 7.35 -10.32
CA LYS C 288 -53.36 6.89 -9.75
C LYS C 288 -53.47 5.36 -9.79
N ALA C 289 -54.24 4.83 -8.85
CA ALA C 289 -54.46 3.38 -8.72
C ALA C 289 -55.84 3.02 -9.28
N GLU C 290 -55.93 1.84 -9.88
CA GLU C 290 -57.19 1.26 -10.34
C GLU C 290 -57.70 0.33 -9.24
N THR C 291 -58.88 0.62 -8.70
CA THR C 291 -59.49 -0.20 -7.65
C THR C 291 -59.98 -1.55 -8.21
N THR C 292 -59.84 -2.60 -7.42
CA THR C 292 -60.33 -3.95 -7.77
C THR C 292 -61.66 -4.25 -7.06
N PRO C 293 -62.50 -5.12 -7.65
CA PRO C 293 -63.78 -5.54 -7.05
C PRO C 293 -63.70 -6.02 -5.60
N SER C 294 -62.67 -6.81 -5.29
CA SER C 294 -62.50 -7.39 -3.95
C SER C 294 -62.08 -6.41 -2.84
N GLY C 295 -61.67 -5.20 -3.22
CA GLY C 295 -61.31 -4.13 -2.26
C GLY C 295 -59.86 -3.67 -2.26
N GLY C 296 -59.03 -4.30 -3.09
CA GLY C 296 -57.61 -3.94 -3.22
C GLY C 296 -57.37 -2.83 -4.23
N LYS C 297 -56.25 -2.91 -4.96
CA LYS C 297 -55.91 -1.95 -6.01
C LYS C 297 -54.87 -2.50 -7.00
N ILE C 298 -54.65 -1.75 -8.08
CA ILE C 298 -53.61 -2.04 -9.06
C ILE C 298 -52.75 -0.79 -9.24
N LEU C 299 -51.49 -0.88 -8.82
CA LEU C 299 -50.48 0.13 -9.08
C LEU C 299 -49.76 -0.23 -10.37
N ARG C 300 -49.31 0.77 -11.11
CA ARG C 300 -48.59 0.56 -12.38
C ARG C 300 -47.26 1.31 -12.41
N ILE C 301 -46.30 0.74 -13.14
CA ILE C 301 -45.02 1.39 -13.43
C ILE C 301 -44.73 1.25 -14.92
N LEU C 302 -44.64 2.39 -15.62
CA LEU C 302 -44.03 2.43 -16.95
C LEU C 302 -42.53 2.37 -16.76
N TYR C 303 -41.84 1.64 -17.64
CA TYR C 303 -40.38 1.62 -17.63
C TYR C 303 -39.75 1.32 -18.98
N GLU C 304 -38.57 1.92 -19.18
CA GLU C 304 -37.72 1.62 -20.31
C GLU C 304 -36.95 0.32 -20.04
N GLU C 305 -36.90 -0.55 -21.04
CA GLU C 305 -36.08 -1.75 -21.01
C GLU C 305 -35.04 -1.62 -22.12
N ASN C 306 -33.77 -1.68 -21.76
CA ASN C 306 -32.66 -1.52 -22.68
C ASN C 306 -31.95 -2.85 -22.93
N ASP C 307 -31.40 -2.98 -24.13
CA ASP C 307 -30.55 -4.10 -24.52
C ASP C 307 -29.30 -3.50 -25.14
N GLU C 308 -28.19 -3.59 -24.40
CA GLU C 308 -26.91 -3.03 -24.85
C GLU C 308 -25.99 -4.05 -25.53
N SER C 309 -26.48 -5.27 -25.81
CA SER C 309 -25.70 -6.38 -26.40
C SER C 309 -24.85 -6.00 -27.63
N GLU C 310 -25.40 -5.17 -28.50
CA GLU C 310 -24.72 -4.75 -29.74
C GLU C 310 -23.92 -3.44 -29.61
N VAL C 311 -23.95 -2.82 -28.43
CA VAL C 311 -23.21 -1.59 -28.17
C VAL C 311 -21.75 -1.95 -27.91
N GLU C 312 -20.84 -1.19 -28.51
CA GLU C 312 -19.41 -1.49 -28.41
C GLU C 312 -18.92 -1.37 -26.96
N ILE C 313 -18.03 -2.29 -26.59
CA ILE C 313 -17.46 -2.32 -25.25
C ILE C 313 -16.07 -1.68 -25.29
N ILE C 314 -15.87 -0.65 -24.47
CA ILE C 314 -14.53 -0.08 -24.25
C ILE C 314 -14.05 -0.42 -22.84
N HIS C 315 -12.75 -0.27 -22.63
CA HIS C 315 -12.13 -0.54 -21.33
C HIS C 315 -11.49 0.74 -20.81
N VAL C 316 -11.79 1.08 -19.56
CA VAL C 316 -11.23 2.25 -18.89
C VAL C 316 -10.56 1.80 -17.61
N THR C 317 -9.36 2.32 -17.35
CA THR C 317 -8.53 1.94 -16.20
C THR C 317 -9.34 1.98 -14.90
N SER C 318 -9.21 0.92 -14.11
CA SER C 318 -9.86 0.83 -12.80
C SER C 318 -9.16 1.81 -11.85
N PRO C 319 -9.93 2.55 -11.01
CA PRO C 319 -9.40 3.47 -10.00
C PRO C 319 -8.30 2.88 -9.11
N MET C 320 -8.48 1.63 -8.68
CA MET C 320 -7.47 0.92 -7.89
C MET C 320 -6.32 0.55 -8.81
N LEU C 321 -5.39 1.49 -8.99
CA LEU C 321 -4.26 1.32 -9.93
C LEU C 321 -3.35 0.11 -9.61
N GLU C 322 -3.35 -0.34 -8.36
CA GLU C 322 -2.57 -1.52 -7.95
C GLU C 322 -3.04 -2.82 -8.59
N THR C 323 -4.32 -2.90 -8.96
CA THR C 323 -4.86 -4.07 -9.65
C THR C 323 -4.35 -4.22 -11.08
N ARG C 324 -3.93 -3.11 -11.71
CA ARG C 324 -3.54 -3.06 -13.13
C ARG C 324 -4.62 -3.66 -14.02
N ARG C 325 -5.86 -3.25 -13.72
CA ARG C 325 -7.06 -3.75 -14.38
C ARG C 325 -7.83 -2.58 -14.98
N ALA C 326 -8.91 -2.92 -15.67
CA ALA C 326 -9.72 -1.99 -16.43
C ALA C 326 -11.15 -2.48 -16.39
N ASP C 327 -12.10 -1.55 -16.36
CA ASP C 327 -13.53 -1.87 -16.27
C ASP C 327 -14.18 -1.75 -17.63
N SER C 328 -15.12 -2.64 -17.92
CA SER C 328 -15.84 -2.64 -19.19
C SER C 328 -17.01 -1.64 -19.16
N PHE C 329 -17.17 -0.89 -20.25
CA PHE C 329 -18.25 0.10 -20.39
C PHE C 329 -18.95 -0.03 -21.74
N ARG C 330 -20.28 -0.06 -21.72
CA ARG C 330 -21.09 0.02 -22.94
C ARG C 330 -21.11 1.49 -23.39
N TYR C 331 -20.28 1.80 -24.39
CA TYR C 331 -20.10 3.16 -24.89
C TYR C 331 -20.53 3.25 -26.37
N PRO C 332 -21.70 3.87 -26.64
CA PRO C 332 -22.09 4.07 -28.04
C PRO C 332 -21.22 5.11 -28.76
N LYS C 333 -20.15 4.63 -29.38
CA LYS C 333 -19.30 5.44 -30.25
C LYS C 333 -20.10 6.04 -31.40
N THR C 334 -19.78 7.26 -31.80
CA THR C 334 -20.46 7.91 -32.94
C THR C 334 -20.41 7.04 -34.21
N GLY C 335 -21.56 6.91 -34.88
CA GLY C 335 -21.69 6.05 -36.05
C GLY C 335 -21.91 4.57 -35.79
N THR C 336 -22.05 4.17 -34.52
CA THR C 336 -22.26 2.77 -34.12
C THR C 336 -23.58 2.64 -33.36
N ALA C 337 -23.94 1.43 -32.95
CA ALA C 337 -25.25 1.17 -32.39
C ALA C 337 -25.47 1.81 -31.01
N ASN C 338 -26.61 2.48 -30.85
CA ASN C 338 -27.17 2.81 -29.55
C ASN C 338 -27.91 1.57 -29.06
N PRO C 339 -28.27 1.53 -27.76
CA PRO C 339 -28.99 0.34 -27.27
C PRO C 339 -30.36 0.16 -27.92
N LYS C 340 -30.82 -1.09 -28.00
CA LYS C 340 -32.18 -1.38 -28.44
C LYS C 340 -33.12 -1.10 -27.26
N VAL C 341 -34.10 -0.23 -27.48
CA VAL C 341 -34.99 0.26 -26.42
C VAL C 341 -36.45 -0.10 -26.70
N THR C 342 -37.22 -0.27 -25.62
CA THR C 342 -38.67 -0.48 -25.71
C THR C 342 -39.32 -0.03 -24.40
N PHE C 343 -40.63 0.19 -24.45
CA PHE C 343 -41.42 0.45 -23.25
C PHE C 343 -42.00 -0.85 -22.71
N LYS C 344 -42.10 -0.92 -21.39
CA LYS C 344 -42.74 -2.04 -20.69
C LYS C 344 -43.61 -1.47 -19.59
N MET C 345 -44.55 -2.27 -19.13
CA MET C 345 -45.47 -1.89 -18.05
C MET C 345 -45.51 -3.02 -17.04
N SER C 346 -45.36 -2.69 -15.77
CA SER C 346 -45.50 -3.64 -14.68
C SER C 346 -46.81 -3.35 -13.94
N GLU C 347 -47.73 -4.32 -13.98
CA GLU C 347 -48.98 -4.26 -13.20
C GLU C 347 -48.75 -4.97 -11.87
N ILE C 348 -49.09 -4.29 -10.78
CA ILE C 348 -48.83 -4.79 -9.43
C ILE C 348 -50.18 -4.84 -8.70
N MET C 349 -50.70 -6.06 -8.52
CA MET C 349 -51.98 -6.27 -7.82
C MET C 349 -51.75 -6.32 -6.31
N ILE C 350 -52.37 -5.39 -5.59
CA ILE C 350 -52.30 -5.30 -4.12
C ILE C 350 -53.69 -5.62 -3.55
N ASP C 351 -53.74 -6.29 -2.40
CA ASP C 351 -55.00 -6.62 -1.71
C ASP C 351 -55.42 -5.51 -0.72
N ALA C 352 -56.51 -5.73 0.01
CA ALA C 352 -57.06 -4.73 0.95
C ALA C 352 -56.12 -4.36 2.11
N GLU C 353 -55.28 -5.31 2.54
CA GLU C 353 -54.34 -5.10 3.65
C GLU C 353 -52.99 -4.51 3.22
N GLY C 354 -52.75 -4.44 1.91
CA GLY C 354 -51.50 -3.90 1.36
C GLY C 354 -50.53 -4.94 0.84
N ARG C 355 -50.88 -6.23 0.95
CA ARG C 355 -50.02 -7.32 0.49
C ARG C 355 -50.12 -7.46 -1.03
N ILE C 356 -49.01 -7.83 -1.67
CA ILE C 356 -48.99 -8.10 -3.11
C ILE C 356 -49.70 -9.44 -3.35
N ILE C 357 -50.72 -9.41 -4.20
CA ILE C 357 -51.36 -10.64 -4.68
C ILE C 357 -50.50 -11.22 -5.81
N ASP C 358 -50.27 -10.41 -6.85
CA ASP C 358 -49.57 -10.85 -8.07
C ASP C 358 -48.89 -9.69 -8.78
N VAL C 359 -47.89 -10.01 -9.60
CA VAL C 359 -47.20 -9.06 -10.47
C VAL C 359 -47.24 -9.56 -11.90
N ILE C 360 -47.82 -8.77 -12.80
CA ILE C 360 -47.93 -9.13 -14.22
C ILE C 360 -47.10 -8.16 -15.05
N ASP C 361 -46.03 -8.69 -15.66
CA ASP C 361 -45.14 -7.90 -16.53
C ASP C 361 -45.76 -7.85 -17.92
N LYS C 362 -45.83 -6.66 -18.50
CA LYS C 362 -46.47 -6.44 -19.81
C LYS C 362 -45.55 -5.75 -20.82
N GLU C 363 -45.77 -6.04 -22.10
CA GLU C 363 -44.99 -5.52 -23.22
C GLU C 363 -45.91 -4.91 -24.27
N LEU C 364 -45.34 -4.08 -25.14
CA LEU C 364 -46.08 -3.43 -26.22
C LEU C 364 -46.72 -4.48 -27.15
N ILE C 365 -47.90 -4.14 -27.67
CA ILE C 365 -48.66 -5.06 -28.51
C ILE C 365 -47.96 -5.38 -29.84
N GLN C 366 -47.31 -4.37 -30.41
CA GLN C 366 -46.37 -4.55 -31.53
C GLN C 366 -45.01 -4.02 -31.07
N PRO C 367 -43.92 -4.36 -31.80
CA PRO C 367 -42.59 -3.85 -31.42
C PRO C 367 -42.46 -2.33 -31.42
N PHE C 368 -41.47 -1.84 -30.67
CA PHE C 368 -41.19 -0.41 -30.53
C PHE C 368 -40.84 0.25 -31.87
N GLU C 369 -40.13 -0.49 -32.73
CA GLU C 369 -39.73 0.01 -34.06
C GLU C 369 -40.92 0.19 -35.01
N ILE C 370 -41.99 -0.57 -34.78
CA ILE C 370 -43.23 -0.49 -35.58
C ILE C 370 -44.11 0.66 -35.08
N LEU C 371 -44.43 0.65 -33.80
CA LEU C 371 -45.28 1.69 -33.17
C LEU C 371 -44.67 3.08 -33.17
N PHE C 372 -43.34 3.17 -33.04
CA PHE C 372 -42.62 4.45 -32.92
C PHE C 372 -41.54 4.53 -33.99
N GLU C 373 -41.99 4.55 -35.23
CA GLU C 373 -41.13 4.58 -36.42
C GLU C 373 -40.08 5.70 -36.37
N GLY C 374 -38.83 5.34 -36.61
CA GLY C 374 -37.73 6.30 -36.73
C GLY C 374 -37.11 6.81 -35.42
N VAL C 375 -37.56 6.27 -34.29
CA VAL C 375 -37.18 6.78 -32.96
C VAL C 375 -35.95 6.05 -32.42
N GLU C 376 -34.86 6.80 -32.19
CA GLU C 376 -33.69 6.28 -31.47
C GLU C 376 -33.86 6.43 -29.97
N TYR C 377 -34.03 7.68 -29.54
CA TYR C 377 -33.93 8.06 -28.13
C TYR C 377 -35.29 8.34 -27.50
N ILE C 378 -35.53 7.70 -26.36
CA ILE C 378 -36.57 8.12 -25.43
C ILE C 378 -35.95 9.24 -24.58
N ALA C 379 -36.24 10.48 -24.94
CA ALA C 379 -35.63 11.67 -24.30
C ALA C 379 -36.22 11.95 -22.92
N ARG C 380 -37.55 11.88 -22.83
CA ARG C 380 -38.29 12.07 -21.58
C ARG C 380 -39.50 11.14 -21.56
N ALA C 381 -40.03 10.90 -20.36
CA ALA C 381 -41.28 10.17 -20.20
C ALA C 381 -41.94 10.43 -18.85
N GLY C 382 -43.21 10.08 -18.77
CA GLY C 382 -44.02 10.28 -17.57
C GLY C 382 -45.46 9.89 -17.79
N TRP C 383 -46.34 10.37 -16.93
CA TRP C 383 -47.79 10.14 -17.02
C TRP C 383 -48.56 11.45 -17.00
N THR C 384 -49.78 11.43 -17.54
CA THR C 384 -50.71 12.56 -17.41
C THR C 384 -51.23 12.61 -15.96
N PRO C 385 -51.64 13.81 -15.47
CA PRO C 385 -51.99 13.99 -14.04
C PRO C 385 -52.98 12.98 -13.46
N GLU C 386 -53.97 12.61 -14.26
CA GLU C 386 -55.00 11.64 -13.89
C GLU C 386 -54.60 10.19 -14.20
N GLY C 387 -53.58 10.03 -15.06
CA GLY C 387 -52.93 8.74 -15.28
C GLY C 387 -53.62 7.81 -16.25
N LYS C 388 -54.33 8.38 -17.23
CA LYS C 388 -55.01 7.60 -18.25
C LYS C 388 -54.05 7.21 -19.37
N TYR C 389 -53.13 8.12 -19.71
CA TYR C 389 -52.07 7.86 -20.68
C TYR C 389 -50.71 8.08 -20.06
N ALA C 390 -49.75 7.25 -20.46
CA ALA C 390 -48.33 7.57 -20.31
C ALA C 390 -47.97 8.50 -21.46
N TRP C 391 -47.01 9.39 -21.24
CA TRP C 391 -46.46 10.22 -22.32
C TRP C 391 -44.97 10.01 -22.45
N SER C 392 -44.45 10.38 -23.61
CA SER C 392 -43.02 10.32 -23.89
C SER C 392 -42.63 11.31 -24.96
N ILE C 393 -41.45 11.91 -24.80
CA ILE C 393 -40.85 12.79 -25.78
C ILE C 393 -39.75 11.99 -26.46
N LEU C 394 -39.87 11.86 -27.79
CA LEU C 394 -39.08 10.90 -28.58
C LEU C 394 -38.32 11.60 -29.68
N LEU C 395 -37.07 11.17 -29.90
CA LEU C 395 -36.20 11.74 -30.92
C LEU C 395 -35.79 10.71 -31.96
N ASP C 396 -35.52 11.18 -33.17
CA ASP C 396 -34.88 10.37 -34.21
C ASP C 396 -33.37 10.48 -34.03
N ARG C 397 -32.62 9.63 -34.73
CA ARG C 397 -31.16 9.55 -34.59
C ARG C 397 -30.44 10.88 -34.84
N SER C 398 -30.87 11.59 -35.88
CA SER C 398 -30.27 12.89 -36.24
C SER C 398 -30.64 14.03 -35.28
N GLN C 399 -31.64 13.78 -34.43
CA GLN C 399 -32.12 14.76 -33.43
C GLN C 399 -32.61 16.04 -34.09
N THR C 400 -33.24 15.87 -35.25
CA THR C 400 -33.88 16.92 -36.02
C THR C 400 -35.40 16.74 -36.04
N ARG C 401 -35.91 15.68 -35.41
CA ARG C 401 -37.35 15.42 -35.33
C ARG C 401 -37.73 15.03 -33.90
N LEU C 402 -38.53 15.87 -33.25
CA LEU C 402 -39.11 15.57 -31.94
C LEU C 402 -40.55 15.10 -32.14
N GLN C 403 -40.99 14.18 -31.27
CA GLN C 403 -42.39 13.76 -31.20
C GLN C 403 -42.81 13.66 -29.74
N ILE C 404 -44.03 14.11 -29.43
CA ILE C 404 -44.65 13.88 -28.13
C ILE C 404 -45.76 12.88 -28.36
N VAL C 405 -45.66 11.71 -27.74
CA VAL C 405 -46.55 10.59 -28.02
C VAL C 405 -47.23 10.13 -26.74
N LEU C 406 -48.55 9.96 -26.80
CA LEU C 406 -49.32 9.38 -25.70
C LEU C 406 -49.45 7.87 -25.91
N ILE C 407 -49.31 7.12 -24.82
CA ILE C 407 -49.26 5.66 -24.84
C ILE C 407 -50.23 5.17 -23.77
N SER C 408 -51.32 4.51 -24.20
CA SER C 408 -52.30 3.96 -23.27
C SER C 408 -51.76 2.70 -22.59
N PRO C 409 -52.16 2.43 -21.33
CA PRO C 409 -51.90 1.11 -20.72
C PRO C 409 -52.52 -0.08 -21.47
N GLU C 410 -53.61 0.17 -22.23
CA GLU C 410 -54.23 -0.87 -23.07
C GLU C 410 -53.36 -1.34 -24.25
N LEU C 411 -52.35 -0.54 -24.64
CA LEU C 411 -51.32 -0.99 -25.59
C LEU C 411 -50.41 -2.11 -25.06
N PHE C 412 -50.38 -2.29 -23.74
CA PHE C 412 -49.54 -3.31 -23.10
C PHE C 412 -50.33 -4.58 -22.79
N ILE C 413 -49.85 -5.70 -23.31
CA ILE C 413 -50.41 -7.04 -23.04
C ILE C 413 -49.37 -7.83 -22.24
N PRO C 414 -49.80 -8.86 -21.47
CA PRO C 414 -48.84 -9.67 -20.72
C PRO C 414 -47.80 -10.40 -21.58
N VAL C 415 -46.63 -10.64 -20.99
CA VAL C 415 -45.58 -11.43 -21.62
C VAL C 415 -45.98 -12.90 -21.50
N GLU C 416 -45.86 -13.63 -22.61
CA GLU C 416 -46.28 -15.04 -22.68
C GLU C 416 -45.40 -15.85 -23.65
N ASP C 417 -45.01 -17.04 -23.22
CA ASP C 417 -44.18 -17.96 -24.02
C ASP C 417 -45.00 -18.63 -25.11
N ASP C 418 -46.18 -19.12 -24.74
CA ASP C 418 -47.09 -19.84 -25.64
C ASP C 418 -47.58 -18.94 -26.79
N VAL C 419 -47.41 -19.42 -28.02
CA VAL C 419 -47.73 -18.66 -29.23
C VAL C 419 -49.25 -18.49 -29.45
N MET C 420 -50.04 -19.47 -29.01
CA MET C 420 -51.51 -19.40 -29.10
C MET C 420 -52.10 -18.36 -28.14
N GLU C 421 -51.60 -18.34 -26.90
CA GLU C 421 -52.11 -17.44 -25.85
C GLU C 421 -51.84 -15.95 -26.15
N ARG C 422 -50.65 -15.64 -26.68
CA ARG C 422 -50.33 -14.26 -27.10
C ARG C 422 -51.20 -13.78 -28.27
N GLN C 423 -51.42 -14.65 -29.25
CA GLN C 423 -52.29 -14.34 -30.39
C GLN C 423 -53.74 -14.04 -29.98
N ARG C 424 -54.21 -14.73 -28.95
CA ARG C 424 -55.51 -14.42 -28.33
C ARG C 424 -55.46 -13.04 -27.65
N LEU C 425 -54.39 -12.80 -26.90
CA LEU C 425 -54.19 -11.51 -26.20
C LEU C 425 -54.02 -10.32 -27.13
N ILE C 426 -53.40 -10.53 -28.30
CA ILE C 426 -53.30 -9.48 -29.34
C ILE C 426 -54.68 -9.10 -29.87
N GLU C 427 -55.50 -10.10 -30.15
CA GLU C 427 -56.86 -9.88 -30.68
C GLU C 427 -57.83 -9.29 -29.64
N SER C 428 -57.58 -9.55 -28.35
CA SER C 428 -58.40 -9.00 -27.26
C SER C 428 -58.30 -7.47 -27.10
N VAL C 429 -57.19 -6.89 -27.54
CA VAL C 429 -57.00 -5.44 -27.54
C VAL C 429 -57.64 -4.85 -28.81
N PRO C 430 -58.45 -3.77 -28.67
CA PRO C 430 -59.03 -3.11 -29.86
C PRO C 430 -58.02 -2.46 -30.79
N ASP C 431 -58.50 -2.10 -31.98
CA ASP C 431 -57.68 -1.40 -32.99
C ASP C 431 -57.80 0.13 -32.91
N SER C 432 -58.81 0.63 -32.19
CA SER C 432 -58.90 2.04 -31.82
C SER C 432 -57.78 2.46 -30.86
N VAL C 433 -57.34 1.52 -30.02
CA VAL C 433 -56.21 1.72 -29.10
C VAL C 433 -54.90 1.71 -29.90
N THR C 434 -54.33 2.89 -30.11
CA THR C 434 -53.06 3.06 -30.83
C THR C 434 -52.24 4.18 -30.19
N PRO C 435 -50.94 4.32 -30.58
CA PRO C 435 -50.19 5.50 -30.18
C PRO C 435 -50.80 6.78 -30.73
N LEU C 436 -50.61 7.87 -30.00
CA LEU C 436 -51.19 9.17 -30.35
C LEU C 436 -50.09 10.23 -30.34
N ILE C 437 -49.53 10.51 -31.52
CA ILE C 437 -48.51 11.56 -31.68
C ILE C 437 -49.20 12.93 -31.61
N ILE C 438 -49.29 13.48 -30.40
CA ILE C 438 -50.01 14.73 -30.15
C ILE C 438 -49.26 16.00 -30.61
N TYR C 439 -47.98 15.84 -30.96
CA TYR C 439 -47.16 16.96 -31.42
C TYR C 439 -45.94 16.43 -32.16
N GLU C 440 -45.50 17.16 -33.17
CA GLU C 440 -44.34 16.79 -33.97
C GLU C 440 -43.74 18.03 -34.60
N GLU C 441 -42.42 18.17 -34.49
CA GLU C 441 -41.69 19.31 -35.02
C GLU C 441 -40.38 18.85 -35.63
N THR C 442 -39.84 19.67 -36.54
CA THR C 442 -38.57 19.40 -37.21
C THR C 442 -37.72 20.67 -37.28
N THR C 443 -36.45 20.50 -37.63
CA THR C 443 -35.50 21.61 -37.72
C THR C 443 -34.26 21.23 -38.54
N ASP C 444 -33.67 22.22 -39.20
CA ASP C 444 -32.40 22.06 -39.93
C ASP C 444 -31.16 22.17 -39.05
N ILE C 445 -31.35 22.51 -37.76
CA ILE C 445 -30.23 22.70 -36.84
C ILE C 445 -30.18 21.54 -35.84
N TRP C 446 -31.00 21.56 -34.80
CA TRP C 446 -31.11 20.44 -33.86
C TRP C 446 -32.17 20.69 -32.79
N ILE C 447 -32.72 19.60 -32.26
CA ILE C 447 -33.63 19.64 -31.13
C ILE C 447 -32.80 19.69 -29.84
N ASN C 448 -32.88 20.82 -29.14
CA ASN C 448 -32.40 20.94 -27.77
C ASN C 448 -33.51 20.45 -26.84
N ILE C 449 -33.27 19.34 -26.15
CA ILE C 449 -34.22 18.76 -25.20
C ILE C 449 -34.23 19.61 -23.93
N HIS C 450 -35.42 19.75 -23.34
CA HIS C 450 -35.63 20.53 -22.12
C HIS C 450 -36.68 19.84 -21.24
N ASP C 451 -36.96 20.43 -20.08
CA ASP C 451 -37.84 19.83 -19.07
C ASP C 451 -39.24 20.43 -18.99
N ILE C 452 -39.50 21.48 -19.77
CA ILE C 452 -40.83 22.09 -19.85
C ILE C 452 -41.80 21.20 -20.63
N PHE C 453 -42.79 20.68 -19.89
CA PHE C 453 -43.96 20.01 -20.48
C PHE C 453 -45.04 19.96 -19.40
N HIS C 454 -46.14 20.67 -19.62
CA HIS C 454 -47.27 20.70 -18.68
C HIS C 454 -48.53 20.26 -19.39
N VAL C 455 -49.21 19.27 -18.81
CA VAL C 455 -50.48 18.76 -19.34
C VAL C 455 -51.60 19.20 -18.42
N PHE C 456 -52.62 19.85 -18.99
CA PHE C 456 -53.81 20.25 -18.24
C PHE C 456 -54.75 19.06 -18.02
N PRO C 457 -55.69 19.17 -17.06
CA PRO C 457 -56.68 18.09 -16.90
C PRO C 457 -57.59 17.92 -18.13
N GLN C 458 -58.03 16.68 -18.38
CA GLN C 458 -58.93 16.39 -19.50
C GLN C 458 -60.35 16.86 -19.21
N SER C 459 -60.71 18.02 -19.77
CA SER C 459 -62.09 18.54 -19.68
C SER C 459 -62.99 17.83 -20.70
N HIS C 460 -62.56 17.84 -21.97
CA HIS C 460 -63.25 17.14 -23.06
C HIS C 460 -62.60 15.78 -23.34
N GLU C 461 -63.39 14.85 -23.86
CA GLU C 461 -63.01 13.44 -23.98
C GLU C 461 -61.94 13.18 -25.05
N GLU C 462 -62.12 13.77 -26.23
CA GLU C 462 -61.22 13.57 -27.37
C GLU C 462 -60.27 14.76 -27.57
N GLU C 463 -59.78 15.31 -26.46
CA GLU C 463 -58.87 16.45 -26.49
C GLU C 463 -57.81 16.34 -25.39
N ILE C 464 -56.62 16.86 -25.68
CA ILE C 464 -55.56 17.03 -24.68
C ILE C 464 -54.96 18.44 -24.87
N GLU C 465 -55.04 19.26 -23.82
CA GLU C 465 -54.40 20.58 -23.81
C GLU C 465 -53.06 20.47 -23.11
N PHE C 466 -52.05 21.19 -23.61
CA PHE C 466 -50.75 21.20 -22.97
C PHE C 466 -49.87 22.39 -23.35
N ILE C 467 -49.00 22.78 -22.43
CA ILE C 467 -47.94 23.75 -22.70
C ILE C 467 -46.65 22.99 -23.01
N PHE C 468 -45.94 23.44 -24.04
CA PHE C 468 -44.64 22.91 -24.43
C PHE C 468 -43.79 24.08 -24.92
N ALA C 469 -42.48 23.92 -24.98
CA ALA C 469 -41.56 24.95 -25.46
C ALA C 469 -40.81 24.49 -26.70
N SER C 470 -40.49 25.43 -27.59
CA SER C 470 -39.77 25.09 -28.83
C SER C 470 -39.03 26.24 -29.50
N GLU C 471 -37.89 25.91 -30.08
CA GLU C 471 -37.10 26.81 -30.94
C GLU C 471 -37.43 26.63 -32.43
N CYS C 472 -38.21 25.58 -32.76
CA CYS C 472 -38.40 25.19 -34.17
C CYS C 472 -39.21 26.18 -35.01
N LYS C 473 -40.08 26.95 -34.36
CA LYS C 473 -40.98 27.88 -35.06
C LYS C 473 -40.21 29.14 -35.49
N THR C 474 -39.57 29.80 -34.53
CA THR C 474 -38.89 31.10 -34.75
C THR C 474 -37.36 31.13 -34.59
N GLY C 475 -36.77 30.06 -34.07
CA GLY C 475 -35.34 30.05 -33.75
C GLY C 475 -34.95 30.48 -32.34
N PHE C 476 -35.94 30.89 -31.54
CA PHE C 476 -35.77 31.13 -30.11
C PHE C 476 -36.80 30.29 -29.36
N ARG C 477 -36.44 29.80 -28.18
CA ARG C 477 -37.32 28.92 -27.41
C ARG C 477 -38.46 29.72 -26.79
N HIS C 478 -39.70 29.31 -27.08
CA HIS C 478 -40.90 29.99 -26.57
C HIS C 478 -41.97 29.00 -26.19
N LEU C 479 -42.85 29.42 -25.28
CA LEU C 479 -43.95 28.59 -24.80
C LEU C 479 -45.12 28.63 -25.78
N TYR C 480 -45.79 27.48 -25.92
CA TYR C 480 -46.93 27.33 -26.83
C TYR C 480 -48.03 26.52 -26.15
N LYS C 481 -49.23 27.08 -26.07
CA LYS C 481 -50.42 26.32 -25.65
C LYS C 481 -50.93 25.58 -26.87
N ILE C 482 -51.06 24.26 -26.75
CA ILE C 482 -51.44 23.39 -27.86
C ILE C 482 -52.59 22.51 -27.40
N THR C 483 -53.64 22.43 -28.23
CA THR C 483 -54.74 21.50 -28.04
C THR C 483 -54.74 20.54 -29.22
N SER C 484 -54.75 19.23 -28.94
CA SER C 484 -54.67 18.19 -29.98
C SER C 484 -55.86 17.25 -29.90
N ILE C 485 -56.32 16.76 -31.06
CA ILE C 485 -57.51 15.91 -31.15
C ILE C 485 -57.08 14.43 -31.12
N LEU C 486 -57.61 13.69 -30.14
CA LEU C 486 -57.32 12.27 -29.98
C LEU C 486 -58.29 11.45 -30.83
N LYS C 487 -58.06 11.46 -32.14
CA LYS C 487 -58.92 10.75 -33.09
C LYS C 487 -58.57 9.27 -33.15
N GLU C 488 -59.50 8.48 -33.66
CA GLU C 488 -59.27 7.08 -33.98
C GLU C 488 -58.36 7.01 -35.21
N SER C 489 -57.38 6.11 -35.19
CA SER C 489 -56.40 6.00 -36.28
C SER C 489 -56.97 5.24 -37.46
N LYS C 490 -56.49 5.54 -38.66
CA LYS C 490 -56.83 4.81 -39.87
C LYS C 490 -56.30 3.37 -39.81
N TYR C 491 -55.08 3.21 -39.31
CA TYR C 491 -54.40 1.91 -39.25
C TYR C 491 -55.12 0.89 -38.36
N LYS C 492 -55.66 -0.15 -38.99
CA LYS C 492 -56.24 -1.30 -38.30
C LYS C 492 -55.15 -2.36 -38.14
N ARG C 493 -54.89 -2.73 -36.88
CA ARG C 493 -53.88 -3.74 -36.55
C ARG C 493 -54.25 -5.14 -37.02
N SER C 494 -55.53 -5.49 -36.88
CA SER C 494 -56.05 -6.81 -37.25
C SER C 494 -55.98 -7.11 -38.76
N SER C 495 -55.95 -6.06 -39.59
CA SER C 495 -55.76 -6.20 -41.04
C SER C 495 -54.41 -6.83 -41.44
N GLY C 496 -53.40 -6.69 -40.57
CA GLY C 496 -52.14 -7.43 -40.72
C GLY C 496 -51.00 -6.73 -41.45
N GLY C 497 -51.18 -5.47 -41.82
CA GLY C 497 -50.12 -4.66 -42.43
C GLY C 497 -49.30 -3.91 -41.40
N LEU C 498 -48.34 -3.10 -41.87
CA LEU C 498 -47.57 -2.19 -41.01
C LEU C 498 -48.14 -0.77 -41.11
N PRO C 499 -47.97 0.06 -40.05
CA PRO C 499 -48.47 1.44 -40.14
C PRO C 499 -47.53 2.34 -40.93
N ALA C 500 -48.12 3.26 -41.71
CA ALA C 500 -47.35 4.26 -42.47
C ALA C 500 -46.92 5.41 -41.54
N PRO C 501 -45.91 6.22 -41.94
CA PRO C 501 -45.34 7.26 -41.05
C PRO C 501 -46.32 8.23 -40.39
N SER C 502 -47.39 8.59 -41.10
CA SER C 502 -48.35 9.59 -40.63
C SER C 502 -49.61 9.01 -39.96
N ASP C 503 -49.69 7.69 -39.81
CA ASP C 503 -50.92 7.03 -39.33
C ASP C 503 -51.34 7.39 -37.90
N PHE C 504 -50.37 7.64 -37.03
CA PHE C 504 -50.65 7.95 -35.62
C PHE C 504 -50.69 9.45 -35.29
N LYS C 505 -50.41 10.31 -36.28
CA LYS C 505 -50.43 11.76 -36.08
C LYS C 505 -51.83 12.28 -35.72
N CYS C 506 -51.90 13.00 -34.60
CA CYS C 506 -53.13 13.67 -34.19
C CYS C 506 -53.18 15.04 -34.87
N PRO C 507 -54.38 15.51 -35.27
CA PRO C 507 -54.48 16.88 -35.79
C PRO C 507 -54.39 17.92 -34.67
N ILE C 508 -53.86 19.09 -35.01
CA ILE C 508 -53.71 20.20 -34.06
C ILE C 508 -54.93 21.13 -34.17
N LYS C 509 -55.67 21.28 -33.06
CA LYS C 509 -56.80 22.22 -33.00
C LYS C 509 -56.28 23.65 -33.01
N GLU C 510 -55.54 24.01 -31.96
CA GLU C 510 -54.94 25.34 -31.83
C GLU C 510 -53.49 25.24 -31.41
N GLU C 511 -52.72 26.28 -31.72
CA GLU C 511 -51.31 26.37 -31.38
C GLU C 511 -50.98 27.84 -31.13
N ILE C 512 -51.30 28.29 -29.92
CA ILE C 512 -51.18 29.70 -29.52
C ILE C 512 -49.78 29.95 -28.97
N ALA C 513 -49.09 30.94 -29.51
CA ALA C 513 -47.80 31.37 -28.98
C ALA C 513 -48.00 32.21 -27.71
N ILE C 514 -47.63 31.63 -26.57
CA ILE C 514 -47.73 32.33 -25.28
C ILE C 514 -46.68 33.43 -25.17
N THR C 515 -45.49 33.17 -25.70
CA THR C 515 -44.39 34.14 -25.72
C THR C 515 -43.77 34.24 -27.13
N SER C 516 -43.01 35.32 -27.34
CA SER C 516 -42.36 35.57 -28.64
C SER C 516 -41.30 36.67 -28.52
N GLY C 517 -40.36 36.67 -29.47
CA GLY C 517 -39.32 37.71 -29.56
C GLY C 517 -37.93 37.18 -29.85
N GLU C 518 -36.95 38.08 -29.76
CA GLU C 518 -35.53 37.77 -29.96
C GLU C 518 -34.86 37.47 -28.62
N TRP C 519 -35.39 36.46 -27.95
CA TRP C 519 -34.94 36.04 -26.62
C TRP C 519 -35.59 34.69 -26.33
N GLU C 520 -35.01 33.93 -25.40
CA GLU C 520 -35.47 32.55 -25.15
C GLU C 520 -36.06 32.32 -23.77
N VAL C 521 -37.03 31.40 -23.71
CA VAL C 521 -37.49 30.81 -22.45
C VAL C 521 -36.49 29.70 -22.10
N LEU C 522 -36.12 29.65 -20.82
CA LEU C 522 -35.12 28.69 -20.34
C LEU C 522 -35.80 27.41 -19.86
N GLY C 523 -35.24 26.27 -20.25
CA GLY C 523 -35.79 24.94 -19.91
C GLY C 523 -34.83 23.87 -19.41
N ARG C 524 -33.62 24.28 -19.02
CA ARG C 524 -32.55 23.35 -18.60
C ARG C 524 -31.92 23.76 -17.27
N HIS C 525 -31.27 22.80 -16.60
CA HIS C 525 -30.55 22.99 -15.32
C HIS C 525 -31.43 23.49 -14.18
N GLY C 526 -32.66 22.98 -14.09
CA GLY C 526 -33.63 23.42 -13.07
C GLY C 526 -34.53 24.57 -13.46
N SER C 527 -34.26 25.24 -14.58
CA SER C 527 -35.17 26.24 -15.15
C SER C 527 -36.38 25.51 -15.74
N ASN C 528 -37.55 25.78 -15.18
CA ASN C 528 -38.79 25.18 -15.64
C ASN C 528 -39.89 26.25 -15.57
N ILE C 529 -41.11 25.84 -15.89
CA ILE C 529 -42.30 26.69 -15.74
C ILE C 529 -43.10 26.27 -14.51
N GLN C 530 -43.89 27.21 -14.01
CA GLN C 530 -44.91 26.93 -13.01
C GLN C 530 -46.23 27.47 -13.55
N VAL C 531 -47.23 26.61 -13.62
CA VAL C 531 -48.52 26.92 -14.23
C VAL C 531 -49.59 27.10 -13.14
N ASP C 532 -50.05 28.34 -13.00
CA ASP C 532 -51.21 28.66 -12.14
C ASP C 532 -52.48 28.36 -12.95
N GLU C 533 -53.18 27.29 -12.59
CA GLU C 533 -54.41 26.89 -13.29
C GLU C 533 -55.66 27.65 -12.85
N VAL C 534 -55.60 28.35 -11.73
CA VAL C 534 -56.75 29.12 -11.21
C VAL C 534 -56.79 30.47 -11.92
N ARG C 535 -55.72 31.24 -11.77
CA ARG C 535 -55.56 32.53 -12.44
C ARG C 535 -55.17 32.42 -13.93
N ARG C 536 -54.84 31.20 -14.36
CA ARG C 536 -54.54 30.88 -15.77
C ARG C 536 -53.31 31.64 -16.30
N LEU C 537 -52.25 31.58 -15.50
CA LEU C 537 -50.95 32.21 -15.78
C LEU C 537 -49.87 31.16 -15.86
N VAL C 538 -48.74 31.53 -16.45
CA VAL C 538 -47.55 30.66 -16.48
C VAL C 538 -46.32 31.49 -16.11
N TYR C 539 -45.62 31.04 -15.07
CA TYR C 539 -44.37 31.64 -14.65
C TYR C 539 -43.24 30.92 -15.38
N PHE C 540 -42.21 31.67 -15.77
CA PHE C 540 -41.08 31.11 -16.51
C PHE C 540 -39.86 32.02 -16.41
N GLU C 541 -38.68 31.44 -16.67
CA GLU C 541 -37.43 32.20 -16.72
C GLU C 541 -37.05 32.45 -18.17
N GLY C 542 -36.39 33.58 -18.43
CA GLY C 542 -36.03 33.97 -19.79
C GLY C 542 -34.96 35.04 -19.89
N THR C 543 -34.58 35.33 -21.13
CA THR C 543 -33.50 36.26 -21.47
C THR C 543 -34.00 37.57 -22.10
N LYS C 544 -35.27 37.93 -21.88
CA LYS C 544 -35.91 39.07 -22.55
C LYS C 544 -35.22 40.40 -22.29
N ASP C 545 -34.94 40.70 -21.02
CA ASP C 545 -34.26 41.94 -20.64
C ASP C 545 -32.80 41.99 -21.06
N SER C 546 -32.11 40.84 -21.07
CA SER C 546 -30.69 40.77 -21.44
C SER C 546 -30.26 39.32 -21.67
N PRO C 547 -29.33 39.08 -22.61
CA PRO C 547 -28.71 37.75 -22.68
C PRO C 547 -27.74 37.47 -21.53
N LEU C 548 -27.30 38.52 -20.84
CA LEU C 548 -26.39 38.41 -19.68
C LEU C 548 -27.07 38.18 -18.33
N GLU C 549 -28.41 38.18 -18.30
CA GLU C 549 -29.16 37.99 -17.06
C GLU C 549 -30.36 37.10 -17.30
N HIS C 550 -30.61 36.19 -16.37
CA HIS C 550 -31.83 35.38 -16.33
C HIS C 550 -32.84 36.09 -15.42
N HIS C 551 -34.12 36.08 -15.79
CA HIS C 551 -35.16 36.76 -15.00
C HIS C 551 -36.44 35.95 -14.97
N LEU C 552 -37.19 36.10 -13.89
CA LEU C 552 -38.51 35.46 -13.75
C LEU C 552 -39.55 36.36 -14.42
N TYR C 553 -40.44 35.73 -15.18
CA TYR C 553 -41.49 36.42 -15.91
C TYR C 553 -42.80 35.69 -15.69
N VAL C 554 -43.91 36.41 -15.89
CA VAL C 554 -45.24 35.82 -15.81
C VAL C 554 -46.12 36.37 -16.93
N VAL C 555 -47.03 35.54 -17.42
CA VAL C 555 -47.92 35.86 -18.53
C VAL C 555 -49.10 34.91 -18.54
N SER C 556 -50.23 35.36 -19.08
CA SER C 556 -51.41 34.51 -19.25
C SER C 556 -51.23 33.57 -20.44
N TYR C 557 -51.71 32.34 -20.31
CA TYR C 557 -51.76 31.38 -21.42
C TYR C 557 -53.11 31.40 -22.18
N VAL C 558 -54.06 32.20 -21.71
CA VAL C 558 -55.36 32.36 -22.36
C VAL C 558 -55.32 33.51 -23.37
N ASN C 559 -55.01 34.71 -22.88
CA ASN C 559 -54.92 35.92 -23.70
C ASN C 559 -53.53 36.52 -23.54
N PRO C 560 -52.52 35.90 -24.19
CA PRO C 560 -51.14 36.35 -24.00
C PRO C 560 -50.84 37.72 -24.59
N GLY C 561 -50.65 38.70 -23.72
CA GLY C 561 -50.25 40.05 -24.10
C GLY C 561 -48.82 40.31 -23.65
N GLU C 562 -48.65 41.33 -22.80
CA GLU C 562 -47.34 41.68 -22.27
C GLU C 562 -46.83 40.62 -21.30
N VAL C 563 -45.50 40.59 -21.18
CA VAL C 563 -44.80 39.71 -20.27
C VAL C 563 -44.31 40.58 -19.10
N THR C 564 -44.72 40.23 -17.89
CA THR C 564 -44.38 40.98 -16.67
C THR C 564 -43.14 40.37 -16.00
N ARG C 565 -42.06 41.16 -15.94
CA ARG C 565 -40.85 40.77 -15.21
C ARG C 565 -41.07 40.93 -13.71
N LEU C 566 -40.79 39.87 -12.96
CA LEU C 566 -40.95 39.84 -11.50
C LEU C 566 -39.65 40.03 -10.71
N THR C 567 -38.49 39.90 -11.36
CA THR C 567 -37.20 40.02 -10.70
C THR C 567 -36.52 41.35 -11.05
N ASP C 568 -35.66 41.84 -10.15
CA ASP C 568 -35.00 43.13 -10.32
C ASP C 568 -33.82 43.01 -11.27
N ARG C 569 -33.59 44.07 -12.04
CA ARG C 569 -32.45 44.14 -12.96
C ARG C 569 -31.14 44.35 -12.20
N GLY C 570 -30.03 44.14 -12.90
CA GLY C 570 -28.69 44.21 -12.30
C GLY C 570 -28.22 42.96 -11.57
N TYR C 571 -29.01 41.89 -11.65
CA TYR C 571 -28.66 40.56 -11.16
C TYR C 571 -29.15 39.52 -12.17
N SER C 572 -28.47 38.39 -12.23
CA SER C 572 -29.00 37.19 -12.87
C SER C 572 -29.69 36.35 -11.79
N HIS C 573 -30.89 35.85 -12.10
CA HIS C 573 -31.72 35.13 -11.14
C HIS C 573 -31.94 33.67 -11.54
N SER C 574 -31.96 32.79 -10.55
CA SER C 574 -32.41 31.40 -10.71
C SER C 574 -33.53 31.24 -9.70
N CYS C 575 -34.69 30.83 -10.17
CA CYS C 575 -35.93 30.95 -9.38
C CYS C 575 -36.68 29.65 -9.18
N CYS C 576 -37.40 29.61 -8.07
CA CYS C 576 -38.35 28.56 -7.75
C CYS C 576 -39.66 29.21 -7.35
N ILE C 577 -40.75 28.78 -7.97
CA ILE C 577 -42.09 29.29 -7.69
C ILE C 577 -42.84 28.22 -6.90
N SER C 578 -43.57 28.66 -5.87
CA SER C 578 -44.39 27.77 -5.06
C SER C 578 -45.46 27.07 -5.91
N GLN C 579 -45.78 25.83 -5.55
CA GLN C 579 -46.89 25.10 -6.19
C GLN C 579 -48.24 25.84 -6.08
N HIS C 580 -48.39 26.62 -5.01
CA HIS C 580 -49.59 27.44 -4.79
C HIS C 580 -49.57 28.79 -5.54
N CYS C 581 -48.43 29.15 -6.12
CA CYS C 581 -48.24 30.34 -6.97
C CYS C 581 -48.42 31.70 -6.28
N ASP C 582 -48.33 31.70 -4.94
CA ASP C 582 -48.44 32.92 -4.13
C ASP C 582 -47.09 33.36 -3.53
N PHE C 583 -46.02 32.66 -3.91
CA PHE C 583 -44.65 32.95 -3.46
C PHE C 583 -43.66 32.53 -4.53
N PHE C 584 -42.50 33.19 -4.57
CA PHE C 584 -41.35 32.67 -5.30
C PHE C 584 -40.05 33.01 -4.58
N ILE C 585 -39.06 32.14 -4.76
CA ILE C 585 -37.72 32.31 -4.23
C ILE C 585 -36.78 32.55 -5.40
N SER C 586 -35.82 33.46 -5.21
CA SER C 586 -34.79 33.74 -6.19
C SER C 586 -33.43 33.55 -5.58
N LYS C 587 -32.59 32.75 -6.23
CA LYS C 587 -31.16 32.69 -5.95
C LYS C 587 -30.49 33.59 -6.99
N TYR C 588 -29.90 34.68 -6.54
CA TYR C 588 -29.42 35.74 -7.44
C TYR C 588 -28.05 36.26 -7.06
N SER C 589 -27.31 36.68 -8.08
CA SER C 589 -25.99 37.29 -7.91
C SER C 589 -25.71 38.22 -9.09
N ASN C 590 -24.61 38.96 -8.97
CA ASN C 590 -24.04 39.68 -10.12
C ASN C 590 -22.53 39.63 -10.01
N GLN C 591 -21.85 40.28 -10.96
CA GLN C 591 -20.39 40.27 -11.03
C GLN C 591 -19.71 40.75 -9.73
N LYS C 592 -20.32 41.73 -9.05
CA LYS C 592 -19.75 42.33 -7.84
C LYS C 592 -20.10 41.56 -6.56
N ASN C 593 -21.36 41.12 -6.46
CA ASN C 593 -21.94 40.56 -5.23
C ASN C 593 -22.18 39.05 -5.30
N PRO C 594 -21.70 38.28 -4.28
CA PRO C 594 -22.01 36.84 -4.19
C PRO C 594 -23.50 36.53 -4.08
N HIS C 595 -23.83 35.25 -4.26
CA HIS C 595 -25.22 34.81 -4.34
C HIS C 595 -26.00 35.02 -3.05
N CYS C 596 -27.21 35.56 -3.21
CA CYS C 596 -28.21 35.71 -2.13
C CYS C 596 -29.40 34.84 -2.47
N VAL C 597 -30.13 34.41 -1.45
CA VAL C 597 -31.41 33.75 -1.63
C VAL C 597 -32.44 34.52 -0.82
N SER C 598 -33.47 35.01 -1.51
CA SER C 598 -34.54 35.80 -0.89
C SER C 598 -35.90 35.27 -1.30
N LEU C 599 -36.88 35.42 -0.42
CA LEU C 599 -38.26 35.03 -0.65
C LEU C 599 -39.08 36.26 -1.02
N TYR C 600 -40.01 36.11 -1.96
CA TYR C 600 -40.90 37.20 -2.41
C TYR C 600 -42.34 36.71 -2.43
N LYS C 601 -43.23 37.45 -1.78
CA LYS C 601 -44.67 37.16 -1.84
C LYS C 601 -45.23 37.75 -3.12
N LEU C 602 -45.97 36.92 -3.85
CA LEU C 602 -46.68 37.36 -5.07
C LEU C 602 -48.09 37.78 -4.72
N SER C 603 -48.57 38.83 -5.40
CA SER C 603 -49.90 39.36 -5.15
C SER C 603 -50.54 39.92 -6.41
N SER C 604 -51.86 40.06 -6.36
CA SER C 604 -52.67 40.65 -7.43
C SER C 604 -53.60 41.73 -6.88
N PRO C 605 -53.85 42.79 -7.67
CA PRO C 605 -54.97 43.67 -7.34
C PRO C 605 -56.31 42.94 -7.42
N GLU C 606 -57.26 43.36 -6.59
CA GLU C 606 -58.60 42.73 -6.53
C GLU C 606 -59.30 42.71 -7.90
N ASP C 607 -59.08 43.77 -8.68
CA ASP C 607 -59.72 43.95 -10.00
C ASP C 607 -59.14 43.14 -11.17
N ASP C 608 -57.87 42.74 -11.10
CA ASP C 608 -57.18 42.08 -12.21
C ASP C 608 -56.15 41.02 -11.76
N PRO C 609 -56.54 39.73 -11.71
CA PRO C 609 -55.60 38.65 -11.39
C PRO C 609 -54.45 38.44 -12.39
N THR C 610 -54.58 38.90 -13.62
CA THR C 610 -53.48 38.91 -14.60
C THR C 610 -52.30 39.76 -14.14
N CYS C 611 -52.59 40.90 -13.53
CA CYS C 611 -51.57 41.83 -13.08
C CYS C 611 -50.91 41.29 -11.80
N LYS C 612 -49.64 40.91 -11.92
CA LYS C 612 -48.89 40.33 -10.80
C LYS C 612 -47.85 41.29 -10.26
N THR C 613 -47.85 41.43 -8.94
CA THR C 613 -46.86 42.25 -8.23
C THR C 613 -46.16 41.38 -7.19
N LYS C 614 -45.03 41.87 -6.72
CA LYS C 614 -44.25 41.19 -5.68
C LYS C 614 -43.83 42.13 -4.56
N GLU C 615 -43.55 41.53 -3.40
CA GLU C 615 -43.04 42.24 -2.23
C GLU C 615 -42.03 41.34 -1.55
N PHE C 616 -40.84 41.88 -1.27
CA PHE C 616 -39.82 41.18 -0.48
C PHE C 616 -40.43 40.72 0.85
N TRP C 617 -40.30 39.43 1.15
CA TRP C 617 -40.83 38.84 2.38
C TRP C 617 -39.72 38.57 3.40
N ALA C 618 -38.70 37.82 2.98
CA ALA C 618 -37.61 37.44 3.89
C ALA C 618 -36.35 36.99 3.15
N THR C 619 -35.21 37.10 3.84
CA THR C 619 -33.94 36.52 3.39
C THR C 619 -33.82 35.09 3.89
N ILE C 620 -33.35 34.20 2.99
CA ILE C 620 -33.05 32.80 3.32
C ILE C 620 -31.55 32.65 3.52
N LEU C 621 -30.77 33.14 2.56
CA LEU C 621 -29.31 33.19 2.66
C LEU C 621 -28.84 34.60 2.34
N ASP C 622 -28.23 35.26 3.33
CA ASP C 622 -27.60 36.56 3.13
C ASP C 622 -26.28 36.36 2.38
N SER C 623 -25.88 37.35 1.61
CA SER C 623 -24.63 37.29 0.84
C SER C 623 -23.43 37.33 1.78
N ALA C 624 -22.35 36.66 1.37
CA ALA C 624 -21.06 36.74 2.06
C ALA C 624 -20.46 38.15 1.99
N GLY C 625 -20.77 38.86 0.90
CA GLY C 625 -20.26 40.21 0.66
C GLY C 625 -19.03 40.14 -0.23
N PRO C 626 -18.68 41.27 -0.90
CA PRO C 626 -17.44 41.30 -1.69
C PRO C 626 -16.20 40.94 -0.85
N LEU C 627 -15.47 39.90 -1.28
CA LEU C 627 -14.25 39.44 -0.61
C LEU C 627 -13.11 40.42 -0.90
N PRO C 628 -12.20 40.68 0.08
CA PRO C 628 -11.14 41.68 -0.16
C PRO C 628 -10.12 41.30 -1.25
N ASP C 629 -9.89 40.00 -1.44
CA ASP C 629 -8.97 39.50 -2.48
C ASP C 629 -9.49 39.74 -3.89
N TYR C 630 -10.77 39.44 -4.09
CA TYR C 630 -11.38 39.38 -5.42
C TYR C 630 -11.69 40.75 -6.04
N THR C 631 -11.07 41.03 -7.18
CA THR C 631 -11.45 42.14 -8.06
C THR C 631 -12.19 41.53 -9.26
N PRO C 632 -13.50 41.82 -9.40
CA PRO C 632 -14.24 41.20 -10.52
C PRO C 632 -13.84 41.72 -11.90
N PRO C 633 -14.13 40.95 -12.95
CA PRO C 633 -13.87 41.40 -14.31
C PRO C 633 -14.99 42.35 -14.76
N GLU C 634 -14.71 43.17 -15.77
CA GLU C 634 -15.73 44.00 -16.37
C GLU C 634 -16.20 43.33 -17.67
N ILE C 635 -17.51 43.31 -17.88
CA ILE C 635 -18.10 42.74 -19.08
C ILE C 635 -17.93 43.75 -20.22
N PHE C 636 -17.47 43.26 -21.36
CA PHE C 636 -17.39 44.06 -22.58
C PHE C 636 -18.18 43.39 -23.70
N SER C 637 -18.26 44.08 -24.84
CA SER C 637 -18.86 43.53 -26.04
C SER C 637 -18.32 44.23 -27.28
N PHE C 638 -18.41 43.54 -28.42
CA PHE C 638 -17.95 44.06 -29.70
C PHE C 638 -18.85 43.54 -30.82
N GLU C 639 -19.10 44.38 -31.81
CA GLU C 639 -19.85 43.99 -32.99
C GLU C 639 -18.92 43.23 -33.92
N SER C 640 -19.21 41.94 -34.09
CA SER C 640 -18.42 41.06 -34.95
C SER C 640 -18.73 41.30 -36.42
N THR C 641 -17.78 40.96 -37.29
CA THR C 641 -17.98 40.95 -38.74
C THR C 641 -18.96 39.87 -39.19
N THR C 642 -19.23 38.91 -38.32
CA THR C 642 -20.21 37.84 -38.56
C THR C 642 -21.68 38.26 -38.40
N GLY C 643 -21.93 39.50 -37.96
CA GLY C 643 -23.28 40.05 -37.83
C GLY C 643 -23.92 39.84 -36.47
N PHE C 644 -23.10 39.54 -35.47
CA PHE C 644 -23.56 39.29 -34.09
C PHE C 644 -22.78 40.16 -33.12
N THR C 645 -23.45 40.61 -32.06
CA THR C 645 -22.76 41.16 -30.90
C THR C 645 -22.25 39.98 -30.07
N LEU C 646 -20.95 39.97 -29.81
CA LEU C 646 -20.31 38.93 -29.00
C LEU C 646 -19.80 39.52 -27.69
N TYR C 647 -20.16 38.88 -26.58
CA TYR C 647 -19.81 39.36 -25.24
C TYR C 647 -18.54 38.71 -24.71
N GLY C 648 -17.91 39.39 -23.76
CA GLY C 648 -16.67 38.92 -23.15
C GLY C 648 -16.46 39.46 -21.76
N MET C 649 -15.50 38.88 -21.04
CA MET C 649 -15.09 39.33 -19.70
C MET C 649 -13.61 39.66 -19.74
N LEU C 650 -13.23 40.74 -19.06
CA LEU C 650 -11.85 41.20 -19.03
C LEU C 650 -11.41 41.39 -17.58
N TYR C 651 -10.32 40.72 -17.21
CA TYR C 651 -9.65 40.94 -15.94
C TYR C 651 -8.42 41.80 -16.22
N LYS C 652 -8.47 43.05 -15.79
CA LYS C 652 -7.30 43.93 -15.86
C LYS C 652 -6.26 43.44 -14.84
N PRO C 653 -4.96 43.51 -15.18
CA PRO C 653 -3.90 43.24 -14.20
C PRO C 653 -3.95 44.17 -13.00
N HIS C 654 -3.77 43.60 -11.81
CA HIS C 654 -3.84 44.35 -10.55
C HIS C 654 -2.63 45.28 -10.42
N ASP C 655 -2.86 46.48 -9.90
CA ASP C 655 -1.86 47.56 -9.88
C ASP C 655 -1.26 47.78 -11.27
N LEU C 656 -2.10 48.30 -12.16
CA LEU C 656 -1.75 48.47 -13.57
C LEU C 656 -0.76 49.62 -13.75
N GLN C 657 0.44 49.31 -14.21
CA GLN C 657 1.49 50.31 -14.43
C GLN C 657 1.23 51.08 -15.73
N PRO C 658 1.52 52.41 -15.75
CA PRO C 658 1.42 53.16 -16.99
C PRO C 658 2.60 52.88 -17.91
N GLY C 659 2.32 52.67 -19.20
CA GLY C 659 3.35 52.41 -20.21
C GLY C 659 3.68 50.94 -20.50
N LYS C 660 3.38 50.06 -19.54
CA LYS C 660 3.70 48.63 -19.66
C LYS C 660 2.70 47.88 -20.55
N LYS C 661 3.15 46.76 -21.12
CA LYS C 661 2.26 45.79 -21.79
C LYS C 661 2.43 44.41 -21.15
N TYR C 662 1.30 43.75 -20.87
CA TYR C 662 1.23 42.58 -20.00
C TYR C 662 0.90 41.29 -20.77
N PRO C 663 1.38 40.13 -20.27
CA PRO C 663 1.01 38.85 -20.89
C PRO C 663 -0.48 38.54 -20.69
N THR C 664 -1.06 37.79 -21.63
CA THR C 664 -2.52 37.61 -21.71
C THR C 664 -2.91 36.14 -21.77
N VAL C 665 -3.69 35.70 -20.79
CA VAL C 665 -4.23 34.33 -20.76
C VAL C 665 -5.70 34.36 -21.19
N LEU C 666 -5.99 33.74 -22.33
CA LEU C 666 -7.36 33.54 -22.79
C LEU C 666 -7.91 32.25 -22.16
N PHE C 667 -8.85 32.37 -21.24
CA PHE C 667 -9.58 31.20 -20.75
C PHE C 667 -10.77 30.99 -21.66
N ILE C 668 -10.96 29.74 -22.09
CA ILE C 668 -11.94 29.41 -23.13
C ILE C 668 -12.74 28.15 -22.81
N TYR C 669 -14.03 28.19 -23.13
CA TYR C 669 -14.82 26.97 -23.28
C TYR C 669 -15.29 26.86 -24.73
N GLY C 670 -16.18 27.75 -25.15
CA GLY C 670 -16.53 27.95 -26.56
C GLY C 670 -17.40 26.91 -27.27
N GLY C 671 -17.89 25.91 -26.54
CA GLY C 671 -18.74 24.87 -27.10
C GLY C 671 -20.21 25.11 -26.81
N PRO C 672 -21.08 24.19 -27.29
CA PRO C 672 -22.52 24.34 -27.11
C PRO C 672 -23.01 24.05 -25.69
N GLN C 673 -24.24 24.48 -25.41
CA GLN C 673 -24.93 24.28 -24.13
C GLN C 673 -24.31 25.04 -22.94
N VAL C 674 -23.47 26.04 -23.21
CA VAL C 674 -22.76 26.77 -22.16
C VAL C 674 -22.56 28.24 -22.55
N GLN C 675 -22.81 29.13 -21.59
CA GLN C 675 -22.43 30.54 -21.66
C GLN C 675 -21.55 30.85 -20.44
N LEU C 676 -20.31 31.29 -20.68
CA LEU C 676 -19.41 31.73 -19.61
C LEU C 676 -19.63 33.20 -19.22
N VAL C 677 -19.96 34.03 -20.21
CA VAL C 677 -20.06 35.48 -20.03
C VAL C 677 -21.49 35.90 -19.69
N ASN C 678 -21.68 36.31 -18.45
CA ASN C 678 -22.96 36.80 -17.97
C ASN C 678 -22.77 37.55 -16.66
N ASN C 679 -23.83 38.22 -16.21
CA ASN C 679 -23.79 39.04 -14.99
C ASN C 679 -24.10 38.16 -13.78
N ARG C 680 -23.12 37.32 -13.45
CA ARG C 680 -23.16 36.39 -12.30
C ARG C 680 -21.86 36.55 -11.54
N PHE C 681 -21.87 36.13 -10.28
CA PHE C 681 -20.65 36.14 -9.46
C PHE C 681 -19.70 35.03 -9.92
N LYS C 682 -18.49 35.42 -10.32
CA LYS C 682 -17.47 34.51 -10.82
C LYS C 682 -16.31 34.30 -9.82
N GLY C 683 -16.48 34.81 -8.60
CA GLY C 683 -15.45 34.70 -7.56
C GLY C 683 -15.32 33.38 -6.82
N VAL C 684 -16.18 32.41 -7.13
CA VAL C 684 -16.10 31.06 -6.56
C VAL C 684 -15.38 30.12 -7.53
N LYS C 685 -16.05 29.75 -8.63
CA LYS C 685 -15.51 28.78 -9.59
C LYS C 685 -14.32 29.33 -10.37
N TYR C 686 -14.42 30.57 -10.82
CA TYR C 686 -13.36 31.22 -11.60
C TYR C 686 -12.49 32.20 -10.77
N PHE C 687 -12.29 31.87 -9.50
CA PHE C 687 -11.45 32.65 -8.57
C PHE C 687 -10.00 32.77 -9.07
N ARG C 688 -9.47 31.70 -9.65
CA ARG C 688 -8.07 31.68 -10.10
C ARG C 688 -7.80 32.53 -11.35
N LEU C 689 -8.85 32.92 -12.07
CA LEU C 689 -8.72 33.95 -13.10
C LEU C 689 -8.34 35.29 -12.47
N ASN C 690 -8.94 35.61 -11.33
CA ASN C 690 -8.56 36.76 -10.51
C ASN C 690 -7.13 36.62 -9.95
N THR C 691 -6.76 35.42 -9.51
CA THR C 691 -5.39 35.14 -9.06
C THR C 691 -4.34 35.37 -10.16
N LEU C 692 -4.68 35.02 -11.40
CA LEU C 692 -3.81 35.32 -12.54
C LEU C 692 -3.65 36.84 -12.76
N ALA C 693 -4.74 37.58 -12.58
CA ALA C 693 -4.71 39.05 -12.64
C ALA C 693 -3.84 39.68 -11.54
N SER C 694 -3.87 39.10 -10.34
CA SER C 694 -3.04 39.59 -9.23
C SER C 694 -1.53 39.47 -9.49
N LEU C 695 -1.11 38.44 -10.24
CA LEU C 695 0.30 38.24 -10.59
C LEU C 695 0.76 38.99 -11.85
N GLY C 696 -0.20 39.57 -12.58
CA GLY C 696 0.08 40.42 -13.74
C GLY C 696 -0.23 39.83 -15.10
N TYR C 697 -1.19 38.91 -15.18
CA TYR C 697 -1.71 38.42 -16.47
C TYR C 697 -3.02 39.13 -16.76
N VAL C 698 -3.19 39.56 -18.02
CA VAL C 698 -4.51 39.94 -18.50
C VAL C 698 -5.25 38.62 -18.68
N VAL C 699 -6.50 38.54 -18.23
CA VAL C 699 -7.33 37.37 -18.46
C VAL C 699 -8.54 37.77 -19.29
N VAL C 700 -8.79 37.01 -20.35
CA VAL C 700 -9.87 37.26 -21.30
C VAL C 700 -10.73 36.01 -21.42
N VAL C 701 -12.05 36.22 -21.47
CA VAL C 701 -13.03 35.16 -21.74
C VAL C 701 -14.00 35.73 -22.76
N ILE C 702 -14.28 34.96 -23.81
CA ILE C 702 -15.17 35.39 -24.90
C ILE C 702 -16.10 34.23 -25.26
N ASP C 703 -17.39 34.52 -25.35
CA ASP C 703 -18.37 33.56 -25.84
C ASP C 703 -18.51 33.68 -27.36
N ASN C 704 -17.83 32.78 -28.07
CA ASN C 704 -17.91 32.71 -29.52
C ASN C 704 -19.27 32.19 -30.01
N ARG C 705 -19.47 32.24 -31.32
CA ARG C 705 -20.67 31.66 -31.95
C ARG C 705 -20.73 30.17 -31.66
N GLY C 706 -21.92 29.69 -31.29
CA GLY C 706 -22.11 28.30 -30.83
C GLY C 706 -22.47 28.17 -29.36
N SER C 707 -22.05 29.14 -28.54
CA SER C 707 -22.48 29.24 -27.15
C SER C 707 -23.98 29.54 -27.07
N CME C 708 -24.57 29.29 -25.91
CA CME C 708 -26.04 29.30 -25.79
CB CME C 708 -26.44 28.01 -25.08
SG CME C 708 -26.35 28.11 -23.32
SD CME C 708 -28.10 27.22 -22.92
CE CME C 708 -27.54 25.94 -21.87
CZ CME C 708 -28.70 25.42 -21.02
OH CME C 708 -28.45 24.04 -20.77
C CME C 708 -26.57 30.59 -25.18
O CME C 708 -25.82 31.54 -24.95
N HIS C 709 -27.90 30.62 -24.97
CA HIS C 709 -28.65 31.80 -24.51
C HIS C 709 -28.71 32.95 -25.53
N ARG C 710 -28.47 32.63 -26.81
CA ARG C 710 -28.53 33.60 -27.91
C ARG C 710 -29.39 33.13 -29.10
N GLY C 711 -30.16 32.06 -28.90
CA GLY C 711 -31.02 31.51 -29.96
C GLY C 711 -30.36 30.42 -30.78
N LEU C 712 -31.18 29.72 -31.56
CA LEU C 712 -30.76 28.54 -32.30
C LEU C 712 -29.86 28.81 -33.52
N LYS C 713 -30.08 29.93 -34.21
CA LYS C 713 -29.24 30.29 -35.38
C LYS C 713 -27.81 30.59 -34.94
N PHE C 714 -27.69 31.28 -33.80
CA PHE C 714 -26.40 31.58 -33.17
C PHE C 714 -25.70 30.30 -32.73
N GLU C 715 -26.45 29.40 -32.08
CA GLU C 715 -25.91 28.11 -31.63
C GLU C 715 -25.56 27.20 -32.81
N GLY C 716 -26.35 27.28 -33.87
CA GLY C 716 -26.16 26.47 -35.08
C GLY C 716 -25.01 26.86 -36.00
N ALA C 717 -24.33 27.96 -35.69
CA ALA C 717 -23.20 28.45 -36.49
C ALA C 717 -22.13 27.41 -36.83
N PHE C 718 -21.86 26.48 -35.91
CA PHE C 718 -20.87 25.42 -36.15
C PHE C 718 -21.44 24.02 -36.48
N LYS C 719 -22.68 23.95 -36.95
CA LYS C 719 -23.23 22.64 -37.36
C LYS C 719 -22.39 22.06 -38.49
N TYR C 720 -21.96 20.80 -38.32
CA TYR C 720 -21.01 20.11 -39.21
C TYR C 720 -19.56 20.66 -39.23
N LYS C 721 -19.29 21.75 -38.51
CA LYS C 721 -18.05 22.52 -38.65
C LYS C 721 -17.34 22.82 -37.31
N MET C 722 -17.58 21.99 -36.29
CA MET C 722 -16.99 22.23 -34.97
C MET C 722 -15.47 22.30 -35.05
N GLY C 723 -14.91 23.40 -34.55
CA GLY C 723 -13.47 23.64 -34.55
C GLY C 723 -13.00 24.66 -35.57
N GLN C 724 -13.79 24.88 -36.61
CA GLN C 724 -13.40 25.73 -37.72
C GLN C 724 -13.66 27.23 -37.46
N ILE C 725 -14.78 27.55 -36.81
CA ILE C 725 -15.21 28.95 -36.63
C ILE C 725 -14.82 29.63 -35.30
N GLU C 726 -14.67 28.84 -34.24
CA GLU C 726 -14.67 29.40 -32.87
C GLU C 726 -13.50 30.32 -32.57
N ILE C 727 -12.32 29.98 -33.07
CA ILE C 727 -11.09 30.74 -32.78
C ILE C 727 -11.03 32.09 -33.49
N ASP C 728 -11.68 32.21 -34.67
CA ASP C 728 -11.80 33.51 -35.34
C ASP C 728 -12.49 34.55 -34.45
N ASP C 729 -13.56 34.12 -33.77
CA ASP C 729 -14.28 34.97 -32.83
C ASP C 729 -13.42 35.35 -31.62
N GLN C 730 -12.66 34.37 -31.12
CA GLN C 730 -11.77 34.58 -29.99
C GLN C 730 -10.65 35.58 -30.31
N VAL C 731 -10.09 35.46 -31.52
CA VAL C 731 -9.04 36.37 -31.99
C VAL C 731 -9.61 37.77 -32.28
N GLU C 732 -10.77 37.81 -32.93
CA GLU C 732 -11.48 39.07 -33.22
C GLU C 732 -11.74 39.89 -31.96
N GLY C 733 -12.30 39.24 -30.94
CA GLY C 733 -12.53 39.86 -29.64
C GLY C 733 -11.23 40.27 -28.95
N LEU C 734 -10.21 39.43 -29.08
CA LEU C 734 -8.89 39.73 -28.52
C LEU C 734 -8.22 40.91 -29.22
N GLN C 735 -8.41 41.02 -30.53
CA GLN C 735 -7.88 42.14 -31.32
C GLN C 735 -8.67 43.44 -31.09
N TYR C 736 -9.97 43.33 -30.82
CA TYR C 736 -10.77 44.47 -30.34
C TYR C 736 -10.19 45.04 -29.06
N LEU C 737 -9.96 44.17 -28.08
CA LEU C 737 -9.38 44.58 -26.78
C LEU C 737 -7.98 45.17 -26.93
N ALA C 738 -7.16 44.59 -27.80
CA ALA C 738 -5.79 45.05 -28.01
C ALA C 738 -5.70 46.45 -28.64
N SER C 739 -6.62 46.75 -29.55
CA SER C 739 -6.69 48.10 -30.15
C SER C 739 -7.22 49.15 -29.16
N ARG C 740 -8.14 48.75 -28.29
CA ARG C 740 -8.72 49.62 -27.27
C ARG C 740 -7.78 49.82 -26.06
N TYR C 741 -7.11 48.74 -25.64
CA TYR C 741 -6.21 48.76 -24.48
C TYR C 741 -4.79 48.41 -24.89
N ASP C 742 -3.85 49.34 -24.66
CA ASP C 742 -2.44 49.12 -24.99
C ASP C 742 -1.67 48.23 -24.00
N PHE C 743 -2.27 47.95 -22.83
CA PHE C 743 -1.66 47.03 -21.85
C PHE C 743 -1.69 45.54 -22.22
N ILE C 744 -2.46 45.17 -23.25
CA ILE C 744 -2.47 43.80 -23.77
C ILE C 744 -1.28 43.55 -24.71
N ASP C 745 -0.33 42.72 -24.27
CA ASP C 745 0.78 42.28 -25.11
C ASP C 745 0.33 41.08 -25.96
N LEU C 746 0.12 41.33 -27.26
CA LEU C 746 -0.31 40.28 -28.19
C LEU C 746 0.79 39.29 -28.57
N ASP C 747 2.06 39.64 -28.32
CA ASP C 747 3.18 38.70 -28.54
C ASP C 747 3.20 37.57 -27.53
N ARG C 748 2.65 37.80 -26.34
CA ARG C 748 2.66 36.82 -25.25
C ARG C 748 1.23 36.44 -24.82
N VAL C 749 0.52 35.81 -25.74
CA VAL C 749 -0.85 35.33 -25.49
C VAL C 749 -0.87 33.82 -25.26
N GLY C 750 -1.53 33.40 -24.18
CA GLY C 750 -1.75 31.99 -23.86
C GLY C 750 -3.22 31.65 -23.96
N ILE C 751 -3.52 30.36 -24.13
CA ILE C 751 -4.90 29.87 -24.16
C ILE C 751 -5.03 28.61 -23.31
N HIS C 752 -6.16 28.46 -22.63
CA HIS C 752 -6.40 27.34 -21.73
C HIS C 752 -7.89 27.05 -21.56
N GLY C 753 -8.23 25.77 -21.56
CA GLY C 753 -9.60 25.32 -21.34
C GLY C 753 -9.70 23.84 -21.05
N TRP C 754 -10.85 23.43 -20.54
CA TRP C 754 -11.14 22.02 -20.26
C TRP C 754 -12.23 21.48 -21.19
N SER C 755 -12.10 20.20 -21.52
CA SER C 755 -13.06 19.49 -22.37
C SER C 755 -13.18 20.17 -23.77
N TYR C 756 -14.35 20.72 -24.12
CA TYR C 756 -14.47 21.52 -25.35
C TYR C 756 -13.47 22.70 -25.37
N GLY C 757 -13.22 23.29 -24.20
CA GLY C 757 -12.20 24.32 -24.05
C GLY C 757 -10.78 23.85 -24.31
N GLY C 758 -10.50 22.60 -23.92
CA GLY C 758 -9.21 21.97 -24.20
C GLY C 758 -9.08 21.64 -25.67
N TYR C 759 -10.18 21.15 -26.24
CA TYR C 759 -10.33 20.93 -27.67
C TYR C 759 -10.04 22.19 -28.49
N LEU C 760 -10.63 23.31 -28.10
CA LEU C 760 -10.40 24.59 -28.79
C LEU C 760 -9.02 25.18 -28.53
N SER C 761 -8.43 24.89 -27.38
CA SER C 761 -7.06 25.31 -27.09
C SER C 761 -6.05 24.65 -28.03
N LEU C 762 -6.28 23.38 -28.37
CA LEU C 762 -5.47 22.69 -29.37
C LEU C 762 -5.68 23.29 -30.75
N MET C 763 -6.94 23.48 -31.13
CA MET C 763 -7.31 24.16 -32.37
C MET C 763 -6.68 25.54 -32.51
N ALA C 764 -6.65 26.29 -31.42
CA ALA C 764 -6.05 27.63 -31.41
C ALA C 764 -4.56 27.59 -31.72
N LEU C 765 -3.83 26.63 -31.12
CA LEU C 765 -2.39 26.47 -31.37
C LEU C 765 -2.13 25.94 -32.77
N MET C 766 -3.01 25.06 -33.23
CA MET C 766 -2.90 24.45 -34.55
C MET C 766 -3.18 25.47 -35.65
N GLN C 767 -4.33 26.11 -35.57
CA GLN C 767 -4.78 27.05 -36.61
C GLN C 767 -4.03 28.38 -36.58
N ARG C 768 -3.84 28.96 -35.38
CA ARG C 768 -3.31 30.32 -35.22
C ARG C 768 -2.12 30.42 -34.26
N SER C 769 -1.03 29.75 -34.63
CA SER C 769 0.24 29.84 -33.86
C SER C 769 0.86 31.24 -33.87
N ASP C 770 0.48 32.06 -34.85
CA ASP C 770 0.84 33.49 -34.88
C ASP C 770 0.36 34.31 -33.68
N ILE C 771 -0.86 34.05 -33.21
CA ILE C 771 -1.42 34.71 -32.01
C ILE C 771 -0.99 34.00 -30.72
N PHE C 772 -1.26 32.69 -30.67
CA PHE C 772 -1.15 31.92 -29.43
C PHE C 772 0.22 31.29 -29.20
N ARG C 773 0.95 31.83 -28.22
CA ARG C 773 2.27 31.32 -27.84
C ARG C 773 2.20 29.94 -27.19
N VAL C 774 1.36 29.82 -26.17
CA VAL C 774 1.18 28.55 -25.45
C VAL C 774 -0.28 28.16 -25.39
N ALA C 775 -0.53 26.85 -25.42
CA ALA C 775 -1.86 26.29 -25.28
C ALA C 775 -1.83 25.20 -24.20
N ILE C 776 -2.83 25.20 -23.33
CA ILE C 776 -2.97 24.19 -22.29
C ILE C 776 -4.34 23.53 -22.47
N ALA C 777 -4.32 22.32 -23.03
CA ALA C 777 -5.55 21.59 -23.33
C ALA C 777 -5.88 20.59 -22.21
N GLY C 778 -7.01 20.81 -21.56
CA GLY C 778 -7.51 19.94 -20.50
C GLY C 778 -8.55 18.96 -21.02
N ALA C 779 -8.30 17.67 -20.80
CA ALA C 779 -9.18 16.57 -21.25
C ALA C 779 -9.82 16.82 -22.63
N PRO C 780 -8.98 17.08 -23.66
CA PRO C 780 -9.51 17.50 -24.95
C PRO C 780 -10.06 16.36 -25.80
N VAL C 781 -11.07 16.66 -26.61
CA VAL C 781 -11.42 15.83 -27.76
C VAL C 781 -10.36 16.09 -28.83
N THR C 782 -9.61 15.05 -29.18
CA THR C 782 -8.65 15.06 -30.27
C THR C 782 -9.10 14.28 -31.52
N LEU C 783 -10.22 13.59 -31.41
CA LEU C 783 -10.67 12.65 -32.44
C LEU C 783 -12.17 12.43 -32.29
N TRP C 784 -12.96 13.05 -33.17
CA TRP C 784 -14.43 13.02 -33.05
C TRP C 784 -15.05 11.63 -33.21
N ILE C 785 -14.37 10.72 -33.92
CA ILE C 785 -14.83 9.31 -33.96
C ILE C 785 -14.84 8.61 -32.60
N PHE C 786 -14.01 9.06 -31.65
CA PHE C 786 -14.01 8.51 -30.28
C PHE C 786 -15.20 8.93 -29.40
N TYR C 787 -15.81 10.09 -29.68
CA TYR C 787 -16.88 10.59 -28.81
C TYR C 787 -18.23 9.95 -29.17
N ASP C 788 -19.20 10.07 -28.25
CA ASP C 788 -20.45 9.29 -28.32
C ASP C 788 -21.47 9.76 -29.36
N THR C 789 -22.50 8.92 -29.57
CA THR C 789 -23.54 9.16 -30.55
C THR C 789 -24.35 10.43 -30.28
N GLY C 790 -24.97 10.49 -29.10
CA GLY C 790 -25.87 11.58 -28.72
C GLY C 790 -25.33 13.00 -28.88
N TYR C 791 -24.06 13.21 -28.57
CA TYR C 791 -23.44 14.51 -28.70
C TYR C 791 -22.98 14.78 -30.12
N THR C 792 -22.11 13.89 -30.62
CA THR C 792 -21.40 14.11 -31.87
C THR C 792 -22.34 14.17 -33.07
N GLU C 793 -23.28 13.23 -33.16
CA GLU C 793 -24.25 13.19 -34.27
C GLU C 793 -25.22 14.39 -34.30
N ARG C 794 -25.52 14.97 -33.13
CA ARG C 794 -26.35 16.16 -33.02
C ARG C 794 -25.72 17.37 -33.70
N TYR C 795 -24.45 17.61 -33.39
CA TYR C 795 -23.71 18.78 -33.88
C TYR C 795 -22.95 18.53 -35.18
N MET C 796 -22.39 17.32 -35.34
CA MET C 796 -21.55 16.96 -36.49
C MET C 796 -22.13 15.95 -37.49
N GLY C 797 -23.31 15.40 -37.19
CA GLY C 797 -23.89 14.35 -38.02
C GLY C 797 -23.14 13.02 -37.95
N HIS C 798 -23.58 12.08 -38.78
CA HIS C 798 -22.95 10.75 -38.91
C HIS C 798 -21.57 10.94 -39.59
N PRO C 799 -20.53 10.18 -39.17
CA PRO C 799 -19.20 10.34 -39.80
C PRO C 799 -19.11 10.04 -41.31
N ASP C 800 -19.88 9.04 -41.77
CA ASP C 800 -20.02 8.72 -43.21
C ASP C 800 -20.51 9.89 -44.07
N GLN C 801 -21.38 10.74 -43.51
CA GLN C 801 -21.98 11.87 -44.23
C GLN C 801 -21.32 13.23 -43.98
N ASN C 802 -20.26 13.28 -43.19
CA ASN C 802 -19.53 14.52 -42.91
C ASN C 802 -18.06 14.19 -42.65
N GLU C 803 -17.42 13.58 -43.64
CA GLU C 803 -16.00 13.22 -43.56
C GLU C 803 -15.09 14.44 -43.37
N GLN C 804 -15.42 15.53 -44.07
CA GLN C 804 -14.61 16.76 -44.04
C GLN C 804 -14.66 17.44 -42.67
N GLY C 805 -15.85 17.47 -42.07
CA GLY C 805 -16.04 18.01 -40.72
C GLY C 805 -15.26 17.23 -39.67
N TYR C 806 -15.45 15.91 -39.67
CA TYR C 806 -14.74 15.01 -38.74
C TYR C 806 -13.23 15.10 -38.88
N TYR C 807 -12.73 15.23 -40.11
CA TYR C 807 -11.28 15.39 -40.35
C TYR C 807 -10.79 16.74 -39.82
N LEU C 808 -11.38 17.82 -40.32
CA LEU C 808 -10.99 19.17 -39.91
C LEU C 808 -11.21 19.44 -38.41
N GLY C 809 -12.22 18.77 -37.84
CA GLY C 809 -12.51 18.84 -36.41
C GLY C 809 -11.62 18.01 -35.49
N SER C 810 -10.99 16.97 -36.03
CA SER C 810 -10.10 16.10 -35.25
C SER C 810 -8.64 16.58 -35.31
N VAL C 811 -8.09 17.05 -34.19
CA VAL C 811 -6.71 17.55 -34.16
C VAL C 811 -5.67 16.44 -34.34
N ALA C 812 -6.00 15.24 -33.89
CA ALA C 812 -5.09 14.09 -33.97
C ALA C 812 -4.85 13.57 -35.39
N MET C 813 -5.77 13.89 -36.31
CA MET C 813 -5.57 13.64 -37.75
C MET C 813 -4.81 14.76 -38.47
N GLN C 814 -4.41 15.79 -37.74
CA GLN C 814 -3.67 16.94 -38.27
C GLN C 814 -2.46 17.29 -37.39
N ALA C 815 -1.76 16.27 -36.91
CA ALA C 815 -0.63 16.45 -35.97
C ALA C 815 0.52 17.27 -36.57
N GLU C 816 0.72 17.13 -37.88
CA GLU C 816 1.68 17.92 -38.66
C GLU C 816 1.53 19.45 -38.53
N LYS C 817 0.31 19.91 -38.30
CA LYS C 817 0.01 21.35 -38.15
C LYS C 817 0.43 21.96 -36.80
N PHE C 818 0.74 21.14 -35.80
CA PHE C 818 1.20 21.66 -34.49
C PHE C 818 2.61 22.25 -34.61
N PRO C 819 3.02 23.10 -33.63
CA PRO C 819 4.35 23.72 -33.71
C PRO C 819 5.50 22.74 -33.56
N SER C 820 6.62 23.07 -34.21
CA SER C 820 7.88 22.35 -34.00
C SER C 820 8.70 22.93 -32.83
N GLU C 821 8.28 24.08 -32.30
CA GLU C 821 8.87 24.62 -31.07
C GLU C 821 8.33 23.88 -29.84
N PRO C 822 9.19 23.59 -28.86
CA PRO C 822 8.71 23.06 -27.59
C PRO C 822 8.29 24.18 -26.64
N ASN C 823 7.78 23.80 -25.48
CA ASN C 823 7.27 24.75 -24.46
C ASN C 823 6.08 25.59 -24.93
N ARG C 824 5.27 25.01 -25.81
CA ARG C 824 4.05 25.66 -26.32
C ARG C 824 2.78 24.82 -26.13
N LEU C 825 2.91 23.48 -26.12
CA LEU C 825 1.78 22.58 -26.02
C LEU C 825 1.84 21.80 -24.70
N LEU C 826 0.78 21.91 -23.91
CA LEU C 826 0.64 21.15 -22.66
C LEU C 826 -0.70 20.44 -22.65
N LEU C 827 -0.65 19.11 -22.48
CA LEU C 827 -1.85 18.29 -22.37
C LEU C 827 -2.08 17.88 -20.92
N LEU C 828 -3.32 18.07 -20.45
CA LEU C 828 -3.76 17.67 -19.12
C LEU C 828 -4.90 16.67 -19.29
N HIS C 829 -4.90 15.58 -18.54
CA HIS C 829 -5.96 14.58 -18.65
C HIS C 829 -6.09 13.71 -17.39
N GLY C 830 -7.35 13.46 -16.99
CA GLY C 830 -7.65 12.49 -15.95
C GLY C 830 -7.52 11.08 -16.53
N PHE C 831 -6.70 10.25 -15.90
CA PHE C 831 -6.38 8.93 -16.42
C PHE C 831 -7.59 7.98 -16.46
N LEU C 832 -8.56 8.20 -15.57
CA LEU C 832 -9.72 7.33 -15.41
C LEU C 832 -10.98 7.84 -16.12
N ASP C 833 -10.79 8.74 -17.08
CA ASP C 833 -11.90 9.43 -17.74
C ASP C 833 -12.70 8.46 -18.62
N GLU C 834 -13.97 8.28 -18.26
CA GLU C 834 -14.92 7.43 -19.01
C GLU C 834 -15.81 8.23 -19.98
N ASN C 835 -15.61 9.55 -20.03
CA ASN C 835 -16.39 10.45 -20.86
C ASN C 835 -15.54 10.82 -22.09
N VAL C 836 -14.50 11.62 -21.87
CA VAL C 836 -13.47 11.88 -22.87
C VAL C 836 -12.31 10.94 -22.56
N HIS C 837 -12.34 9.75 -23.16
CA HIS C 837 -11.35 8.69 -22.89
C HIS C 837 -9.92 9.23 -23.00
N PHE C 838 -9.03 8.73 -22.15
CA PHE C 838 -7.60 9.11 -22.18
C PHE C 838 -6.96 8.86 -23.55
N ALA C 839 -7.51 7.92 -24.29
CA ALA C 839 -7.11 7.60 -25.67
C ALA C 839 -7.11 8.81 -26.61
N HIS C 840 -7.95 9.81 -26.34
CA HIS C 840 -7.86 11.09 -27.05
C HIS C 840 -6.45 11.67 -26.92
N THR C 841 -5.93 11.68 -25.70
CA THR C 841 -4.56 12.17 -25.47
C THR C 841 -3.51 11.20 -26.02
N SER C 842 -3.65 9.91 -25.71
CA SER C 842 -2.66 8.92 -26.15
C SER C 842 -2.59 8.76 -27.69
N ILE C 843 -3.73 8.83 -28.38
CA ILE C 843 -3.74 8.80 -29.86
C ILE C 843 -3.14 10.07 -30.46
N LEU C 844 -3.42 11.22 -29.85
CA LEU C 844 -2.80 12.49 -30.27
C LEU C 844 -1.29 12.41 -30.13
N LEU C 845 -0.83 11.98 -28.96
CA LEU C 845 0.61 11.78 -28.70
C LEU C 845 1.24 10.80 -29.68
N SER C 846 0.50 9.74 -30.01
CA SER C 846 0.94 8.75 -30.99
C SER C 846 1.27 9.40 -32.34
N PHE C 847 0.38 10.27 -32.82
CA PHE C 847 0.59 11.00 -34.08
C PHE C 847 1.54 12.20 -33.96
N LEU C 848 1.60 12.81 -32.78
CA LEU C 848 2.64 13.82 -32.49
C LEU C 848 4.03 13.20 -32.49
N VAL C 849 4.15 12.00 -31.95
CA VAL C 849 5.42 11.25 -31.99
C VAL C 849 5.80 10.94 -33.44
N ARG C 850 4.86 10.39 -34.21
CA ARG C 850 5.08 10.09 -35.65
C ARG C 850 5.45 11.33 -36.48
N ALA C 851 4.94 12.51 -36.08
CA ALA C 851 5.24 13.78 -36.75
C ALA C 851 6.47 14.52 -36.19
N GLY C 852 7.16 13.95 -35.19
CA GLY C 852 8.35 14.59 -34.59
C GLY C 852 8.09 15.88 -33.83
N LYS C 853 6.88 16.02 -33.29
CA LYS C 853 6.43 17.26 -32.63
C LYS C 853 6.55 17.16 -31.11
N PRO C 854 7.03 18.25 -30.44
CA PRO C 854 7.17 18.22 -29.00
C PRO C 854 5.85 18.46 -28.26
N TYR C 855 5.77 17.94 -27.03
CA TYR C 855 4.62 18.12 -26.16
C TYR C 855 5.04 18.01 -24.70
N ASP C 856 4.26 18.64 -23.83
CA ASP C 856 4.34 18.41 -22.39
C ASP C 856 3.05 17.71 -21.98
N LEU C 857 3.14 16.88 -20.95
CA LEU C 857 2.01 16.07 -20.49
C LEU C 857 1.94 16.01 -18.97
N GLN C 858 0.73 16.16 -18.43
CA GLN C 858 0.46 15.92 -17.03
C GLN C 858 -0.76 15.03 -16.94
N ILE C 859 -0.63 13.94 -16.17
CA ILE C 859 -1.73 13.01 -15.91
C ILE C 859 -2.20 13.19 -14.47
N TYR C 860 -3.50 12.95 -14.25
CA TYR C 860 -4.10 12.92 -12.92
C TYR C 860 -4.68 11.51 -12.72
N PRO C 861 -3.85 10.59 -12.19
CA PRO C 861 -4.20 9.15 -12.09
C PRO C 861 -5.46 8.78 -11.31
N GLN C 862 -5.90 9.62 -10.38
CA GLN C 862 -7.09 9.35 -9.56
C GLN C 862 -8.36 10.03 -10.07
N GLU C 863 -8.29 10.68 -11.24
CA GLU C 863 -9.37 11.55 -11.71
C GLU C 863 -10.04 11.00 -12.98
N ARG C 864 -11.32 11.39 -13.15
CA ARG C 864 -12.12 11.03 -14.33
C ARG C 864 -12.29 12.34 -15.10
N HIS C 865 -13.44 12.58 -15.73
CA HIS C 865 -13.72 13.88 -16.38
C HIS C 865 -14.09 14.98 -15.38
N SER C 866 -13.24 15.13 -14.38
CA SER C 866 -13.49 16.01 -13.23
C SER C 866 -12.31 15.87 -12.29
N ILE C 867 -12.10 16.91 -11.48
CA ILE C 867 -11.11 16.89 -10.41
C ILE C 867 -11.84 16.94 -9.06
N ARG C 868 -11.78 15.83 -8.34
CA ARG C 868 -12.46 15.68 -7.04
C ARG C 868 -11.52 15.51 -5.84
N VAL C 869 -10.31 15.00 -6.05
CA VAL C 869 -9.33 14.88 -4.97
C VAL C 869 -8.64 16.23 -4.83
N PRO C 870 -8.70 16.87 -3.63
CA PRO C 870 -8.07 18.19 -3.44
C PRO C 870 -6.62 18.29 -3.92
N GLU C 871 -5.83 17.24 -3.68
CA GLU C 871 -4.42 17.20 -4.06
C GLU C 871 -4.21 17.33 -5.58
N SER C 872 -5.11 16.72 -6.35
CA SER C 872 -5.08 16.81 -7.82
C SER C 872 -5.31 18.24 -8.29
N GLY C 873 -6.32 18.88 -7.72
CA GLY C 873 -6.62 20.29 -7.98
C GLY C 873 -5.46 21.21 -7.65
N GLU C 874 -4.91 21.04 -6.45
CA GLU C 874 -3.76 21.82 -5.99
C GLU C 874 -2.56 21.69 -6.92
N HIS C 875 -2.28 20.46 -7.36
CA HIS C 875 -1.17 20.17 -8.27
C HIS C 875 -1.41 20.75 -9.67
N TYR C 876 -2.65 20.66 -10.15
CA TYR C 876 -3.04 21.26 -11.43
C TYR C 876 -2.85 22.78 -11.45
N GLU C 877 -3.39 23.45 -10.43
CA GLU C 877 -3.26 24.91 -10.31
C GLU C 877 -1.81 25.34 -10.15
N LEU C 878 -1.05 24.62 -9.32
CA LEU C 878 0.37 24.87 -9.14
C LEU C 878 1.14 24.70 -10.44
N HIS C 879 0.93 23.58 -11.12
CA HIS C 879 1.61 23.32 -12.39
C HIS C 879 1.26 24.32 -13.49
N LEU C 880 -0.01 24.72 -13.56
CA LEU C 880 -0.46 25.69 -14.56
C LEU C 880 0.15 27.08 -14.33
N LEU C 881 0.16 27.54 -13.09
CA LEU C 881 0.82 28.81 -12.73
C LEU C 881 2.30 28.80 -13.07
N HIS C 882 2.96 27.70 -12.72
CA HIS C 882 4.39 27.53 -13.01
C HIS C 882 4.66 27.43 -14.51
N TYR C 883 3.79 26.74 -15.25
CA TYR C 883 3.94 26.60 -16.70
C TYR C 883 3.80 27.95 -17.41
N LEU C 884 2.77 28.71 -17.03
CA LEU C 884 2.55 30.05 -17.58
C LEU C 884 3.69 31.00 -17.22
N GLN C 885 4.18 30.90 -15.99
CA GLN C 885 5.34 31.67 -15.53
C GLN C 885 6.56 31.40 -16.40
N GLU C 886 6.95 30.12 -16.49
CA GLU C 886 8.18 29.73 -17.18
C GLU C 886 8.14 29.81 -18.72
N ASN C 887 6.94 29.81 -19.31
CA ASN C 887 6.80 29.77 -20.79
C ASN C 887 5.95 30.88 -21.43
N LEU C 888 5.42 31.80 -20.63
CA LEU C 888 4.64 32.95 -21.15
C LEU C 888 4.97 34.26 -20.44
N GLY C 889 4.73 34.30 -19.13
CA GLY C 889 4.75 35.55 -18.36
C GLY C 889 6.10 36.15 -17.98
N SER C 890 7.01 35.32 -17.48
CA SER C 890 8.22 35.80 -16.82
C SER C 890 9.32 36.30 -17.77
N ARG C 891 10.38 36.84 -17.18
CA ARG C 891 11.58 37.26 -17.91
C ARG C 891 12.29 36.07 -18.53
N ILE C 892 12.42 34.99 -17.77
CA ILE C 892 13.08 33.75 -18.22
C ILE C 892 12.33 33.16 -19.42
N ALA C 893 11.01 33.29 -19.43
CA ALA C 893 10.17 32.87 -20.56
C ALA C 893 10.52 33.60 -21.88
N ALA C 894 10.81 34.90 -21.76
CA ALA C 894 11.20 35.72 -22.92
C ALA C 894 12.55 35.30 -23.52
N LEU C 895 13.50 34.95 -22.65
CA LEU C 895 14.83 34.51 -23.07
C LEU C 895 14.86 33.11 -23.72
N LYS C 896 13.83 32.30 -23.50
CA LYS C 896 13.78 30.93 -24.05
C LYS C 896 13.68 30.81 -25.57
N VAL C 897 13.21 31.85 -26.26
CA VAL C 897 13.06 31.81 -27.73
C VAL C 897 14.42 31.83 -28.44
N SER D 1 2.17 -9.24 42.67
CA SER D 1 2.16 -8.11 43.63
C SER D 1 0.76 -7.52 43.70
N LEU D 2 0.31 -7.23 44.92
CA LEU D 2 -0.97 -6.57 45.12
C LEU D 2 -0.78 -5.07 44.95
N ARG D 3 -0.43 -4.70 43.73
CA ARG D 3 -0.07 -3.33 43.37
C ARG D 3 -0.77 -2.96 42.07
N PHE D 4 -1.72 -2.04 42.18
CA PHE D 4 -2.52 -1.56 41.06
C PHE D 4 -1.71 -0.52 40.27
N LEU D 5 -2.12 -0.29 39.02
CA LEU D 5 -1.49 0.73 38.17
C LEU D 5 -2.54 1.71 37.63
N TYR D 6 -2.42 2.98 38.02
CA TYR D 6 -3.25 4.05 37.45
C TYR D 6 -2.50 5.36 37.55
N GLU D 7 -2.24 5.97 36.39
CA GLU D 7 -1.46 7.21 36.29
C GLU D 7 -2.25 8.47 35.93
N GLY D 8 -3.48 8.30 35.42
CA GLY D 8 -4.38 9.42 35.12
C GLY D 8 -4.20 9.97 33.73
N SER E 1 12.97 -10.10 -17.33
CA SER E 1 14.09 -9.31 -16.78
C SER E 1 13.78 -7.82 -16.88
N LEU E 2 14.43 -7.02 -16.05
CA LEU E 2 14.32 -5.57 -16.14
C LEU E 2 15.35 -5.07 -17.15
N ARG E 3 15.13 -5.48 -18.40
CA ARG E 3 16.05 -5.21 -19.49
C ARG E 3 15.27 -4.75 -20.72
N PHE E 4 15.41 -3.47 -21.03
CA PHE E 4 14.75 -2.83 -22.17
C PHE E 4 15.41 -3.28 -23.47
N LEU E 5 14.73 -3.05 -24.59
CA LEU E 5 15.27 -3.35 -25.92
C LEU E 5 15.16 -2.15 -26.86
N TYR E 6 16.30 -1.58 -27.22
CA TYR E 6 16.36 -0.51 -28.22
C TYR E 6 17.70 -0.60 -28.95
N GLU E 7 17.65 -1.05 -30.20
CA GLU E 7 18.84 -1.26 -31.02
C GLU E 7 19.28 0.01 -31.78
N GLY E 8 18.39 1.00 -31.87
CA GLY E 8 18.68 2.30 -32.48
C GLY E 8 17.81 2.54 -33.70
N SER F 1 -21.94 15.37 -22.21
CA SER F 1 -21.43 16.53 -22.98
C SER F 1 -19.98 16.83 -22.63
N LEU F 2 -19.32 17.63 -23.46
CA LEU F 2 -17.92 17.96 -23.28
C LEU F 2 -17.77 19.10 -22.28
N ARG F 3 -18.07 18.80 -21.02
CA ARG F 3 -18.09 19.78 -19.94
C ARG F 3 -17.44 19.18 -18.70
N PHE F 4 -16.33 19.80 -18.27
CA PHE F 4 -15.56 19.35 -17.11
C PHE F 4 -16.19 19.84 -15.81
N LEU F 5 -15.92 19.13 -14.71
CA LEU F 5 -16.38 19.52 -13.37
C LEU F 5 -15.19 19.75 -12.44
N TYR F 6 -15.07 20.98 -11.94
CA TYR F 6 -14.05 21.34 -10.95
C TYR F 6 -14.48 22.56 -10.14
N GLU F 7 -14.61 22.38 -8.82
CA GLU F 7 -15.08 23.42 -7.91
C GLU F 7 -13.90 24.16 -7.26
N GLY F 8 -12.98 23.40 -6.66
CA GLY F 8 -11.75 23.93 -6.08
C GLY F 8 -11.59 23.55 -4.62
CAC FLC G . 32.20 -8.93 24.27
CA FLC G . 33.57 -9.14 23.62
CB FLC G . 33.63 -10.40 22.72
CBC FLC G . 33.24 -10.03 21.30
CG FLC G . 35.03 -11.05 22.80
CGC FLC G . 35.09 -12.47 22.25
OA1 FLC G . 31.47 -8.01 23.86
OA2 FLC G . 31.85 -9.70 25.20
OB1 FLC G . 32.23 -9.31 21.10
OB2 FLC G . 33.92 -10.44 20.32
OG1 FLC G . 36.00 -12.73 21.42
OG2 FLC G . 34.28 -13.34 22.63
OHB FLC G . 32.70 -11.36 23.23
CA CA H . 6.51 -7.42 38.03
CA CA I . 13.86 -13.70 -22.15
CA CA J . -25.69 14.93 -17.50
C1 F15 K . 1.40 1.81 44.90
O2 F15 K . 1.26 0.71 45.48
O3 F15 K . 2.41 2.09 44.22
C4 F15 K . 0.31 2.85 45.03
C5 F15 K . -1.08 2.22 45.13
C6 F15 K . -2.30 3.11 43.11
C7 F15 K . -3.55 3.83 42.60
C8 F15 K . -2.16 3.17 44.63
C9 F15 K . -3.48 5.35 42.72
C10 F15 K . -4.87 5.92 42.99
C11 F15 K . -4.89 7.44 43.15
C12 F15 K . -6.07 7.90 44.00
C13 F15 K . -6.73 9.17 43.49
C2 F15 K . -8.02 9.49 44.23
C3 F15 K . -9.10 10.04 43.29
C14 F15 K . -10.12 10.92 44.01
C15 F15 K . -10.92 11.76 43.04
C1 F15 L . 20.49 -3.14 -21.33
O2 F15 L . 21.36 -4.04 -21.48
O3 F15 L . 19.27 -3.35 -21.48
C4 F15 L . 20.94 -1.74 -20.96
C5 F15 L . 20.89 -0.81 -22.16
C6 F15 L . 18.96 -0.06 -23.68
C7 F15 L . 18.77 1.35 -24.22
C8 F15 L . 19.56 -0.07 -22.27
C9 F15 L . 20.05 1.89 -24.83
C10 F15 L . 20.00 3.42 -24.93
C11 F15 L . 21.26 3.96 -25.62
C12 F15 L . 21.60 5.38 -25.16
C13 F15 L . 20.72 6.41 -25.85
C2 F15 L . 21.08 7.83 -25.40
C3 F15 L . 20.41 8.88 -26.28
C14 F15 L . 21.02 10.27 -26.08
C15 F15 L . 20.61 11.23 -27.17
C1 F15 M . -17.66 25.24 -17.93
O2 F15 M . -18.20 26.04 -17.13
O3 F15 M . -18.30 24.33 -18.51
C4 F15 M . -16.18 25.38 -18.21
C5 F15 M . -15.34 25.20 -16.95
C6 F15 M . -14.78 23.69 -15.00
C7 F15 M . -13.30 24.06 -14.94
C8 F15 M . -15.32 23.77 -16.42
C9 F15 M . -13.07 25.41 -14.26
C10 F15 M . -11.59 25.77 -14.23
C11 F15 M . -11.37 27.14 -13.59
C12 F15 M . -10.10 27.82 -14.08
C13 F15 M . -8.91 27.54 -13.18
C2 F15 M . -7.66 28.23 -13.71
C3 F15 M . -6.45 28.00 -12.82
C14 F15 M . -5.37 29.06 -13.03
C15 F15 M . -4.24 28.91 -12.04
#